data_2Q5E
#
_entry.id   2Q5E
#
_cell.length_a   108.643
_cell.length_b   117.637
_cell.length_c   170.134
_cell.angle_alpha   90.000
_cell.angle_beta   90.000
_cell.angle_gamma   90.000
#
_symmetry.space_group_name_H-M   'P 21 21 21'
#
loop_
_entity.id
_entity.type
_entity.pdbx_description
1 polymer 'Carboxy-terminal domain RNA polymerase II polypeptide A small phosphatase 2'
2 non-polymer 'MAGNESIUM ION'
3 water water
#
_entity_poly.entity_id   1
_entity_poly.type   'polypeptide(L)'
_entity_poly.pdbx_seq_one_letter_code
;SLGTCLLPEVTEEDQGRICVVIDLDETLVHSSFKPINNADFIVPIEIEGTTHQVYVLKRPYVDEFLRRMGELFECVLFTA
SLAKYADPVTDLLDRCGVFRARLFRESCVFHQGCYVKDLSRLGRDLRKTLILDNSPASYIFHPENAVPVQSWFDDMADTE
LLNLIPIFEELSGAEDVYTSLGQLRAP
;
_entity_poly.pdbx_strand_id   A,B,C,D,E,F,G,H
#
# COMPACT_ATOMS: atom_id res chain seq x y z
N LEU A 6 -0.42 24.42 28.47
CA LEU A 6 -1.28 23.21 28.73
C LEU A 6 -1.18 22.68 30.14
N LEU A 7 0.04 22.68 30.64
CA LEU A 7 0.34 22.40 32.03
C LEU A 7 0.68 23.70 32.76
N PRO A 8 0.23 23.78 34.00
CA PRO A 8 0.63 24.81 34.96
C PRO A 8 2.14 24.92 34.97
N GLU A 9 2.65 26.08 35.32
CA GLU A 9 4.07 26.20 35.64
C GLU A 9 4.58 25.13 36.65
N VAL A 10 5.74 24.54 36.33
CA VAL A 10 6.37 23.58 37.19
C VAL A 10 6.45 24.14 38.62
N THR A 11 6.28 23.32 39.64
CA THR A 11 6.46 23.81 41.01
C THR A 11 7.91 23.88 41.49
N GLU A 12 8.10 24.44 42.68
CA GLU A 12 9.40 24.46 43.38
C GLU A 12 9.93 23.01 43.50
N GLU A 13 9.12 22.12 44.08
CA GLU A 13 9.56 20.72 44.19
C GLU A 13 9.76 20.01 42.87
N ASP A 14 8.99 20.27 41.83
CA ASP A 14 9.19 19.52 40.58
C ASP A 14 10.35 20.06 39.77
N GLN A 15 10.88 21.19 40.22
CA GLN A 15 11.82 22.01 39.50
C GLN A 15 12.72 21.22 38.50
N GLY A 16 13.52 20.29 38.97
CA GLY A 16 14.44 19.70 37.95
C GLY A 16 14.02 18.35 37.40
N ARG A 17 12.75 18.00 37.56
CA ARG A 17 12.35 16.64 37.37
C ARG A 17 11.88 16.41 35.96
N ILE A 18 12.08 15.22 35.46
CA ILE A 18 11.52 14.84 34.19
C ILE A 18 10.02 14.83 34.37
N CYS A 19 9.31 15.21 33.33
CA CYS A 19 7.86 15.18 33.36
C CYS A 19 7.34 13.86 32.72
N VAL A 20 6.58 13.05 33.46
CA VAL A 20 6.09 11.76 32.92
C VAL A 20 4.60 11.80 32.71
N VAL A 21 4.18 11.66 31.47
CA VAL A 21 2.78 11.69 31.15
C VAL A 21 2.28 10.24 31.21
N ILE A 22 1.19 10.00 31.95
CA ILE A 22 0.71 8.64 32.17
C ILE A 22 -0.78 8.52 31.77
N ASP A 23 -1.06 7.51 30.96
CA ASP A 23 -2.41 7.17 30.54
C ASP A 23 -3.13 6.33 31.62
N LEU A 24 -4.45 6.29 31.53
CA LEU A 24 -5.32 5.59 32.48
C LEU A 24 -5.87 4.23 32.01
N ASP A 25 -6.82 4.22 31.08
CA ASP A 25 -7.47 2.92 30.70
C ASP A 25 -6.48 1.94 30.09
N GLU A 26 -6.50 0.76 30.67
CA GLU A 26 -5.64 -0.35 30.26
C GLU A 26 -4.11 -0.20 30.53
N THR A 27 -3.69 0.95 31.07
CA THR A 27 -2.32 1.19 31.53
C THR A 27 -2.25 1.06 33.04
N LEU A 28 -3.10 1.82 33.76
CA LEU A 28 -3.23 1.75 35.22
C LEU A 28 -4.46 1.01 35.70
N VAL A 29 -5.55 1.08 34.93
CA VAL A 29 -6.81 0.46 35.36
C VAL A 29 -7.52 -0.15 34.17
N HIS A 30 -8.57 -0.89 34.46
CA HIS A 30 -9.41 -1.43 33.40
C HIS A 30 -10.81 -1.36 33.83
N SER A 31 -11.66 -0.70 33.07
CA SER A 31 -13.07 -0.49 33.47
C SER A 31 -14.12 -1.21 32.64
N SER A 32 -15.29 -1.40 33.24
CA SER A 32 -16.39 -2.10 32.63
C SER A 32 -17.78 -1.76 33.17
N PHE A 33 -18.80 -1.94 32.32
CA PHE A 33 -20.21 -1.72 32.70
C PHE A 33 -20.81 -2.99 33.20
N LYS A 34 -20.08 -4.09 33.08
CA LYS A 34 -20.53 -5.35 33.56
C LYS A 34 -20.23 -5.47 35.07
N PRO A 35 -21.23 -5.64 35.91
CA PRO A 35 -20.95 -5.81 37.34
C PRO A 35 -20.04 -6.96 37.59
N ILE A 36 -19.04 -6.75 38.42
CA ILE A 36 -18.21 -7.83 38.93
C ILE A 36 -18.07 -7.74 40.48
N ASN A 37 -17.77 -8.87 41.14
CA ASN A 37 -17.71 -8.82 42.61
C ASN A 37 -16.32 -8.45 43.12
N ASN A 38 -15.41 -8.48 42.17
CA ASN A 38 -13.95 -8.42 42.22
C ASN A 38 -13.37 -6.98 42.25
N ALA A 39 -14.23 -5.98 42.11
CA ALA A 39 -13.87 -4.67 41.67
C ALA A 39 -13.33 -3.89 42.82
N ASP A 40 -12.39 -3.00 42.51
CA ASP A 40 -11.75 -2.17 43.48
C ASP A 40 -12.53 -0.93 43.71
N PHE A 41 -13.16 -0.42 42.64
CA PHE A 41 -14.05 0.73 42.77
C PHE A 41 -15.28 0.60 41.92
N ILE A 42 -16.37 1.18 42.37
CA ILE A 42 -17.59 1.26 41.56
C ILE A 42 -17.87 2.74 41.47
N VAL A 43 -17.98 3.30 40.28
CA VAL A 43 -18.30 4.70 40.21
C VAL A 43 -19.50 4.98 39.34
N PRO A 44 -20.48 5.72 39.89
CA PRO A 44 -21.68 6.06 39.18
C PRO A 44 -21.45 7.19 38.20
N ILE A 45 -21.67 6.90 36.93
CA ILE A 45 -21.60 7.91 35.89
C ILE A 45 -22.96 8.10 35.18
N GLU A 46 -23.47 9.34 35.24
CA GLU A 46 -24.79 9.65 34.67
C GLU A 46 -24.67 9.90 33.14
N ILE A 47 -25.31 9.01 32.37
CA ILE A 47 -25.08 8.88 30.91
C ILE A 47 -26.31 9.32 30.12
N GLU A 48 -26.07 10.22 29.16
CA GLU A 48 -27.16 10.96 28.49
C GLU A 48 -28.23 11.16 29.57
N GLY A 49 -27.82 11.63 30.76
CA GLY A 49 -28.75 11.88 31.84
C GLY A 49 -29.37 10.63 32.44
N THR A 50 -28.66 9.50 32.31
CA THR A 50 -29.05 8.31 33.09
C THR A 50 -27.80 7.71 33.79
N THR A 51 -28.02 6.93 34.85
CA THR A 51 -26.88 6.60 35.70
C THR A 51 -26.33 5.17 35.65
N HIS A 52 -25.08 5.11 35.16
CA HIS A 52 -24.33 3.89 34.92
C HIS A 52 -23.22 3.63 35.93
N GLN A 53 -23.31 2.51 36.64
CA GLN A 53 -22.27 1.99 37.49
C GLN A 53 -21.08 1.58 36.62
N VAL A 54 -19.87 2.04 36.98
CA VAL A 54 -18.65 1.61 36.30
C VAL A 54 -17.78 0.84 37.28
N TYR A 55 -17.39 -0.37 36.90
CA TYR A 55 -16.64 -1.27 37.72
C TYR A 55 -15.18 -1.23 37.33
N VAL A 56 -14.29 -0.88 38.26
CA VAL A 56 -12.90 -0.60 37.93
C VAL A 56 -11.98 -1.59 38.63
N LEU A 57 -11.09 -2.24 37.89
CA LEU A 57 -10.06 -3.04 38.50
C LEU A 57 -8.79 -2.22 38.40
N LYS A 58 -8.10 -2.05 39.53
CA LYS A 58 -6.70 -1.59 39.62
C LYS A 58 -5.60 -2.64 39.15
N ARG A 59 -4.71 -2.28 38.22
CA ARG A 59 -3.57 -3.15 37.83
C ARG A 59 -2.63 -3.53 39.01
N PRO A 60 -2.08 -4.75 39.05
CA PRO A 60 -1.19 -5.03 40.16
C PRO A 60 -0.09 -4.00 40.27
N TYR A 61 0.15 -3.52 41.49
CA TYR A 61 1.26 -2.68 41.90
C TYR A 61 1.10 -1.22 41.60
N VAL A 62 -0.07 -0.81 41.14
CA VAL A 62 -0.24 0.55 40.62
C VAL A 62 -0.03 1.53 41.74
N ASP A 63 -0.44 1.15 42.94
CA ASP A 63 -0.30 2.05 44.12
C ASP A 63 1.13 2.19 44.50
N GLU A 64 1.87 1.10 44.54
CA GLU A 64 3.25 1.34 44.82
C GLU A 64 4.00 1.98 43.64
N PHE A 65 3.59 1.67 42.41
CA PHE A 65 4.23 2.26 41.25
C PHE A 65 4.01 3.79 41.29
N LEU A 66 2.75 4.20 41.56
CA LEU A 66 2.49 5.61 41.51
C LEU A 66 3.23 6.38 42.61
N ARG A 67 3.48 5.72 43.75
CA ARG A 67 4.07 6.41 44.91
C ARG A 67 5.53 6.70 44.62
N ARG A 68 6.27 5.65 44.25
CA ARG A 68 7.58 5.87 43.78
C ARG A 68 7.69 6.93 42.66
N MET A 69 6.83 6.88 41.63
CA MET A 69 6.90 7.88 40.56
C MET A 69 6.77 9.31 41.09
N GLY A 70 5.80 9.54 41.97
CA GLY A 70 5.64 10.80 42.67
C GLY A 70 6.88 11.28 43.47
N GLU A 71 7.73 10.36 43.91
CA GLU A 71 8.99 10.74 44.55
C GLU A 71 10.00 11.17 43.49
N LEU A 72 9.91 10.65 42.27
CA LEU A 72 10.94 10.91 41.27
C LEU A 72 10.65 11.85 40.08
N PHE A 73 9.39 12.08 39.74
CA PHE A 73 9.13 12.75 38.50
C PHE A 73 8.00 13.70 38.75
N GLU A 74 7.77 14.61 37.82
CA GLU A 74 6.55 15.35 37.83
C GLU A 74 5.48 14.55 37.02
N CYS A 75 4.56 13.85 37.70
CA CYS A 75 3.61 12.95 37.04
C CYS A 75 2.37 13.65 36.55
N VAL A 76 2.03 13.42 35.29
CA VAL A 76 0.79 14.04 34.77
C VAL A 76 -0.16 12.92 34.32
N LEU A 77 -1.47 13.06 34.52
CA LEU A 77 -2.41 12.16 33.85
C LEU A 77 -2.90 12.77 32.56
N PHE A 78 -2.78 12.04 31.46
CA PHE A 78 -3.15 12.53 30.16
C PHE A 78 -3.91 11.39 29.52
N THR A 79 -5.20 11.56 29.36
CA THR A 79 -5.99 10.48 28.86
C THR A 79 -6.89 10.98 27.74
N ALA A 80 -7.34 10.12 26.83
CA ALA A 80 -8.25 10.57 25.77
C ALA A 80 -9.65 10.30 26.22
N SER A 81 -9.82 9.83 27.46
CA SER A 81 -11.17 9.57 27.88
C SER A 81 -11.82 10.88 28.36
N LEU A 82 -13.14 10.89 28.56
CA LEU A 82 -13.82 12.14 28.97
C LEU A 82 -13.63 12.38 30.48
N ALA A 83 -13.47 13.64 30.89
CA ALA A 83 -13.33 13.97 32.34
C ALA A 83 -14.38 13.37 33.24
N LYS A 84 -15.64 13.41 32.83
CA LYS A 84 -16.75 12.85 33.69
C LYS A 84 -16.52 11.43 34.06
N TYR A 85 -15.83 10.69 33.21
CA TYR A 85 -15.30 9.41 33.60
C TYR A 85 -13.92 9.54 34.29
N ALA A 86 -12.99 10.29 33.74
CA ALA A 86 -11.58 10.15 34.13
C ALA A 86 -11.30 10.78 35.47
N ASP A 87 -11.86 11.95 35.75
CA ASP A 87 -11.78 12.58 37.10
C ASP A 87 -12.23 11.69 38.33
N PRO A 88 -13.46 11.16 38.38
CA PRO A 88 -13.72 10.28 39.54
C PRO A 88 -12.85 9.02 39.63
N VAL A 89 -12.55 8.41 38.50
CA VAL A 89 -11.71 7.23 38.52
C VAL A 89 -10.25 7.58 39.02
N THR A 90 -9.62 8.61 38.46
CA THR A 90 -8.35 9.08 38.98
C THR A 90 -8.40 9.55 40.46
N ASP A 91 -9.48 10.24 40.88
CA ASP A 91 -9.66 10.61 42.30
C ASP A 91 -9.57 9.43 43.20
N LEU A 92 -10.14 8.31 42.80
CA LEU A 92 -10.11 7.11 43.62
C LEU A 92 -8.82 6.34 43.42
N LEU A 93 -8.36 6.25 42.16
CA LEU A 93 -7.10 5.61 41.86
C LEU A 93 -5.93 6.31 42.61
N ASP A 94 -5.69 7.58 42.38
CA ASP A 94 -4.56 8.34 42.93
C ASP A 94 -4.70 8.65 44.42
N ARG A 95 -4.80 7.63 45.24
CA ARG A 95 -5.03 7.80 46.64
C ARG A 95 -3.90 8.55 47.40
N CYS A 96 -2.73 8.75 46.79
CA CYS A 96 -1.67 9.62 47.37
C CYS A 96 -1.39 10.94 46.71
N GLY A 97 -2.21 11.39 45.76
CA GLY A 97 -1.96 12.75 45.26
C GLY A 97 -0.80 12.97 44.32
N VAL A 98 -0.20 11.89 43.84
CA VAL A 98 0.86 11.88 42.83
C VAL A 98 0.72 12.77 41.55
N PHE A 99 -0.47 12.85 40.93
CA PHE A 99 -0.67 13.66 39.72
C PHE A 99 -0.69 15.17 39.95
N ARG A 100 0.15 15.91 39.23
CA ARG A 100 0.20 17.35 39.38
C ARG A 100 -0.85 18.02 38.53
N ALA A 101 -1.40 17.30 37.57
CA ALA A 101 -2.27 17.87 36.57
C ALA A 101 -3.01 16.70 35.92
N ARG A 102 -4.17 16.98 35.34
CA ARG A 102 -4.95 15.96 34.68
C ARG A 102 -5.46 16.54 33.42
N LEU A 103 -5.09 15.93 32.28
CA LEU A 103 -5.49 16.40 30.97
C LEU A 103 -6.38 15.31 30.40
N PHE A 104 -7.41 15.67 29.66
CA PHE A 104 -8.42 14.74 29.17
C PHE A 104 -8.62 14.86 27.70
N ARG A 105 -9.68 14.21 27.22
CA ARG A 105 -9.95 14.14 25.79
C ARG A 105 -9.58 15.45 25.13
N GLU A 106 -10.11 16.58 25.60
CA GLU A 106 -9.99 17.90 24.88
C GLU A 106 -8.63 18.52 24.75
N SER A 107 -7.66 18.05 25.56
CA SER A 107 -6.27 18.48 25.45
C SER A 107 -5.45 17.63 24.45
N CYS A 108 -6.08 16.55 23.97
CA CYS A 108 -5.50 15.68 22.98
C CYS A 108 -5.70 16.37 21.68
N VAL A 109 -4.91 16.07 20.67
CA VAL A 109 -5.35 16.43 19.31
C VAL A 109 -5.99 15.31 18.55
N PHE A 110 -6.97 15.65 17.73
CA PHE A 110 -7.65 14.67 16.94
C PHE A 110 -6.96 14.43 15.61
N HIS A 111 -6.47 13.23 15.35
CA HIS A 111 -5.75 12.87 14.11
C HIS A 111 -6.57 11.80 13.34
N GLN A 112 -7.39 12.19 12.34
CA GLN A 112 -8.42 11.32 11.74
C GLN A 112 -8.84 10.18 12.63
N GLY A 113 -9.58 10.45 13.68
CA GLY A 113 -10.10 9.34 14.42
C GLY A 113 -9.28 8.84 15.59
N CYS A 114 -7.97 9.11 15.65
CA CYS A 114 -7.21 8.94 16.90
C CYS A 114 -7.14 10.18 17.74
N TYR A 115 -6.93 10.05 19.04
CA TYR A 115 -6.65 11.19 19.89
C TYR A 115 -5.20 11.04 20.25
N VAL A 116 -4.37 12.00 19.87
CA VAL A 116 -2.96 11.92 20.07
C VAL A 116 -2.57 12.82 21.20
N LYS A 117 -1.63 12.38 22.02
CA LYS A 117 -1.13 13.27 23.06
C LYS A 117 0.11 14.00 22.59
N ASP A 118 -0.10 15.21 22.10
CA ASP A 118 0.92 16.00 21.51
C ASP A 118 1.82 16.48 22.60
N LEU A 119 2.91 15.80 22.83
CA LEU A 119 3.77 16.23 23.93
C LEU A 119 4.31 17.68 23.82
N SER A 120 4.22 18.30 22.67
CA SER A 120 4.88 19.59 22.50
C SER A 120 3.95 20.75 22.93
N ARG A 121 2.73 20.41 23.33
CA ARG A 121 1.76 21.39 23.80
C ARG A 121 1.86 21.51 25.30
N LEU A 122 2.80 20.83 25.90
CA LEU A 122 2.76 20.62 27.31
C LEU A 122 3.42 21.76 28.10
N GLY A 123 4.42 22.38 27.52
CA GLY A 123 5.12 23.50 28.19
C GLY A 123 6.31 23.00 28.99
N ARG A 124 6.83 21.82 28.59
CA ARG A 124 7.99 21.19 29.20
C ARG A 124 9.07 20.89 28.14
N ASP A 125 10.32 20.77 28.58
CA ASP A 125 11.40 20.45 27.67
C ASP A 125 11.19 18.99 27.24
N LEU A 126 11.02 18.77 25.94
CA LEU A 126 10.78 17.43 25.46
C LEU A 126 12.00 16.50 25.70
N ARG A 127 13.15 17.10 25.94
CA ARG A 127 14.29 16.29 26.22
C ARG A 127 14.23 15.76 27.65
N LYS A 128 13.27 16.30 28.44
CA LYS A 128 12.99 15.93 29.85
C LYS A 128 11.53 15.51 30.06
N THR A 129 10.95 14.86 29.06
CA THR A 129 9.55 14.34 29.07
C THR A 129 9.49 12.88 28.65
N LEU A 130 8.72 12.09 29.35
CA LEU A 130 8.48 10.73 28.94
C LEU A 130 7.01 10.52 28.78
N ILE A 131 6.61 9.51 28.02
CA ILE A 131 5.18 9.11 28.08
C ILE A 131 4.98 7.60 28.27
N LEU A 132 4.17 7.25 29.27
CA LEU A 132 3.89 5.86 29.56
C LEU A 132 2.47 5.53 29.12
N ASP A 133 2.28 4.60 28.17
CA ASP A 133 0.94 4.44 27.53
C ASP A 133 0.90 3.16 26.83
N ASN A 134 -0.14 2.35 26.98
CA ASN A 134 -0.26 1.13 26.19
C ASN A 134 -0.70 1.35 24.73
N SER A 135 -1.07 2.56 24.30
CA SER A 135 -1.39 2.76 22.85
C SER A 135 -0.38 3.58 22.05
N PRO A 136 0.31 2.94 21.10
CA PRO A 136 1.25 3.74 20.34
C PRO A 136 0.58 4.83 19.60
N ALA A 137 -0.69 4.74 19.29
CA ALA A 137 -1.40 5.86 18.68
C ALA A 137 -1.49 7.11 19.53
N SER A 138 -1.43 7.04 20.85
CA SER A 138 -1.39 8.25 21.67
C SER A 138 -0.13 9.05 21.43
N TYR A 139 0.94 8.39 20.98
CA TYR A 139 2.19 9.09 20.89
C TYR A 139 2.72 9.14 19.50
N ILE A 140 1.81 9.27 18.54
CA ILE A 140 2.21 9.28 17.15
C ILE A 140 3.31 10.27 16.89
N PHE A 141 3.26 11.45 17.53
CA PHE A 141 4.17 12.53 17.26
C PHE A 141 5.50 12.44 18.03
N HIS A 142 5.55 11.64 19.07
CA HIS A 142 6.72 11.52 19.90
C HIS A 142 7.05 10.11 20.27
N PRO A 143 7.27 9.19 19.28
CA PRO A 143 7.48 7.84 19.77
C PRO A 143 8.86 7.73 20.41
N GLU A 144 9.74 8.66 20.11
CA GLU A 144 11.01 8.58 20.79
C GLU A 144 11.05 8.96 22.29
N ASN A 145 9.94 9.49 22.84
CA ASN A 145 9.79 9.78 24.25
C ASN A 145 9.01 8.74 24.98
N ALA A 146 8.58 7.72 24.26
CA ALA A 146 7.70 6.72 24.79
C ALA A 146 8.38 5.66 25.62
N VAL A 147 7.69 5.19 26.66
CA VAL A 147 8.07 3.91 27.28
C VAL A 147 6.92 2.93 27.17
N PRO A 148 6.91 2.08 26.16
CA PRO A 148 5.67 1.35 25.97
C PRO A 148 5.43 0.39 27.13
N VAL A 149 4.17 0.05 27.32
CA VAL A 149 3.72 -0.85 28.37
C VAL A 149 2.54 -1.70 27.79
N GLN A 150 2.48 -2.94 28.18
CA GLN A 150 1.50 -3.88 27.70
C GLN A 150 0.13 -3.46 28.26
N SER A 151 -0.90 -3.56 27.44
CA SER A 151 -2.26 -3.39 27.92
C SER A 151 -2.57 -4.36 29.05
N TRP A 152 -3.31 -3.86 29.99
CA TRP A 152 -3.80 -4.70 31.04
C TRP A 152 -5.35 -4.66 31.18
N PHE A 153 -5.95 -5.76 31.63
CA PHE A 153 -7.41 -5.94 31.68
C PHE A 153 -7.81 -6.62 32.94
N ASP A 154 -7.29 -7.76 33.25
CA ASP A 154 -7.82 -8.41 34.41
C ASP A 154 -6.81 -9.41 34.97
N ASP A 155 -5.70 -9.57 34.32
CA ASP A 155 -4.66 -10.46 34.80
C ASP A 155 -4.01 -10.08 36.14
N MET A 156 -4.46 -10.68 37.24
CA MET A 156 -3.94 -10.43 38.58
C MET A 156 -2.49 -10.85 38.83
N ALA A 157 -1.97 -11.71 37.98
CA ALA A 157 -0.54 -12.03 37.99
C ALA A 157 0.37 -11.07 37.23
N ASP A 158 -0.13 -9.93 36.71
CA ASP A 158 0.70 -8.95 35.98
C ASP A 158 1.73 -8.38 36.94
N THR A 159 2.94 -8.11 36.46
CA THR A 159 3.99 -7.49 37.28
C THR A 159 4.69 -6.43 36.48
N GLU A 160 4.06 -6.00 35.39
CA GLU A 160 4.60 -4.94 34.54
C GLU A 160 4.95 -3.63 35.24
N LEU A 161 4.11 -3.17 36.16
CA LEU A 161 4.46 -1.95 36.87
C LEU A 161 5.62 -2.14 37.88
N LEU A 162 5.65 -3.27 38.58
CA LEU A 162 6.82 -3.75 39.30
C LEU A 162 8.06 -3.85 38.39
N ASN A 163 7.98 -4.50 37.24
CA ASN A 163 9.16 -4.53 36.41
C ASN A 163 9.65 -3.12 36.05
N LEU A 164 8.77 -2.12 35.94
CA LEU A 164 9.18 -0.86 35.32
C LEU A 164 9.79 0.10 36.31
N ILE A 165 9.62 -0.21 37.58
CA ILE A 165 10.10 0.70 38.59
C ILE A 165 11.61 0.92 38.47
N PRO A 166 12.45 -0.13 38.40
CA PRO A 166 13.90 0.09 38.21
C PRO A 166 14.22 0.88 36.96
N ILE A 167 13.51 0.59 35.88
CA ILE A 167 13.61 1.31 34.60
C ILE A 167 13.44 2.84 34.79
N PHE A 168 12.37 3.26 35.45
CA PHE A 168 12.23 4.65 35.72
C PHE A 168 13.21 5.13 36.75
N GLU A 169 13.57 4.28 37.70
CA GLU A 169 14.62 4.63 38.68
C GLU A 169 15.93 4.98 37.94
N GLU A 170 16.31 4.12 36.97
CA GLU A 170 17.44 4.40 36.09
C GLU A 170 17.18 5.69 35.37
N LEU A 171 15.97 6.00 34.92
CA LEU A 171 15.85 7.13 34.01
C LEU A 171 15.84 8.46 34.75
N SER A 172 15.38 8.44 36.00
CA SER A 172 14.93 9.67 36.71
C SER A 172 15.92 10.81 36.81
N GLY A 173 17.22 10.50 36.72
CA GLY A 173 18.26 11.53 36.79
C GLY A 173 18.83 11.99 35.46
N ALA A 174 18.30 11.51 34.36
CA ALA A 174 18.79 11.84 33.05
C ALA A 174 18.66 13.31 32.72
N GLU A 175 19.67 13.84 32.03
CA GLU A 175 19.54 15.18 31.44
C GLU A 175 18.97 15.20 30.02
N ASP A 176 18.97 14.07 29.34
CA ASP A 176 18.34 13.99 28.04
C ASP A 176 17.81 12.58 27.94
N VAL A 177 16.48 12.47 27.85
CA VAL A 177 15.84 11.14 27.77
C VAL A 177 16.15 10.40 26.52
N TYR A 178 16.49 11.11 25.45
CA TYR A 178 16.78 10.40 24.22
C TYR A 178 18.06 9.58 24.32
N THR A 179 19.06 10.12 25.03
CA THR A 179 20.29 9.39 25.31
C THR A 179 20.02 8.20 26.27
N SER A 180 19.50 8.51 27.46
CA SER A 180 19.10 7.50 28.43
C SER A 180 18.26 6.36 27.90
N LEU A 181 17.13 6.61 27.24
CA LEU A 181 16.40 5.47 26.68
C LEU A 181 17.28 4.69 25.72
N GLY A 182 18.23 5.35 25.07
CA GLY A 182 19.12 4.68 24.13
C GLY A 182 20.02 3.72 24.89
N GLN A 183 20.61 4.19 26.00
CA GLN A 183 21.46 3.29 26.79
C GLN A 183 20.66 2.24 27.55
N LEU A 184 19.42 2.53 27.91
CA LEU A 184 18.62 1.47 28.48
C LEU A 184 18.42 0.39 27.45
N ARG A 185 18.15 0.77 26.22
CA ARG A 185 17.86 -0.27 25.27
C ARG A 185 19.16 -0.94 24.82
N ALA A 186 20.28 -0.40 25.27
CA ALA A 186 21.62 -0.92 24.88
C ALA A 186 22.04 -2.08 25.80
N LEU B 6 0.45 -15.30 -34.43
CA LEU B 6 1.28 -16.16 -33.46
C LEU B 6 1.08 -17.70 -33.55
N LEU B 7 -0.18 -18.14 -33.64
CA LEU B 7 -0.47 -19.51 -34.08
C LEU B 7 -0.74 -19.54 -35.59
N PRO B 8 -0.42 -20.67 -36.28
CA PRO B 8 -0.77 -20.90 -37.69
C PRO B 8 -2.27 -20.77 -37.92
N GLU B 9 -2.74 -21.05 -39.14
CA GLU B 9 -4.19 -21.01 -39.43
C GLU B 9 -4.78 -22.20 -38.73
N VAL B 10 -5.97 -22.04 -38.19
CA VAL B 10 -6.67 -23.21 -37.69
C VAL B 10 -6.72 -24.27 -38.80
N THR B 11 -6.37 -25.50 -38.46
CA THR B 11 -6.46 -26.59 -39.45
C THR B 11 -7.91 -26.96 -39.68
N GLU B 12 -8.13 -27.82 -40.68
CA GLU B 12 -9.49 -28.22 -41.02
C GLU B 12 -10.12 -29.02 -39.90
N GLU B 13 -9.38 -29.97 -39.30
CA GLU B 13 -9.93 -30.70 -38.15
C GLU B 13 -10.44 -29.84 -37.03
N ASP B 14 -9.67 -28.78 -36.70
CA ASP B 14 -9.95 -27.96 -35.52
C ASP B 14 -10.98 -26.84 -35.75
N GLN B 15 -11.44 -26.68 -37.00
CA GLN B 15 -12.19 -25.49 -37.38
C GLN B 15 -13.18 -24.98 -36.36
N GLY B 16 -14.10 -25.78 -35.87
CA GLY B 16 -15.03 -25.11 -34.92
C GLY B 16 -14.67 -25.13 -33.43
N ARG B 17 -13.43 -25.48 -33.12
CA ARG B 17 -13.09 -25.94 -31.77
C ARG B 17 -12.62 -24.74 -30.92
N ILE B 18 -12.92 -24.77 -29.62
CA ILE B 18 -12.29 -23.83 -28.68
C ILE B 18 -10.76 -23.99 -28.66
N CYS B 19 -10.02 -22.90 -28.57
CA CYS B 19 -8.54 -23.03 -28.48
C CYS B 19 -8.13 -23.09 -27.02
N VAL B 20 -7.37 -24.13 -26.63
CA VAL B 20 -6.96 -24.25 -25.22
C VAL B 20 -5.46 -24.17 -25.03
N VAL B 21 -5.00 -23.13 -24.37
CA VAL B 21 -3.56 -22.96 -24.15
C VAL B 21 -3.13 -23.67 -22.86
N ILE B 22 -2.16 -24.57 -22.94
CA ILE B 22 -1.86 -25.38 -21.77
C ILE B 22 -0.45 -25.17 -21.30
N ASP B 23 -0.21 -24.94 -20.03
CA ASP B 23 1.18 -24.77 -19.58
C ASP B 23 1.84 -26.13 -19.28
N LEU B 24 3.16 -26.18 -19.13
CA LEU B 24 3.90 -27.39 -18.76
C LEU B 24 4.29 -27.58 -17.28
N ASP B 25 5.31 -26.90 -16.79
CA ASP B 25 5.79 -27.16 -15.46
C ASP B 25 4.73 -26.92 -14.45
N GLU B 26 4.54 -27.94 -13.64
CA GLU B 26 3.61 -27.92 -12.55
C GLU B 26 2.10 -27.95 -12.95
N THR B 27 1.82 -27.99 -14.25
CA THR B 27 0.45 -28.21 -14.72
C THR B 27 0.37 -29.67 -15.22
N LEU B 28 1.28 -30.07 -16.12
CA LEU B 28 1.30 -31.40 -16.73
C LEU B 28 2.44 -32.26 -16.19
N VAL B 29 3.57 -31.65 -15.79
CA VAL B 29 4.70 -32.43 -15.35
C VAL B 29 5.43 -31.66 -14.28
N HIS B 30 6.40 -32.27 -13.65
CA HIS B 30 7.25 -31.54 -12.76
C HIS B 30 8.69 -32.06 -12.87
N SER B 31 9.64 -31.20 -13.26
CA SER B 31 11.01 -31.59 -13.54
C SER B 31 11.96 -31.29 -12.42
N SER B 32 13.13 -31.93 -12.34
CA SER B 32 14.05 -31.73 -11.22
C SER B 32 15.48 -32.06 -11.65
N PHE B 33 16.47 -31.46 -11.00
CA PHE B 33 17.87 -31.88 -11.28
C PHE B 33 18.37 -32.98 -10.33
N LYS B 34 17.72 -33.20 -9.19
CA LYS B 34 18.01 -34.36 -8.36
C LYS B 34 17.59 -35.67 -9.09
N PRO B 35 18.51 -36.61 -9.29
CA PRO B 35 18.06 -37.89 -9.82
C PRO B 35 17.14 -38.58 -8.86
N ILE B 36 15.97 -39.01 -9.33
CA ILE B 36 15.01 -39.75 -8.47
C ILE B 36 14.99 -41.21 -8.88
N ALA B 39 10.94 -41.72 -12.11
CA ALA B 39 11.06 -40.62 -13.10
C ALA B 39 10.49 -41.23 -14.31
N ASP B 40 9.59 -40.51 -14.98
CA ASP B 40 8.90 -41.00 -16.15
C ASP B 40 9.74 -40.69 -17.39
N PHE B 41 10.55 -39.62 -17.34
CA PHE B 41 11.41 -39.25 -18.44
C PHE B 41 12.71 -38.72 -17.92
N ILE B 42 13.80 -39.08 -18.57
CA ILE B 42 15.08 -38.48 -18.28
C ILE B 42 15.52 -37.69 -19.50
N VAL B 43 15.75 -36.38 -19.36
CA VAL B 43 16.15 -35.57 -20.54
C VAL B 43 17.47 -34.79 -20.31
N PRO B 44 18.41 -34.90 -21.25
CA PRO B 44 19.64 -34.14 -21.17
C PRO B 44 19.53 -32.80 -21.90
N ILE B 45 19.89 -31.75 -21.18
CA ILE B 45 19.75 -30.39 -21.62
C ILE B 45 21.16 -29.81 -21.52
N GLU B 46 21.59 -28.99 -22.46
CA GLU B 46 22.89 -28.27 -22.26
C GLU B 46 22.70 -26.94 -21.54
N ILE B 47 23.33 -26.91 -20.38
CA ILE B 47 23.43 -25.73 -19.54
C ILE B 47 24.88 -25.31 -19.64
N GLU B 48 25.09 -24.15 -20.28
CA GLU B 48 26.43 -23.56 -20.40
C GLU B 48 27.45 -24.66 -20.77
N GLY B 49 27.10 -25.37 -21.84
CA GLY B 49 28.04 -26.25 -22.52
C GLY B 49 28.25 -27.59 -21.88
N THR B 50 27.71 -27.77 -20.69
CA THR B 50 27.69 -29.12 -20.12
C THR B 50 26.24 -29.65 -20.26
N THR B 51 26.10 -30.98 -20.41
CA THR B 51 24.75 -31.54 -20.43
C THR B 51 24.37 -31.94 -19.01
N HIS B 52 23.17 -31.51 -18.61
CA HIS B 52 22.56 -31.88 -17.34
C HIS B 52 21.35 -32.77 -17.56
N GLN B 53 21.09 -33.65 -16.62
CA GLN B 53 19.98 -34.53 -16.74
C GLN B 53 18.79 -33.99 -15.95
N VAL B 54 17.69 -33.76 -16.66
CA VAL B 54 16.44 -33.40 -16.05
C VAL B 54 15.60 -34.65 -15.82
N TYR B 55 15.17 -34.84 -14.58
CA TYR B 55 14.27 -35.91 -14.19
C TYR B 55 12.84 -35.46 -14.08
N VAL B 56 12.01 -36.02 -14.92
CA VAL B 56 10.66 -35.51 -15.11
C VAL B 56 9.66 -36.48 -14.60
N LEU B 57 8.76 -36.03 -13.76
CA LEU B 57 7.57 -36.81 -13.39
C LEU B 57 6.32 -36.34 -14.16
N LYS B 58 5.48 -37.26 -14.67
CA LYS B 58 4.13 -36.94 -15.27
C LYS B 58 3.05 -36.74 -14.24
N ARG B 59 2.24 -35.70 -14.31
CA ARG B 59 1.08 -35.57 -13.42
C ARG B 59 0.13 -36.76 -13.69
N PRO B 60 -0.45 -37.35 -12.64
CA PRO B 60 -1.43 -38.40 -12.80
C PRO B 60 -2.52 -38.06 -13.82
N TYR B 61 -2.76 -38.98 -14.77
CA TYR B 61 -3.85 -38.99 -15.72
C TYR B 61 -3.62 -38.11 -16.89
N VAL B 62 -2.37 -37.73 -17.11
CA VAL B 62 -2.07 -36.74 -18.17
C VAL B 62 -2.24 -37.26 -19.56
N ASP B 63 -1.84 -38.49 -19.80
CA ASP B 63 -2.10 -39.12 -21.11
C ASP B 63 -3.60 -39.21 -21.45
N GLU B 64 -4.45 -39.56 -20.51
CA GLU B 64 -5.84 -39.60 -20.89
C GLU B 64 -6.40 -38.25 -20.94
N PHE B 65 -5.85 -37.35 -20.12
CA PHE B 65 -6.31 -35.94 -20.16
C PHE B 65 -6.08 -35.37 -21.53
N LEU B 66 -4.87 -35.48 -22.04
CA LEU B 66 -4.50 -34.93 -23.34
C LEU B 66 -5.22 -35.57 -24.51
N ARG B 67 -5.46 -36.86 -24.42
CA ARG B 67 -6.13 -37.57 -25.47
C ARG B 67 -7.53 -37.06 -25.51
N ARG B 68 -8.19 -36.94 -24.37
CA ARG B 68 -9.54 -36.42 -24.40
C ARG B 68 -9.57 -35.01 -24.93
N MET B 69 -8.59 -34.16 -24.53
CA MET B 69 -8.60 -32.73 -24.99
C MET B 69 -8.41 -32.58 -26.47
N GLY B 70 -7.42 -33.30 -27.00
CA GLY B 70 -7.21 -33.42 -28.45
C GLY B 70 -8.49 -33.73 -29.26
N GLU B 71 -9.39 -34.57 -28.71
CA GLU B 71 -10.68 -34.96 -29.32
C GLU B 71 -11.62 -33.75 -29.42
N LEU B 72 -11.64 -32.98 -28.34
CA LEU B 72 -12.57 -31.86 -28.12
C LEU B 72 -12.03 -30.44 -28.44
N PHE B 73 -10.70 -30.23 -28.52
CA PHE B 73 -10.18 -28.87 -28.64
C PHE B 73 -9.03 -28.70 -29.59
N GLU B 74 -8.69 -27.45 -29.84
CA GLU B 74 -7.43 -27.20 -30.47
C GLU B 74 -6.42 -26.86 -29.36
N CYS B 75 -5.48 -27.76 -29.08
CA CYS B 75 -4.61 -27.64 -27.93
C CYS B 75 -3.25 -27.08 -28.29
N VAL B 76 -2.80 -26.12 -27.50
CA VAL B 76 -1.55 -25.51 -27.79
C VAL B 76 -0.77 -25.51 -26.54
N LEU B 77 0.47 -25.92 -26.59
CA LEU B 77 1.33 -25.78 -25.46
C LEU B 77 1.89 -24.34 -25.45
N PHE B 78 1.58 -23.57 -24.40
CA PHE B 78 2.19 -22.23 -24.26
C PHE B 78 2.95 -22.15 -22.93
N THR B 79 4.27 -22.03 -22.99
CA THR B 79 5.06 -22.14 -21.77
C THR B 79 6.12 -20.97 -21.57
N ALA B 80 6.47 -20.61 -20.34
CA ALA B 80 7.53 -19.61 -20.14
C ALA B 80 8.93 -20.20 -20.06
N SER B 81 9.03 -21.52 -20.06
CA SER B 81 10.32 -22.21 -20.13
C SER B 81 10.92 -22.19 -21.54
N LEU B 82 12.21 -22.47 -21.67
CA LEU B 82 12.90 -22.37 -22.95
C LEU B 82 12.75 -23.65 -23.75
N ALA B 83 12.61 -23.52 -25.06
CA ALA B 83 12.55 -24.66 -25.97
C ALA B 83 13.57 -25.75 -25.70
N LYS B 84 14.79 -25.40 -25.35
CA LYS B 84 15.81 -26.42 -25.14
C LYS B 84 15.38 -27.39 -24.04
N TYR B 85 14.55 -26.91 -23.13
CA TYR B 85 13.89 -27.73 -22.14
C TYR B 85 12.51 -28.23 -22.59
N ALA B 86 11.65 -27.38 -23.14
CA ALA B 86 10.27 -27.77 -23.33
C ALA B 86 10.09 -28.64 -24.56
N ASP B 87 10.84 -28.41 -25.65
CA ASP B 87 10.82 -29.35 -26.79
C ASP B 87 11.10 -30.82 -26.47
N PRO B 88 12.31 -31.16 -26.05
CA PRO B 88 12.50 -32.58 -25.79
C PRO B 88 11.51 -33.16 -24.77
N VAL B 89 11.23 -32.45 -23.68
CA VAL B 89 10.25 -32.89 -22.73
C VAL B 89 8.84 -33.09 -23.32
N THR B 90 8.39 -32.21 -24.18
CA THR B 90 7.05 -32.39 -24.79
C THR B 90 7.00 -33.45 -25.88
N ASP B 91 8.13 -33.69 -26.58
CA ASP B 91 8.25 -34.76 -27.56
C ASP B 91 7.99 -36.08 -26.83
N LEU B 92 8.41 -36.14 -25.58
CA LEU B 92 8.30 -37.33 -24.82
C LEU B 92 6.91 -37.40 -24.20
N LEU B 93 6.39 -36.29 -23.72
CA LEU B 93 5.08 -36.32 -23.07
C LEU B 93 3.90 -36.37 -24.09
N ASP B 94 3.99 -35.70 -25.23
CA ASP B 94 2.88 -35.70 -26.16
C ASP B 94 2.88 -36.85 -27.20
N ARG B 95 2.84 -38.09 -26.73
CA ARG B 95 3.09 -39.26 -27.62
C ARG B 95 2.31 -39.19 -28.95
N CYS B 96 1.06 -38.70 -28.94
CA CYS B 96 0.29 -38.62 -30.18
C CYS B 96 0.12 -37.25 -30.86
N GLY B 97 0.88 -36.21 -30.51
CA GLY B 97 0.74 -34.92 -31.21
C GLY B 97 -0.58 -34.20 -30.96
N VAL B 98 -1.14 -34.32 -29.79
CA VAL B 98 -2.24 -33.46 -29.43
C VAL B 98 -1.94 -31.93 -29.50
N PHE B 99 -0.70 -31.47 -29.34
CA PHE B 99 -0.43 -30.08 -29.56
C PHE B 99 -0.34 -29.66 -31.04
N ARG B 100 -1.23 -28.78 -31.46
CA ARG B 100 -1.20 -28.26 -32.80
C ARG B 100 -0.12 -27.23 -32.99
N ALA B 101 0.75 -27.02 -31.99
CA ALA B 101 1.64 -25.84 -31.92
C ALA B 101 2.18 -25.71 -30.51
N ARG B 102 3.42 -25.27 -30.42
CA ARG B 102 4.11 -25.17 -29.18
C ARG B 102 4.68 -23.77 -29.06
N LEU B 103 4.30 -23.01 -28.03
CA LEU B 103 4.84 -21.63 -27.86
C LEU B 103 5.76 -21.54 -26.66
N PHE B 104 6.83 -20.77 -26.77
CA PHE B 104 7.84 -20.77 -25.71
C PHE B 104 8.06 -19.48 -25.01
N ARG B 105 8.98 -19.48 -24.05
CA ARG B 105 9.37 -18.25 -23.34
C ARG B 105 9.35 -16.99 -24.21
N GLU B 106 9.98 -17.06 -25.38
CA GLU B 106 10.03 -15.97 -26.38
C GLU B 106 8.67 -15.44 -26.81
N SER B 107 7.64 -16.28 -26.79
CA SER B 107 6.29 -15.83 -27.18
C SER B 107 5.48 -15.17 -26.01
N CYS B 108 6.08 -15.09 -24.82
CA CYS B 108 5.39 -14.51 -23.68
C CYS B 108 5.74 -13.02 -23.62
N VAL B 109 4.90 -12.22 -22.98
CA VAL B 109 5.37 -10.92 -22.63
C VAL B 109 6.08 -10.88 -21.26
N PHE B 110 7.23 -10.21 -21.24
CA PHE B 110 7.89 -9.92 -19.99
C PHE B 110 7.15 -8.78 -19.30
N HIS B 111 6.67 -9.01 -18.07
CA HIS B 111 5.90 -8.05 -17.28
C HIS B 111 6.59 -7.97 -15.85
N GLN B 112 7.62 -7.10 -15.70
CA GLN B 112 8.57 -7.06 -14.53
C GLN B 112 8.84 -8.37 -13.84
N GLY B 113 9.56 -9.27 -14.47
CA GLY B 113 9.79 -10.57 -13.88
C GLY B 113 8.72 -11.61 -14.10
N CYS B 114 7.54 -11.26 -14.58
CA CYS B 114 6.56 -12.31 -14.95
C CYS B 114 6.57 -12.60 -16.42
N TYR B 115 6.34 -13.84 -16.83
CA TYR B 115 6.15 -14.11 -18.24
C TYR B 115 4.69 -14.32 -18.45
N VAL B 116 4.04 -13.39 -19.12
CA VAL B 116 2.60 -13.49 -19.30
C VAL B 116 2.25 -14.07 -20.65
N LYS B 117 1.22 -14.90 -20.67
CA LYS B 117 0.72 -15.51 -21.88
C LYS B 117 -0.44 -14.66 -22.42
N ASP B 118 -0.12 -13.82 -23.42
CA ASP B 118 -1.06 -12.83 -23.89
C ASP B 118 -1.99 -13.47 -24.90
N LEU B 119 -3.19 -13.86 -24.51
CA LEU B 119 -4.06 -14.60 -25.39
C LEU B 119 -4.36 -13.80 -26.63
N SER B 120 -4.33 -12.47 -26.54
CA SER B 120 -4.66 -11.64 -27.69
C SER B 120 -3.66 -11.77 -28.86
N ARG B 121 -2.46 -12.26 -28.62
CA ARG B 121 -1.50 -12.36 -29.70
C ARG B 121 -1.62 -13.69 -30.45
N LEU B 122 -2.74 -14.36 -30.24
CA LEU B 122 -2.91 -15.71 -30.74
C LEU B 122 -3.46 -15.78 -32.16
N GLY B 123 -4.49 -15.02 -32.48
CA GLY B 123 -5.14 -15.18 -33.77
C GLY B 123 -6.36 -16.09 -33.69
N ARG B 124 -7.04 -16.04 -32.54
CA ARG B 124 -8.31 -16.73 -32.29
C ARG B 124 -9.21 -15.78 -31.54
N ASP B 125 -10.52 -15.88 -31.75
CA ASP B 125 -11.51 -15.22 -30.93
C ASP B 125 -11.27 -15.59 -29.47
N LEU B 126 -11.35 -14.61 -28.58
CA LEU B 126 -11.04 -14.83 -27.18
C LEU B 126 -12.25 -15.29 -26.54
N ARG B 127 -13.34 -15.15 -27.27
CA ARG B 127 -14.59 -15.76 -26.85
C ARG B 127 -14.50 -17.26 -27.08
N LYS B 128 -13.44 -17.70 -27.78
CA LYS B 128 -13.18 -19.10 -28.05
C LYS B 128 -11.81 -19.61 -27.59
N THR B 129 -11.26 -19.05 -26.52
CA THR B 129 -9.95 -19.44 -26.06
C THR B 129 -10.01 -19.62 -24.57
N LEU B 130 -9.26 -20.60 -24.09
CA LEU B 130 -9.03 -20.83 -22.67
C LEU B 130 -7.53 -21.01 -22.39
N ILE B 131 -7.18 -20.88 -21.12
CA ILE B 131 -5.82 -21.12 -20.69
C ILE B 131 -5.91 -21.99 -19.46
N LEU B 132 -5.25 -23.15 -19.49
CA LEU B 132 -5.11 -23.97 -18.30
C LEU B 132 -3.69 -23.82 -17.76
N ASP B 133 -3.51 -23.34 -16.54
CA ASP B 133 -2.17 -22.98 -16.03
C ASP B 133 -2.19 -22.94 -14.49
N ASN B 134 -1.12 -23.38 -13.82
CA ASN B 134 -1.09 -23.28 -12.33
C ASN B 134 -0.71 -21.88 -11.83
N SER B 135 -0.12 -21.02 -12.64
CA SER B 135 0.27 -19.71 -12.13
C SER B 135 -0.61 -18.61 -12.65
N PRO B 136 -1.31 -17.91 -11.75
CA PRO B 136 -2.11 -16.75 -12.11
C PRO B 136 -1.29 -15.66 -12.83
N ALA B 137 -0.05 -15.41 -12.43
CA ALA B 137 0.80 -14.53 -13.22
C ALA B 137 0.80 -14.79 -14.71
N SER B 138 0.68 -16.06 -15.14
CA SER B 138 0.70 -16.37 -16.56
C SER B 138 -0.47 -15.77 -17.36
N TYR B 139 -1.59 -15.45 -16.71
CA TYR B 139 -2.73 -15.00 -17.45
C TYR B 139 -3.26 -13.65 -16.99
N ILE B 140 -2.28 -12.76 -16.66
CA ILE B 140 -2.52 -11.44 -16.06
C ILE B 140 -3.40 -10.64 -16.96
N PHE B 141 -3.28 -10.81 -18.27
CA PHE B 141 -4.08 -9.96 -19.14
C PHE B 141 -5.41 -10.57 -19.37
N HIS B 142 -5.58 -11.86 -19.09
CA HIS B 142 -6.88 -12.49 -19.36
C HIS B 142 -7.43 -13.42 -18.29
N PRO B 143 -7.58 -12.93 -17.03
CA PRO B 143 -7.94 -13.90 -16.01
C PRO B 143 -9.29 -14.54 -16.30
N GLU B 144 -10.14 -13.88 -17.06
CA GLU B 144 -11.46 -14.46 -17.27
C GLU B 144 -11.53 -15.54 -18.40
N ASN B 145 -10.36 -15.85 -18.97
CA ASN B 145 -10.22 -16.97 -19.83
C ASN B 145 -9.56 -18.15 -19.11
N ALA B 146 -9.32 -18.05 -17.81
CA ALA B 146 -8.51 -19.04 -17.13
C ALA B 146 -9.35 -20.17 -16.58
N VAL B 147 -8.86 -21.39 -16.74
CA VAL B 147 -9.33 -22.51 -15.96
C VAL B 147 -8.18 -22.88 -15.00
N PRO B 148 -8.22 -22.38 -13.77
CA PRO B 148 -7.06 -22.65 -12.91
C PRO B 148 -7.00 -24.09 -12.45
N VAL B 149 -5.77 -24.54 -12.23
CA VAL B 149 -5.51 -25.84 -11.81
C VAL B 149 -4.43 -25.64 -10.77
N GLN B 150 -4.40 -26.46 -9.73
CA GLN B 150 -3.46 -26.27 -8.68
C GLN B 150 -2.19 -26.93 -9.15
N SER B 151 -1.10 -26.38 -8.66
CA SER B 151 0.22 -26.86 -8.92
C SER B 151 0.36 -28.34 -8.62
N TRP B 152 1.10 -29.07 -9.46
CA TRP B 152 1.48 -30.44 -9.15
C TRP B 152 2.99 -30.58 -9.06
N PHE B 153 3.46 -31.40 -8.13
CA PHE B 153 4.87 -31.55 -7.82
C PHE B 153 5.22 -33.02 -7.75
N ASP B 154 4.64 -33.75 -6.82
CA ASP B 154 4.87 -35.18 -6.83
C ASP B 154 3.80 -36.05 -6.15
N ASP B 155 2.61 -35.53 -5.88
CA ASP B 155 1.54 -36.20 -5.19
C ASP B 155 0.91 -37.21 -6.13
N MET B 156 1.23 -38.49 -5.97
CA MET B 156 0.61 -39.55 -6.80
C MET B 156 -0.92 -39.78 -6.61
N ALA B 157 -1.53 -39.17 -5.61
CA ALA B 157 -2.97 -39.18 -5.42
C ALA B 157 -3.69 -38.03 -6.12
N ASP B 158 -2.99 -37.19 -6.87
CA ASP B 158 -3.64 -36.05 -7.54
C ASP B 158 -4.58 -36.58 -8.60
N THR B 159 -5.75 -35.97 -8.73
CA THR B 159 -6.73 -36.41 -9.69
C THR B 159 -7.35 -35.19 -10.42
N GLU B 160 -6.67 -34.05 -10.38
CA GLU B 160 -7.25 -32.80 -10.90
C GLU B 160 -7.39 -32.83 -12.39
N LEU B 161 -6.47 -33.46 -13.09
CA LEU B 161 -6.58 -33.53 -14.53
C LEU B 161 -7.82 -34.35 -14.87
N LEU B 162 -8.07 -35.39 -14.11
CA LEU B 162 -9.24 -36.18 -14.34
C LEU B 162 -10.53 -35.44 -13.95
N ASN B 163 -10.52 -34.79 -12.79
CA ASN B 163 -11.62 -33.95 -12.45
C ASN B 163 -11.92 -32.81 -13.44
N LEU B 164 -10.96 -32.45 -14.28
CA LEU B 164 -11.23 -31.33 -15.13
C LEU B 164 -11.90 -31.75 -16.40
N ILE B 165 -11.79 -33.03 -16.77
CA ILE B 165 -12.48 -33.52 -18.01
C ILE B 165 -14.02 -33.26 -18.06
N PRO B 166 -14.78 -33.67 -17.03
CA PRO B 166 -16.16 -33.28 -17.24
C PRO B 166 -16.29 -31.75 -17.38
N ILE B 167 -15.35 -31.00 -16.84
CA ILE B 167 -15.48 -29.54 -16.86
C ILE B 167 -15.24 -29.03 -18.26
N PHE B 168 -14.19 -29.55 -18.89
CA PHE B 168 -13.91 -29.19 -20.27
C PHE B 168 -14.93 -29.78 -21.21
N GLU B 169 -15.56 -30.87 -20.80
CA GLU B 169 -16.58 -31.49 -21.64
C GLU B 169 -17.78 -30.58 -21.79
N GLU B 170 -18.10 -29.84 -20.74
CA GLU B 170 -19.21 -28.89 -20.77
C GLU B 170 -18.96 -27.64 -21.61
N LEU B 171 -17.70 -27.22 -21.69
CA LEU B 171 -17.28 -25.99 -22.34
C LEU B 171 -16.97 -26.24 -23.82
N SER B 172 -16.66 -27.48 -24.18
CA SER B 172 -16.16 -27.84 -25.50
C SER B 172 -17.02 -27.32 -26.65
N GLY B 173 -18.33 -27.34 -26.43
CA GLY B 173 -19.24 -26.89 -27.46
C GLY B 173 -19.88 -25.56 -27.14
N ALA B 174 -19.19 -24.72 -26.37
CA ALA B 174 -19.66 -23.35 -26.12
C ALA B 174 -19.25 -22.44 -27.23
N GLU B 175 -19.95 -21.34 -27.32
CA GLU B 175 -19.75 -20.37 -28.37
C GLU B 175 -19.20 -19.14 -27.71
N ASP B 176 -19.53 -18.98 -26.43
CA ASP B 176 -18.96 -17.95 -25.62
C ASP B 176 -18.52 -18.44 -24.22
N VAL B 177 -17.20 -18.62 -24.09
CA VAL B 177 -16.63 -19.21 -22.90
C VAL B 177 -16.70 -18.30 -21.71
N TYR B 178 -16.77 -16.98 -21.91
CA TYR B 178 -17.09 -16.12 -20.74
C TYR B 178 -18.49 -16.45 -20.22
N THR B 179 -19.41 -16.80 -21.13
CA THR B 179 -20.76 -17.13 -20.71
C THR B 179 -20.76 -18.49 -19.99
N SER B 180 -20.25 -19.54 -20.63
CA SER B 180 -20.18 -20.82 -19.92
C SER B 180 -19.36 -20.77 -18.63
N LEU B 181 -18.14 -20.24 -18.65
CA LEU B 181 -17.37 -20.27 -17.41
C LEU B 181 -18.25 -19.72 -16.31
N GLY B 182 -19.00 -18.65 -16.65
CA GLY B 182 -19.86 -17.93 -15.71
C GLY B 182 -21.00 -18.76 -15.15
N GLN B 183 -21.80 -19.35 -16.04
CA GLN B 183 -22.93 -20.17 -15.60
C GLN B 183 -22.47 -21.52 -15.00
N LEU B 184 -21.20 -21.61 -14.63
CA LEU B 184 -20.70 -22.80 -14.00
C LEU B 184 -20.43 -22.34 -12.60
N ARG B 185 -19.56 -21.34 -12.52
CA ARG B 185 -19.00 -20.82 -11.24
C ARG B 185 -20.01 -20.11 -10.29
N LEU C 6 17.84 -12.28 -10.01
CA LEU C 6 17.59 -12.25 -8.51
C LEU C 6 18.82 -11.94 -7.58
N LEU C 7 19.84 -12.80 -7.59
CA LEU C 7 21.18 -12.39 -7.08
C LEU C 7 22.06 -11.81 -8.19
N PRO C 8 23.09 -11.03 -7.81
CA PRO C 8 24.22 -10.59 -8.68
C PRO C 8 25.10 -11.76 -9.00
N GLU C 9 26.06 -11.60 -9.88
CA GLU C 9 27.06 -12.64 -10.10
C GLU C 9 27.84 -12.76 -8.79
N VAL C 10 28.19 -13.97 -8.43
CA VAL C 10 29.01 -14.20 -7.22
C VAL C 10 30.34 -13.46 -7.23
N THR C 11 30.63 -12.78 -6.15
CA THR C 11 31.86 -12.04 -6.03
C THR C 11 33.01 -12.98 -5.90
N GLU C 12 34.22 -12.42 -5.98
CA GLU C 12 35.49 -13.19 -6.03
C GLU C 12 35.73 -14.12 -4.84
N GLU C 13 35.47 -13.66 -3.62
CA GLU C 13 35.72 -14.55 -2.50
C GLU C 13 34.68 -15.65 -2.23
N ASP C 14 33.46 -15.54 -2.73
CA ASP C 14 32.54 -16.68 -2.65
C ASP C 14 32.56 -17.69 -3.84
N GLN C 15 33.57 -17.60 -4.72
CA GLN C 15 33.62 -18.29 -6.03
C GLN C 15 33.01 -19.71 -6.12
N GLY C 16 33.53 -20.71 -5.42
CA GLY C 16 32.95 -22.05 -5.61
C GLY C 16 32.29 -22.47 -4.30
N ARG C 17 31.64 -21.50 -3.67
CA ARG C 17 30.97 -21.78 -2.43
C ARG C 17 29.51 -22.07 -2.76
N ILE C 18 28.90 -22.92 -1.97
CA ILE C 18 27.48 -23.11 -2.01
C ILE C 18 26.78 -21.88 -1.43
N CYS C 19 25.72 -21.48 -2.11
CA CYS C 19 24.86 -20.40 -1.72
C CYS C 19 23.83 -21.08 -0.83
N VAL C 20 23.71 -20.62 0.40
CA VAL C 20 22.64 -21.04 1.29
C VAL C 20 21.75 -19.84 1.49
N VAL C 21 20.47 -20.06 1.33
CA VAL C 21 19.44 -19.06 1.29
C VAL C 21 18.69 -19.33 2.62
N ILE C 22 18.64 -18.31 3.47
CA ILE C 22 18.22 -18.45 4.87
C ILE C 22 17.06 -17.50 5.19
N ASP C 23 16.01 -18.03 5.80
CA ASP C 23 14.93 -17.21 6.28
C ASP C 23 15.20 -16.60 7.67
N LEU C 24 14.61 -15.47 7.95
CA LEU C 24 14.66 -14.88 9.27
C LEU C 24 13.59 -15.43 10.28
N ASP C 25 12.33 -15.02 10.15
CA ASP C 25 11.25 -15.31 11.12
C ASP C 25 11.02 -16.77 11.40
N GLU C 26 10.92 -17.13 12.68
CA GLU C 26 10.91 -18.55 13.12
C GLU C 26 12.13 -19.42 12.69
N THR C 27 13.21 -18.83 12.16
CA THR C 27 14.34 -19.71 11.81
C THR C 27 15.53 -19.36 12.65
N LEU C 28 15.87 -18.07 12.64
CA LEU C 28 16.98 -17.57 13.41
C LEU C 28 16.55 -16.77 14.65
N VAL C 29 15.50 -15.96 14.49
CA VAL C 29 14.82 -15.18 15.50
C VAL C 29 13.29 -15.45 15.48
N HIS C 30 12.57 -14.80 16.40
CA HIS C 30 11.10 -14.75 16.48
C HIS C 30 10.68 -13.39 17.03
N SER C 31 9.87 -12.64 16.29
CA SER C 31 9.44 -11.29 16.69
C SER C 31 8.01 -11.22 17.15
N SER C 32 7.68 -10.16 17.92
CA SER C 32 6.29 -9.87 18.28
C SER C 32 6.03 -8.44 18.69
N PHE C 33 4.79 -7.96 18.46
CA PHE C 33 4.41 -6.56 18.74
C PHE C 33 3.95 -6.33 20.18
N LYS C 34 3.95 -7.42 20.94
CA LYS C 34 3.41 -7.47 22.30
C LYS C 34 4.50 -7.23 23.36
N PRO C 35 4.55 -6.03 23.97
CA PRO C 35 5.77 -5.70 24.77
C PRO C 35 6.16 -6.72 25.86
N ILE C 36 7.40 -7.19 25.78
CA ILE C 36 7.93 -8.19 26.72
C ILE C 36 9.24 -7.64 27.28
N ALA C 39 14.83 -10.82 26.13
CA ALA C 39 14.30 -9.73 25.28
C ALA C 39 15.45 -9.03 24.50
N ASP C 40 16.06 -9.81 23.60
CA ASP C 40 17.33 -9.50 22.98
C ASP C 40 17.34 -8.18 22.25
N PHE C 41 16.35 -7.89 21.40
CA PHE C 41 16.29 -6.55 20.73
C PHE C 41 14.86 -6.07 20.72
N ILE C 42 14.72 -4.77 20.57
CA ILE C 42 13.47 -4.15 20.37
C ILE C 42 13.66 -3.27 19.17
N VAL C 43 12.71 -3.30 18.22
CA VAL C 43 12.84 -2.33 17.14
C VAL C 43 11.55 -1.53 16.80
N PRO C 44 11.70 -0.23 16.55
CA PRO C 44 10.55 0.55 16.20
C PRO C 44 10.18 0.38 14.72
N ILE C 45 8.90 0.22 14.41
CA ILE C 45 8.47 0.05 13.04
C ILE C 45 7.30 0.97 12.77
N GLU C 46 7.31 1.74 11.68
CA GLU C 46 6.12 2.55 11.32
C GLU C 46 5.09 1.67 10.62
N ILE C 47 3.85 1.86 11.01
CA ILE C 47 2.75 1.16 10.42
C ILE C 47 1.61 2.13 10.26
N GLU C 48 1.36 2.50 9.02
CA GLU C 48 0.39 3.52 8.69
C GLU C 48 0.60 4.68 9.65
N GLY C 49 1.69 5.42 9.43
CA GLY C 49 2.09 6.55 10.29
C GLY C 49 2.44 6.32 11.76
N THR C 50 2.17 5.16 12.34
CA THR C 50 2.52 5.04 13.75
C THR C 50 3.59 3.99 14.14
N THR C 51 4.58 4.42 14.93
CA THR C 51 5.65 3.54 15.37
C THR C 51 5.16 2.58 16.40
N HIS C 52 5.37 1.29 16.20
CA HIS C 52 5.24 0.23 17.23
C HIS C 52 6.64 -0.36 17.53
N GLN C 53 6.76 -1.17 18.57
CA GLN C 53 8.04 -1.76 18.92
C GLN C 53 7.84 -3.17 18.61
N VAL C 54 8.87 -3.81 18.08
CA VAL C 54 8.87 -5.23 17.82
C VAL C 54 9.89 -5.83 18.77
N TYR C 55 9.57 -6.99 19.32
CA TYR C 55 10.28 -7.53 20.44
C TYR C 55 10.78 -8.82 19.93
N VAL C 56 12.09 -8.84 19.71
CA VAL C 56 12.72 -9.94 19.02
C VAL C 56 13.53 -10.63 20.07
N LEU C 57 13.38 -11.94 20.07
CA LEU C 57 14.26 -12.89 20.70
C LEU C 57 15.11 -13.73 19.71
N LYS C 58 16.41 -13.90 19.98
CA LYS C 58 17.32 -14.62 19.11
C LYS C 58 17.27 -16.05 19.52
N ARG C 59 17.17 -16.98 18.58
CA ARG C 59 17.10 -18.42 18.84
C ARG C 59 18.46 -18.88 19.25
N PRO C 60 18.55 -19.90 20.15
CA PRO C 60 19.83 -20.30 20.72
C PRO C 60 20.89 -20.77 19.77
N TYR C 61 22.04 -20.13 19.90
CA TYR C 61 23.19 -20.52 19.14
C TYR C 61 23.28 -19.83 17.78
N VAL C 62 22.51 -18.77 17.61
CA VAL C 62 22.41 -18.13 16.34
C VAL C 62 23.69 -17.37 15.98
N ASP C 63 24.19 -16.52 16.89
CA ASP C 63 25.51 -15.90 16.74
C ASP C 63 26.57 -16.88 16.19
N GLU C 64 26.79 -17.96 16.92
CA GLU C 64 27.80 -18.92 16.48
C GLU C 64 27.42 -19.70 15.25
N PHE C 65 26.14 -20.06 15.15
CA PHE C 65 25.61 -20.59 13.89
C PHE C 65 25.97 -19.72 12.68
N LEU C 66 25.52 -18.45 12.72
CA LEU C 66 25.83 -17.53 11.65
C LEU C 66 27.30 -17.41 11.31
N ARG C 67 28.15 -17.31 12.34
CA ARG C 67 29.54 -17.02 12.16
C ARG C 67 30.12 -18.13 11.34
N ARG C 68 29.84 -19.34 11.80
CA ARG C 68 30.37 -20.54 11.20
C ARG C 68 29.79 -20.81 9.79
N MET C 69 28.50 -20.50 9.54
CA MET C 69 27.95 -20.62 8.17
C MET C 69 28.70 -19.69 7.28
N GLY C 70 29.03 -18.51 7.78
CA GLY C 70 29.70 -17.52 6.96
C GLY C 70 31.16 -17.81 6.60
N GLU C 71 31.77 -18.83 7.17
CA GLU C 71 33.13 -19.17 6.78
C GLU C 71 33.11 -20.22 5.75
N LEU C 72 31.92 -20.78 5.51
CA LEU C 72 31.80 -21.92 4.63
C LEU C 72 30.95 -21.72 3.40
N PHE C 73 30.12 -20.70 3.36
CA PHE C 73 29.08 -20.68 2.35
C PHE C 73 28.89 -19.27 2.01
N GLU C 74 28.24 -18.99 0.88
CA GLU C 74 27.70 -17.68 0.58
C GLU C 74 26.26 -17.64 1.16
N CYS C 75 26.05 -16.86 2.19
CA CYS C 75 24.85 -16.86 2.97
C CYS C 75 24.03 -15.72 2.46
N VAL C 76 22.80 -16.01 2.12
CA VAL C 76 21.90 -14.98 1.58
C VAL C 76 20.63 -14.91 2.43
N LEU C 77 20.22 -13.71 2.83
CA LEU C 77 18.99 -13.71 3.58
C LEU C 77 17.87 -13.72 2.58
N PHE C 78 16.96 -14.68 2.62
CA PHE C 78 15.79 -14.66 1.77
C PHE C 78 14.57 -14.78 2.67
N THR C 79 13.83 -13.70 2.84
CA THR C 79 12.70 -13.68 3.79
C THR C 79 11.40 -13.28 3.06
N ALA C 80 10.26 -13.73 3.55
CA ALA C 80 8.94 -13.29 3.06
C ALA C 80 8.38 -12.03 3.77
N SER C 81 9.10 -11.47 4.72
CA SER C 81 8.67 -10.25 5.39
C SER C 81 9.17 -9.03 4.64
N LEU C 82 8.79 -7.84 5.04
CA LEU C 82 9.23 -6.66 4.29
C LEU C 82 10.56 -6.09 4.83
N ALA C 83 11.35 -5.49 3.98
CA ALA C 83 12.62 -4.92 4.36
C ALA C 83 12.55 -4.08 5.65
N LYS C 84 11.46 -3.31 5.81
CA LYS C 84 11.30 -2.32 6.89
C LYS C 84 11.30 -2.98 8.22
N TYR C 85 11.15 -4.30 8.21
CA TYR C 85 11.24 -5.13 9.43
C TYR C 85 12.48 -6.02 9.38
N ALA C 86 12.82 -6.52 8.21
CA ALA C 86 13.88 -7.50 8.18
C ALA C 86 15.21 -6.80 8.31
N ASP C 87 15.33 -5.63 7.72
CA ASP C 87 16.55 -4.90 7.69
C ASP C 87 16.98 -4.54 9.13
N PRO C 88 16.12 -3.80 9.88
CA PRO C 88 16.60 -3.34 11.19
C PRO C 88 16.85 -4.57 12.05
N VAL C 89 16.10 -5.65 11.83
CA VAL C 89 16.30 -6.85 12.61
C VAL C 89 17.63 -7.47 12.26
N THR C 90 17.87 -7.71 10.98
CA THR C 90 19.08 -8.29 10.48
C THR C 90 20.28 -7.43 10.86
N ASP C 91 20.20 -6.11 10.73
CA ASP C 91 21.32 -5.30 11.18
C ASP C 91 21.76 -5.67 12.60
N LEU C 92 20.82 -5.89 13.49
CA LEU C 92 21.22 -6.22 14.83
C LEU C 92 21.55 -7.67 14.99
N LEU C 93 20.89 -8.56 14.28
CA LEU C 93 21.23 -9.95 14.44
C LEU C 93 22.60 -10.39 13.83
N ASP C 94 22.96 -9.83 12.68
CA ASP C 94 24.06 -10.34 11.90
C ASP C 94 25.31 -9.49 12.19
N ARG C 95 25.85 -9.64 13.40
CA ARG C 95 27.03 -8.86 13.78
C ARG C 95 28.34 -9.21 13.02
N CYS C 96 28.49 -10.43 12.49
CA CYS C 96 29.65 -10.73 11.63
C CYS C 96 29.56 -10.31 10.17
N GLY C 97 28.43 -9.69 9.74
CA GLY C 97 28.19 -9.21 8.36
C GLY C 97 28.15 -10.37 7.36
N VAL C 98 27.59 -11.48 7.76
CA VAL C 98 27.58 -12.69 6.99
C VAL C 98 26.66 -12.62 5.76
N PHE C 99 25.64 -11.77 5.77
CA PHE C 99 24.73 -11.61 4.61
C PHE C 99 25.18 -10.45 3.78
N ARG C 100 25.85 -10.68 2.68
CA ARG C 100 26.13 -9.51 1.94
C ARG C 100 25.01 -9.33 0.99
N ALA C 101 24.09 -10.30 0.93
CA ALA C 101 22.91 -10.13 0.07
C ALA C 101 21.63 -10.30 0.83
N ARG C 102 20.63 -9.51 0.52
CA ARG C 102 19.35 -9.68 1.18
C ARG C 102 18.17 -9.63 0.25
N LEU C 103 17.21 -10.56 0.38
CA LEU C 103 16.03 -10.58 -0.48
C LEU C 103 14.78 -10.64 0.40
N PHE C 104 13.73 -9.89 0.04
CA PHE C 104 12.50 -9.79 0.83
C PHE C 104 11.23 -10.23 0.12
N ARG C 105 10.10 -9.76 0.63
CA ARG C 105 8.85 -10.25 0.21
C ARG C 105 8.69 -10.19 -1.29
N GLU C 106 9.16 -9.11 -1.92
CA GLU C 106 8.91 -8.91 -3.33
C GLU C 106 9.77 -9.79 -4.20
N SER C 107 10.68 -10.54 -3.62
CA SER C 107 11.45 -11.55 -4.35
C SER C 107 10.83 -12.94 -4.19
N CYS C 108 9.80 -13.09 -3.37
CA CYS C 108 9.08 -14.32 -3.26
C CYS C 108 7.97 -14.32 -4.31
N VAL C 109 7.40 -15.45 -4.66
CA VAL C 109 6.19 -15.42 -5.48
C VAL C 109 4.96 -15.88 -4.70
N PHE C 110 3.87 -15.15 -4.83
CA PHE C 110 2.68 -15.56 -4.12
C PHE C 110 2.12 -16.75 -4.84
N HIS C 111 1.93 -17.82 -4.13
CA HIS C 111 1.56 -19.03 -4.70
C HIS C 111 0.70 -19.78 -3.71
N GLN C 112 -0.50 -20.12 -4.16
CA GLN C 112 -1.52 -20.75 -3.36
C GLN C 112 -1.61 -20.24 -1.92
N GLY C 113 -1.49 -18.93 -1.80
CA GLY C 113 -1.64 -18.26 -0.50
C GLY C 113 -0.39 -18.27 0.35
N CYS C 114 0.73 -18.64 -0.22
CA CYS C 114 1.97 -18.56 0.50
C CYS C 114 2.98 -17.75 -0.30
N TYR C 115 3.97 -17.23 0.39
CA TYR C 115 5.12 -16.64 -0.28
C TYR C 115 6.14 -17.76 -0.43
N VAL C 116 6.50 -18.07 -1.67
CA VAL C 116 7.27 -19.21 -2.06
C VAL C 116 8.63 -18.68 -2.56
N LYS C 117 9.70 -19.44 -2.35
CA LYS C 117 11.05 -18.93 -2.56
C LYS C 117 11.60 -19.75 -3.69
N ASP C 118 11.39 -19.30 -4.88
CA ASP C 118 11.62 -20.15 -5.96
C ASP C 118 13.03 -19.93 -6.33
N LEU C 119 13.78 -21.02 -6.26
CA LEU C 119 15.20 -21.01 -6.40
C LEU C 119 15.67 -20.96 -7.83
N SER C 120 14.75 -21.05 -8.80
CA SER C 120 15.19 -21.13 -10.23
C SER C 120 15.52 -19.78 -10.80
N ARG C 121 15.49 -18.75 -9.98
CA ARG C 121 15.40 -17.40 -10.48
C ARG C 121 16.57 -16.76 -9.80
N LEU C 122 17.24 -17.58 -9.00
CA LEU C 122 18.17 -17.12 -8.00
C LEU C 122 19.42 -16.63 -8.64
N GLY C 123 19.92 -17.34 -9.66
CA GLY C 123 21.16 -16.90 -10.34
C GLY C 123 22.34 -17.66 -9.81
N ARG C 124 22.10 -18.84 -9.28
CA ARG C 124 23.07 -19.63 -8.64
C ARG C 124 22.72 -20.99 -9.20
N ASP C 125 23.69 -21.86 -9.35
CA ASP C 125 23.36 -23.12 -9.92
C ASP C 125 22.71 -23.98 -8.82
N LEU C 126 21.55 -24.53 -9.11
CA LEU C 126 20.87 -25.38 -8.17
C LEU C 126 21.67 -26.52 -7.64
N ARG C 127 22.69 -26.92 -8.38
CA ARG C 127 23.51 -28.02 -7.89
C ARG C 127 24.30 -27.55 -6.64
N LYS C 128 24.41 -26.23 -6.47
CA LYS C 128 25.20 -25.62 -5.42
C LYS C 128 24.35 -24.73 -4.53
N THR C 129 23.11 -25.09 -4.24
CA THR C 129 22.25 -24.18 -3.46
C THR C 129 21.53 -24.99 -2.43
N LEU C 130 21.37 -24.45 -1.24
CA LEU C 130 20.50 -25.08 -0.25
C LEU C 130 19.59 -24.00 0.32
N ILE C 131 18.46 -24.38 0.84
CA ILE C 131 17.57 -23.42 1.45
C ILE C 131 17.35 -23.92 2.84
N LEU C 132 17.25 -22.99 3.79
CA LEU C 132 17.00 -23.29 5.18
C LEU C 132 15.86 -22.40 5.63
N ASP C 133 14.71 -22.98 5.90
CA ASP C 133 13.45 -22.25 6.20
C ASP C 133 12.59 -23.20 7.03
N ASN C 134 11.89 -22.67 8.03
CA ASN C 134 11.10 -23.51 8.90
C ASN C 134 9.82 -23.95 8.25
N SER C 135 9.43 -23.24 7.19
CA SER C 135 8.19 -23.50 6.45
C SER C 135 8.42 -24.26 5.15
N PRO C 136 8.03 -25.51 5.12
CA PRO C 136 8.16 -26.34 3.92
C PRO C 136 7.41 -25.76 2.70
N ALA C 137 6.50 -24.82 2.96
CA ALA C 137 5.64 -24.25 1.94
C ALA C 137 6.44 -23.30 1.10
N SER C 138 7.40 -22.69 1.76
CA SER C 138 8.37 -21.78 1.14
C SER C 138 9.24 -22.44 0.12
N TYR C 139 9.49 -23.74 0.26
CA TYR C 139 10.35 -24.45 -0.70
C TYR C 139 9.65 -25.60 -1.47
N ILE C 140 8.33 -25.51 -1.56
CA ILE C 140 7.56 -26.48 -2.28
C ILE C 140 8.03 -26.72 -3.74
N PHE C 141 8.59 -25.72 -4.39
CA PHE C 141 9.11 -25.88 -5.75
C PHE C 141 10.50 -26.47 -5.83
N HIS C 142 11.19 -26.68 -4.70
CA HIS C 142 12.55 -27.18 -4.69
C HIS C 142 12.83 -27.94 -3.36
N PRO C 143 11.97 -28.93 -2.97
CA PRO C 143 12.23 -29.56 -1.62
C PRO C 143 13.52 -30.35 -1.59
N GLU C 144 14.03 -30.73 -2.73
CA GLU C 144 15.30 -31.35 -2.75
C GLU C 144 16.45 -30.41 -2.33
N ASN C 145 16.29 -29.08 -2.46
CA ASN C 145 17.35 -28.21 -2.02
C ASN C 145 17.22 -27.87 -0.56
N ALA C 146 16.20 -28.39 0.10
CA ALA C 146 15.98 -27.96 1.48
C ALA C 146 16.80 -28.66 2.52
N VAL C 147 17.17 -27.94 3.57
CA VAL C 147 17.66 -28.58 4.80
C VAL C 147 16.64 -28.21 5.88
N PRO C 148 15.71 -29.11 6.21
CA PRO C 148 14.67 -28.93 7.23
C PRO C 148 15.14 -28.42 8.59
N VAL C 149 14.35 -27.51 9.15
CA VAL C 149 14.48 -26.94 10.45
C VAL C 149 13.13 -26.54 11.03
N GLN C 150 12.90 -26.98 12.27
CA GLN C 150 11.73 -26.73 13.07
C GLN C 150 11.46 -25.27 13.33
N SER C 151 10.23 -24.88 13.51
CA SER C 151 9.95 -23.49 13.81
C SER C 151 10.30 -23.25 15.23
N TRP C 152 10.64 -22.02 15.54
CA TRP C 152 11.17 -21.67 16.84
C TRP C 152 10.53 -20.44 17.39
N PHE C 153 10.09 -20.51 18.63
CA PHE C 153 9.38 -19.39 19.21
C PHE C 153 10.03 -18.78 20.46
N ASP C 154 10.15 -19.58 21.51
CA ASP C 154 10.54 -19.04 22.79
C ASP C 154 11.26 -20.08 23.61
N ASP C 155 11.17 -21.33 23.16
CA ASP C 155 11.85 -22.38 23.84
C ASP C 155 13.37 -22.19 23.86
N MET C 156 13.82 -21.51 24.91
CA MET C 156 15.24 -21.40 25.22
C MET C 156 16.04 -22.70 25.42
N ALA C 157 15.39 -23.85 25.27
CA ALA C 157 16.14 -25.07 25.23
C ALA C 157 16.17 -25.65 23.82
N ASP C 158 15.82 -24.86 22.79
CA ASP C 158 16.02 -25.36 21.41
C ASP C 158 17.50 -25.50 21.13
N THR C 159 17.89 -26.52 20.38
CA THR C 159 19.27 -26.63 19.95
C THR C 159 19.41 -27.01 18.50
N GLU C 160 18.47 -26.56 17.67
CA GLU C 160 18.41 -27.05 16.29
C GLU C 160 19.62 -26.55 15.47
N LEU C 161 19.93 -25.26 15.61
CA LEU C 161 21.06 -24.63 14.88
C LEU C 161 22.42 -25.29 15.14
N LEU C 162 22.64 -25.65 16.41
CA LEU C 162 23.76 -26.48 16.82
C LEU C 162 23.82 -27.78 16.06
N ASN C 163 22.77 -28.58 16.15
CA ASN C 163 22.72 -29.85 15.42
C ASN C 163 22.99 -29.73 13.88
N LEU C 164 22.64 -28.58 13.28
CA LEU C 164 22.77 -28.39 11.83
C LEU C 164 24.15 -28.09 11.41
N ILE C 165 24.96 -27.51 12.32
CA ILE C 165 26.34 -27.12 11.97
C ILE C 165 27.14 -28.26 11.40
N PRO C 166 27.20 -29.40 12.09
CA PRO C 166 27.98 -30.50 11.52
C PRO C 166 27.39 -30.99 10.24
N ILE C 167 26.07 -30.88 10.10
CA ILE C 167 25.41 -31.20 8.82
C ILE C 167 25.91 -30.22 7.78
N PHE C 168 25.98 -28.96 8.13
CA PHE C 168 26.46 -28.02 7.13
C PHE C 168 27.95 -28.11 6.79
N GLU C 169 28.79 -28.36 7.80
CA GLU C 169 30.22 -28.61 7.57
C GLU C 169 30.41 -29.73 6.55
N GLU C 170 29.68 -30.85 6.73
CA GLU C 170 29.70 -31.99 5.78
C GLU C 170 29.39 -31.57 4.37
N LEU C 171 28.27 -30.88 4.18
CA LEU C 171 27.82 -30.42 2.87
C LEU C 171 28.77 -29.46 2.22
N SER C 172 29.43 -28.66 3.07
CA SER C 172 30.11 -27.42 2.65
C SER C 172 31.03 -27.58 1.46
N GLY C 173 31.56 -28.81 1.32
CA GLY C 173 32.54 -29.16 0.27
C GLY C 173 32.02 -29.88 -0.99
N ALA C 174 30.72 -30.17 -1.03
CA ALA C 174 30.08 -30.89 -2.13
C ALA C 174 30.23 -30.22 -3.47
N GLU C 175 30.36 -31.00 -4.54
CA GLU C 175 30.26 -30.39 -5.89
C GLU C 175 28.78 -30.35 -6.35
N ASP C 176 27.95 -31.18 -5.71
CA ASP C 176 26.57 -31.27 -6.08
C ASP C 176 25.83 -31.62 -4.83
N VAL C 177 24.96 -30.74 -4.35
CA VAL C 177 24.30 -30.99 -3.07
C VAL C 177 23.29 -32.12 -3.15
N TYR C 178 22.82 -32.46 -4.35
CA TYR C 178 21.89 -33.58 -4.43
C TYR C 178 22.61 -34.81 -3.94
N THR C 179 23.78 -35.11 -4.50
CA THR C 179 24.59 -36.23 -4.05
C THR C 179 24.83 -36.17 -2.52
N SER C 180 25.34 -35.03 -2.03
CA SER C 180 25.80 -35.00 -0.66
C SER C 180 24.73 -35.14 0.37
N LEU C 181 23.57 -34.55 0.12
CA LEU C 181 22.41 -34.76 0.98
C LEU C 181 21.98 -36.22 0.86
N GLY C 182 22.23 -36.77 -0.33
CA GLY C 182 21.96 -38.19 -0.61
C GLY C 182 22.71 -39.10 0.34
N GLN C 183 24.05 -39.03 0.31
CA GLN C 183 24.81 -39.87 1.25
C GLN C 183 24.50 -39.57 2.73
N LEU C 184 24.73 -38.35 3.22
CA LEU C 184 24.35 -38.05 4.63
C LEU C 184 23.00 -38.69 5.01
N ARG C 185 22.02 -38.59 4.10
CA ARG C 185 20.78 -39.34 4.22
C ARG C 185 21.03 -40.76 3.72
N LEU D 6 16.91 -5.86 -15.03
CA LEU D 6 15.53 -5.33 -15.46
C LEU D 6 14.85 -6.05 -16.65
N LEU D 7 15.63 -6.34 -17.69
CA LEU D 7 15.12 -7.05 -18.86
C LEU D 7 15.81 -8.38 -19.05
N PRO D 8 15.07 -9.33 -19.60
CA PRO D 8 15.74 -10.59 -19.93
C PRO D 8 16.53 -10.55 -21.27
N GLU D 9 17.29 -11.61 -21.53
CA GLU D 9 18.01 -11.74 -22.77
C GLU D 9 17.06 -11.46 -23.90
N VAL D 10 17.52 -10.58 -24.80
CA VAL D 10 16.91 -10.31 -26.07
C VAL D 10 16.68 -11.57 -26.84
N THR D 11 15.49 -11.71 -27.39
CA THR D 11 15.10 -12.87 -28.12
C THR D 11 15.69 -12.84 -29.52
N GLU D 12 15.79 -14.01 -30.14
CA GLU D 12 16.11 -14.20 -31.59
C GLU D 12 15.49 -13.16 -32.52
N GLU D 13 14.16 -13.02 -32.44
CA GLU D 13 13.39 -12.08 -33.27
C GLU D 13 13.88 -10.62 -33.21
N ASP D 14 14.25 -10.14 -32.02
CA ASP D 14 14.67 -8.73 -31.78
C ASP D 14 16.18 -8.57 -31.71
N GLN D 15 16.87 -9.70 -31.88
CA GLN D 15 18.31 -9.87 -31.64
C GLN D 15 19.24 -8.76 -32.05
N GLY D 16 19.07 -8.13 -33.20
CA GLY D 16 20.03 -7.05 -33.50
C GLY D 16 19.59 -5.63 -33.17
N ARG D 17 18.33 -5.46 -32.79
CA ARG D 17 17.70 -4.15 -32.79
C ARG D 17 18.13 -3.19 -31.67
N ILE D 18 17.97 -1.90 -31.91
CA ILE D 18 18.04 -0.93 -30.81
C ILE D 18 16.79 -1.11 -29.92
N CYS D 19 16.99 -1.06 -28.61
CA CYS D 19 15.92 -1.22 -27.64
C CYS D 19 15.38 0.16 -27.35
N VAL D 20 14.11 0.41 -27.67
CA VAL D 20 13.44 1.66 -27.35
C VAL D 20 12.43 1.47 -26.22
N VAL D 21 12.44 2.40 -25.28
CA VAL D 21 11.81 2.29 -24.00
C VAL D 21 10.96 3.51 -24.03
N ILE D 22 9.63 3.34 -23.96
CA ILE D 22 8.66 4.39 -24.23
C ILE D 22 7.74 4.57 -23.05
N ASP D 23 7.48 5.81 -22.68
CA ASP D 23 6.53 6.10 -21.61
C ASP D 23 5.11 6.12 -22.15
N LEU D 24 4.10 6.04 -21.30
CA LEU D 24 2.69 6.06 -21.74
C LEU D 24 2.08 7.44 -21.60
N ASP D 25 1.86 7.90 -20.36
CA ASP D 25 1.11 9.15 -20.10
C ASP D 25 1.78 10.39 -20.67
N GLU D 26 1.00 11.23 -21.36
CA GLU D 26 1.52 12.45 -21.98
C GLU D 26 2.52 12.19 -23.06
N THR D 27 2.82 10.93 -23.32
CA THR D 27 3.74 10.59 -24.37
C THR D 27 2.95 9.97 -25.53
N LEU D 28 2.24 8.87 -25.28
CA LEU D 28 1.44 8.23 -26.35
C LEU D 28 -0.06 8.51 -26.16
N VAL D 29 -0.48 8.84 -24.94
CA VAL D 29 -1.88 9.01 -24.58
C VAL D 29 -2.06 10.04 -23.47
N HIS D 30 -3.31 10.36 -23.20
CA HIS D 30 -3.61 11.16 -22.05
C HIS D 30 -4.88 10.60 -21.44
N SER D 31 -4.85 10.36 -20.12
CA SER D 31 -6.00 9.78 -19.40
C SER D 31 -6.52 10.73 -18.39
N SER D 32 -7.80 10.52 -18.03
CA SER D 32 -8.50 11.33 -17.07
C SER D 32 -9.67 10.58 -16.40
N PHE D 33 -9.96 10.98 -15.16
CA PHE D 33 -11.02 10.35 -14.40
C PHE D 33 -12.28 11.14 -14.54
N LYS D 34 -12.15 12.32 -15.14
CA LYS D 34 -13.29 13.08 -15.59
C LYS D 34 -13.87 12.37 -16.84
N PRO D 35 -15.14 11.92 -16.78
CA PRO D 35 -15.67 11.28 -17.99
C PRO D 35 -15.81 12.27 -19.15
N ILE D 36 -15.38 11.85 -20.34
CA ILE D 36 -15.55 12.68 -21.54
C ILE D 36 -16.41 11.94 -22.59
N ALA D 39 -13.67 10.06 -26.45
CA ALA D 39 -12.58 9.26 -25.88
C ALA D 39 -12.45 7.92 -26.61
N ASP D 40 -11.21 7.53 -26.85
CA ASP D 40 -10.97 6.32 -27.60
C ASP D 40 -11.23 5.08 -26.76
N PHE D 41 -10.76 5.11 -25.52
CA PHE D 41 -10.89 4.02 -24.60
C PHE D 41 -11.50 4.53 -23.25
N ILE D 42 -12.18 3.63 -22.56
CA ILE D 42 -12.74 3.88 -21.24
C ILE D 42 -12.36 2.60 -20.57
N VAL D 43 -11.55 2.71 -19.51
CA VAL D 43 -11.15 1.53 -18.78
C VAL D 43 -11.42 1.74 -17.28
N PRO D 44 -11.94 0.68 -16.60
CA PRO D 44 -12.29 0.78 -15.22
C PRO D 44 -11.09 0.48 -14.35
N ILE D 45 -10.92 1.29 -13.32
CA ILE D 45 -9.77 1.11 -12.45
C ILE D 45 -10.20 1.03 -10.96
N GLU D 46 -9.82 -0.05 -10.29
CA GLU D 46 -10.19 -0.15 -8.89
C GLU D 46 -9.18 0.65 -8.09
N ILE D 47 -9.71 1.47 -7.21
CA ILE D 47 -8.91 2.24 -6.33
C ILE D 47 -9.57 2.09 -4.98
N GLU D 48 -8.81 1.55 -4.03
CA GLU D 48 -9.26 1.45 -2.63
C GLU D 48 -10.67 0.79 -2.60
N GLY D 49 -10.79 -0.33 -3.33
CA GLY D 49 -11.96 -1.14 -3.26
C GLY D 49 -13.01 -0.68 -4.27
N THR D 50 -12.92 0.57 -4.75
CA THR D 50 -13.95 1.04 -5.65
C THR D 50 -13.46 1.29 -7.05
N THR D 51 -14.37 1.09 -8.00
CA THR D 51 -14.07 1.17 -9.43
C THR D 51 -14.40 2.49 -10.07
N HIS D 52 -13.39 3.13 -10.65
CA HIS D 52 -13.53 4.41 -11.30
C HIS D 52 -13.25 4.15 -12.76
N GLN D 53 -13.84 4.96 -13.63
CA GLN D 53 -13.61 4.79 -15.08
C GLN D 53 -12.59 5.80 -15.45
N VAL D 54 -11.61 5.35 -16.23
CA VAL D 54 -10.58 6.21 -16.75
C VAL D 54 -10.77 6.43 -18.23
N TYR D 55 -10.71 7.69 -18.63
CA TYR D 55 -11.05 8.12 -19.99
C TYR D 55 -9.77 8.49 -20.70
N VAL D 56 -9.52 7.79 -21.80
CA VAL D 56 -8.27 7.84 -22.51
C VAL D 56 -8.38 8.34 -23.97
N LEU D 57 -7.57 9.33 -24.30
CA LEU D 57 -7.36 9.84 -25.62
C LEU D 57 -6.00 9.46 -26.24
N LYS D 58 -6.00 8.84 -27.42
CA LYS D 58 -4.80 8.63 -28.23
C LYS D 58 -4.19 9.92 -28.72
N ARG D 59 -2.87 10.00 -28.80
CA ARG D 59 -2.24 11.18 -29.36
C ARG D 59 -2.37 10.90 -30.87
N PRO D 60 -2.46 11.95 -31.71
CA PRO D 60 -2.50 11.74 -33.18
C PRO D 60 -1.31 10.99 -33.73
N TYR D 61 -1.62 10.06 -34.61
CA TYR D 61 -0.65 9.31 -35.41
C TYR D 61 -0.01 8.19 -34.65
N VAL D 62 -0.60 7.85 -33.50
CA VAL D 62 0.04 6.90 -32.54
C VAL D 62 0.05 5.46 -33.06
N ASP D 63 -0.96 5.13 -33.85
CA ASP D 63 -1.05 3.76 -34.38
C ASP D 63 -0.03 3.56 -35.43
N GLU D 64 0.18 4.58 -36.28
CA GLU D 64 1.18 4.43 -37.31
C GLU D 64 2.54 4.49 -36.67
N PHE D 65 2.70 5.41 -35.74
CA PHE D 65 3.95 5.51 -35.02
C PHE D 65 4.40 4.16 -34.44
N LEU D 66 3.50 3.44 -33.75
CA LEU D 66 3.86 2.19 -33.08
C LEU D 66 4.12 1.10 -34.07
N ARG D 67 3.32 1.09 -35.14
CA ARG D 67 3.43 0.04 -36.11
C ARG D 67 4.83 0.07 -36.69
N ARG D 68 5.26 1.26 -37.07
CA ARG D 68 6.60 1.45 -37.59
C ARG D 68 7.66 1.07 -36.54
N MET D 69 7.50 1.51 -35.28
CA MET D 69 8.47 1.14 -34.19
C MET D 69 8.62 -0.34 -34.03
N GLY D 70 7.50 -1.04 -33.91
CA GLY D 70 7.56 -2.50 -33.83
C GLY D 70 8.29 -3.11 -34.97
N GLU D 71 8.19 -2.51 -36.16
CA GLU D 71 8.85 -3.06 -37.36
C GLU D 71 10.37 -3.03 -37.14
N LEU D 72 10.84 -1.91 -36.57
CA LEU D 72 12.24 -1.54 -36.54
C LEU D 72 13.03 -1.76 -35.21
N PHE D 73 12.30 -1.89 -34.09
CA PHE D 73 12.92 -1.80 -32.78
C PHE D 73 12.48 -2.88 -31.87
N GLU D 74 13.10 -2.97 -30.72
CA GLU D 74 12.55 -3.74 -29.64
C GLU D 74 11.95 -2.70 -28.73
N CYS D 75 10.62 -2.58 -28.76
CA CYS D 75 9.85 -1.62 -27.96
C CYS D 75 9.46 -2.19 -26.59
N VAL D 76 9.75 -1.38 -25.58
CA VAL D 76 9.57 -1.71 -24.20
C VAL D 76 8.75 -0.64 -23.58
N LEU D 77 7.72 -0.98 -22.85
CA LEU D 77 6.93 0.02 -22.21
C LEU D 77 7.61 0.29 -20.89
N PHE D 78 8.01 1.52 -20.58
CA PHE D 78 8.62 1.77 -19.29
C PHE D 78 7.99 3.02 -18.69
N THR D 79 7.14 2.84 -17.69
CA THR D 79 6.22 3.90 -17.26
C THR D 79 6.35 3.99 -15.76
N ALA D 80 6.16 5.17 -15.18
CA ALA D 80 6.29 5.34 -13.71
C ALA D 80 4.96 5.15 -13.01
N SER D 81 3.93 4.81 -13.79
CA SER D 81 2.62 4.45 -13.24
C SER D 81 2.56 2.96 -12.89
N LEU D 82 1.39 2.50 -12.52
CA LEU D 82 1.26 1.20 -11.87
C LEU D 82 0.59 0.29 -12.83
N ALA D 83 1.02 -0.95 -12.82
CA ALA D 83 0.52 -1.90 -13.77
C ALA D 83 -1.03 -1.90 -13.82
N LYS D 84 -1.69 -1.63 -12.69
CA LYS D 84 -3.13 -1.72 -12.65
C LYS D 84 -3.74 -0.68 -13.53
N TYR D 85 -3.02 0.43 -13.77
CA TYR D 85 -3.46 1.44 -14.75
C TYR D 85 -2.84 1.25 -16.14
N ALA D 86 -1.53 1.02 -16.18
CA ALA D 86 -0.79 0.91 -17.41
C ALA D 86 -1.24 -0.31 -18.22
N ASP D 87 -1.31 -1.47 -17.63
CA ASP D 87 -1.68 -2.70 -18.35
C ASP D 87 -3.01 -2.57 -19.16
N PRO D 88 -4.16 -2.33 -18.51
CA PRO D 88 -5.39 -2.28 -19.29
C PRO D 88 -5.34 -1.21 -20.40
N VAL D 89 -4.59 -0.14 -20.21
CA VAL D 89 -4.51 0.88 -21.24
C VAL D 89 -3.63 0.44 -22.37
N THR D 90 -2.48 -0.15 -22.07
CA THR D 90 -1.59 -0.67 -23.12
C THR D 90 -2.24 -1.83 -23.91
N ASP D 91 -2.97 -2.69 -23.23
CA ASP D 91 -3.73 -3.74 -23.86
C ASP D 91 -4.60 -3.23 -25.02
N LEU D 92 -5.35 -2.16 -24.79
CA LEU D 92 -6.17 -1.56 -25.82
C LEU D 92 -5.36 -0.75 -26.83
N LEU D 93 -4.44 0.07 -26.33
CA LEU D 93 -3.60 0.89 -27.21
C LEU D 93 -2.69 0.08 -28.16
N ASP D 94 -2.11 -0.99 -27.69
CA ASP D 94 -1.02 -1.60 -28.41
C ASP D 94 -1.61 -2.65 -29.35
N ARG D 95 -2.25 -2.18 -30.42
CA ARG D 95 -3.04 -3.11 -31.23
C ARG D 95 -2.32 -4.15 -32.12
N CYS D 96 -1.09 -3.89 -32.52
CA CYS D 96 -0.30 -4.98 -33.10
C CYS D 96 0.90 -5.46 -32.27
N GLY D 97 0.71 -5.67 -30.94
CA GLY D 97 1.66 -6.43 -30.10
C GLY D 97 3.11 -5.91 -30.11
N VAL D 98 3.25 -4.60 -30.04
CA VAL D 98 4.54 -4.01 -30.21
C VAL D 98 5.43 -4.24 -28.95
N PHE D 99 4.81 -4.19 -27.78
CA PHE D 99 5.51 -4.20 -26.53
C PHE D 99 5.83 -5.60 -26.09
N ARG D 100 7.05 -5.98 -26.37
CA ARG D 100 7.57 -7.27 -25.99
C ARG D 100 7.63 -7.35 -24.46
N ALA D 101 7.75 -6.21 -23.80
CA ALA D 101 8.11 -6.17 -22.36
C ALA D 101 7.42 -5.01 -21.74
N ARG D 102 7.23 -5.06 -20.44
CA ARG D 102 6.55 -4.04 -19.74
C ARG D 102 7.11 -3.85 -18.36
N LEU D 103 7.51 -2.59 -18.07
CA LEU D 103 8.16 -2.16 -16.84
C LEU D 103 7.42 -0.99 -16.25
N PHE D 104 7.28 -0.97 -14.92
CA PHE D 104 6.39 -0.03 -14.26
C PHE D 104 7.05 0.79 -13.13
N ARG D 105 6.25 1.26 -12.17
CA ARG D 105 6.79 2.11 -11.19
C ARG D 105 7.86 1.41 -10.31
N GLU D 106 7.62 0.20 -9.85
CA GLU D 106 8.64 -0.53 -9.10
C GLU D 106 10.00 -0.56 -9.77
N SER D 107 10.07 -0.30 -11.07
CA SER D 107 11.32 -0.40 -11.82
C SER D 107 12.01 0.93 -11.95
N CYS D 108 11.30 2.00 -11.55
CA CYS D 108 11.87 3.33 -11.59
C CYS D 108 12.59 3.50 -10.32
N VAL D 109 13.52 4.44 -10.25
CA VAL D 109 14.08 4.76 -8.96
C VAL D 109 13.70 6.19 -8.59
N PHE D 110 13.20 6.36 -7.39
CA PHE D 110 12.68 7.66 -6.95
C PHE D 110 13.91 8.50 -6.61
N HIS D 111 14.04 9.62 -7.27
CA HIS D 111 15.26 10.39 -7.20
C HIS D 111 14.85 11.83 -7.26
N GLN D 112 15.24 12.52 -6.17
CA GLN D 112 14.78 13.84 -5.76
C GLN D 112 13.46 14.29 -6.39
N GLY D 113 12.42 13.55 -6.11
CA GLY D 113 11.11 13.99 -6.39
C GLY D 113 10.50 13.33 -7.58
N CYS D 114 11.32 12.66 -8.38
CA CYS D 114 10.85 12.09 -9.61
C CYS D 114 11.18 10.60 -9.74
N TYR D 115 10.42 9.92 -10.58
CA TYR D 115 10.82 8.57 -10.95
C TYR D 115 11.73 8.57 -12.17
N VAL D 116 12.94 8.11 -11.96
CA VAL D 116 13.99 8.15 -12.92
C VAL D 116 14.02 6.75 -13.51
N LYS D 117 14.21 6.67 -14.79
CA LYS D 117 14.30 5.39 -15.48
C LYS D 117 15.76 5.18 -15.76
N ASP D 118 16.42 4.35 -14.97
CA ASP D 118 17.86 4.23 -15.10
C ASP D 118 18.21 3.17 -16.10
N LEU D 119 18.80 3.59 -17.22
CA LEU D 119 19.05 2.67 -18.32
C LEU D 119 20.26 1.76 -18.07
N SER D 120 21.09 2.08 -17.09
CA SER D 120 22.26 1.25 -16.83
C SER D 120 21.85 -0.10 -16.25
N ARG D 121 20.60 -0.21 -15.78
CA ARG D 121 20.04 -1.39 -15.13
C ARG D 121 19.17 -2.20 -16.10
N LEU D 122 19.06 -1.75 -17.34
CA LEU D 122 18.18 -2.33 -18.29
C LEU D 122 18.54 -3.79 -18.76
N GLY D 123 19.82 -4.13 -18.87
CA GLY D 123 20.18 -5.33 -19.56
C GLY D 123 20.31 -5.16 -21.06
N ARG D 124 20.44 -3.94 -21.52
CA ARG D 124 20.74 -3.72 -22.93
C ARG D 124 22.03 -2.88 -22.98
N ASP D 125 22.81 -3.00 -24.03
CA ASP D 125 23.97 -2.14 -24.20
C ASP D 125 23.45 -0.72 -24.29
N LEU D 126 23.97 0.16 -23.44
CA LEU D 126 23.69 1.59 -23.58
C LEU D 126 23.94 2.17 -24.98
N ARG D 127 24.85 1.61 -25.76
CA ARG D 127 24.99 2.01 -27.17
C ARG D 127 23.78 1.77 -28.07
N LYS D 128 22.87 0.88 -27.67
CA LYS D 128 21.78 0.42 -28.49
C LYS D 128 20.45 0.54 -27.74
N THR D 129 20.20 1.67 -27.10
CA THR D 129 19.06 1.90 -26.22
C THR D 129 18.61 3.36 -26.34
N LEU D 130 17.32 3.57 -26.59
CA LEU D 130 16.77 4.92 -26.67
C LEU D 130 15.71 5.07 -25.64
N ILE D 131 15.43 6.30 -25.29
CA ILE D 131 14.27 6.46 -24.47
C ILE D 131 13.44 7.56 -24.97
N LEU D 132 12.14 7.32 -25.04
CA LEU D 132 11.21 8.31 -25.51
C LEU D 132 10.26 8.60 -24.38
N ASP D 133 10.34 9.77 -23.81
CA ASP D 133 9.62 10.08 -22.61
C ASP D 133 9.42 11.59 -22.63
N ASN D 134 8.22 12.06 -22.34
CA ASN D 134 7.99 13.47 -22.36
C ASN D 134 8.58 14.15 -21.16
N SER D 135 9.10 13.39 -20.21
CA SER D 135 9.59 13.98 -18.96
C SER D 135 11.10 13.86 -18.80
N PRO D 136 11.80 14.95 -19.09
CA PRO D 136 13.29 15.02 -19.02
C PRO D 136 13.82 14.59 -17.66
N ALA D 137 13.01 14.67 -16.63
CA ALA D 137 13.45 14.22 -15.32
C ALA D 137 13.63 12.72 -15.29
N SER D 138 12.87 12.00 -16.12
CA SER D 138 12.99 10.55 -16.25
C SER D 138 14.34 10.11 -16.72
N TYR D 139 14.96 10.87 -17.63
CA TYR D 139 16.27 10.49 -18.17
C TYR D 139 17.44 11.40 -17.81
N ILE D 140 17.32 12.11 -16.71
CA ILE D 140 18.38 12.91 -16.17
C ILE D 140 19.73 12.18 -15.98
N PHE D 141 19.75 10.87 -15.84
CA PHE D 141 21.01 10.09 -15.73
C PHE D 141 21.54 9.64 -17.12
N HIS D 142 20.75 9.71 -18.19
CA HIS D 142 21.27 9.36 -19.53
C HIS D 142 20.63 10.23 -20.56
N PRO D 143 20.87 11.53 -20.49
CA PRO D 143 20.05 12.32 -21.45
C PRO D 143 20.67 12.19 -22.86
N GLU D 144 21.90 11.70 -22.94
CA GLU D 144 22.49 11.34 -24.27
C GLU D 144 21.75 10.27 -25.05
N ASN D 145 20.91 9.49 -24.36
CA ASN D 145 20.11 8.39 -24.92
C ASN D 145 18.66 8.84 -25.19
N ALA D 146 18.26 10.04 -24.79
CA ALA D 146 16.84 10.41 -24.93
C ALA D 146 16.47 10.91 -26.31
N VAL D 147 15.24 10.69 -26.70
CA VAL D 147 14.69 11.36 -27.90
C VAL D 147 13.53 12.11 -27.37
N PRO D 148 13.65 13.43 -27.18
CA PRO D 148 12.65 14.20 -26.46
C PRO D 148 11.31 14.30 -27.19
N VAL D 149 10.23 14.37 -26.43
CA VAL D 149 8.93 14.64 -26.95
C VAL D 149 8.21 15.63 -26.03
N GLN D 150 7.30 16.36 -26.63
CA GLN D 150 6.48 17.34 -25.94
C GLN D 150 5.36 16.53 -25.25
N SER D 151 4.97 16.98 -24.06
CA SER D 151 3.86 16.41 -23.32
C SER D 151 2.54 16.70 -24.02
N TRP D 152 1.74 15.66 -24.25
CA TRP D 152 0.44 15.78 -24.93
C TRP D 152 -0.79 15.49 -24.05
N PHE D 153 -1.79 16.34 -24.20
CA PHE D 153 -3.00 16.29 -23.41
C PHE D 153 -4.22 16.12 -24.29
N ASP D 154 -4.50 17.07 -25.17
CA ASP D 154 -5.74 16.96 -25.95
C ASP D 154 -5.65 17.52 -27.35
N ASP D 155 -4.61 18.32 -27.56
CA ASP D 155 -4.32 18.97 -28.85
C ASP D 155 -4.32 17.99 -30.04
N MET D 156 -5.42 17.95 -30.80
CA MET D 156 -5.53 17.07 -31.97
C MET D 156 -4.81 17.60 -33.18
N ALA D 157 -4.29 18.82 -33.09
CA ALA D 157 -3.33 19.30 -34.10
C ALA D 157 -1.91 18.70 -33.95
N ASP D 158 -1.55 18.20 -32.77
CA ASP D 158 -0.19 17.67 -32.50
C ASP D 158 0.38 16.84 -33.63
N THR D 159 1.64 17.10 -34.01
CA THR D 159 2.33 16.30 -35.06
C THR D 159 3.61 15.59 -34.60
N GLU D 160 3.86 15.66 -33.31
CA GLU D 160 5.05 15.10 -32.71
C GLU D 160 5.34 13.63 -33.04
N LEU D 161 4.38 12.74 -32.90
CA LEU D 161 4.65 11.35 -33.24
C LEU D 161 4.92 11.14 -34.70
N LEU D 162 4.19 11.85 -35.55
CA LEU D 162 4.47 11.83 -36.98
C LEU D 162 5.91 12.21 -37.23
N ASN D 163 6.32 13.35 -36.70
CA ASN D 163 7.71 13.78 -36.84
C ASN D 163 8.76 12.86 -36.27
N LEU D 164 8.40 12.01 -35.29
CA LEU D 164 9.38 11.07 -34.72
C LEU D 164 9.63 9.95 -35.71
N ILE D 165 8.70 9.70 -36.59
CA ILE D 165 8.85 8.53 -37.39
C ILE D 165 10.16 8.56 -38.20
N PRO D 166 10.37 9.65 -38.99
CA PRO D 166 11.56 9.71 -39.83
C PRO D 166 12.84 9.92 -39.03
N ILE D 167 12.73 10.49 -37.83
CA ILE D 167 13.85 10.52 -36.92
C ILE D 167 14.27 9.10 -36.49
N PHE D 168 13.33 8.23 -36.20
CA PHE D 168 13.70 6.92 -35.71
C PHE D 168 14.18 6.05 -36.81
N GLU D 169 13.54 6.19 -37.99
CA GLU D 169 13.95 5.46 -39.20
C GLU D 169 15.47 5.55 -39.53
N GLU D 170 16.01 6.78 -39.45
CA GLU D 170 17.44 7.07 -39.60
C GLU D 170 18.28 6.39 -38.48
N LEU D 171 17.80 6.48 -37.22
CA LEU D 171 18.48 5.87 -36.06
C LEU D 171 18.53 4.37 -36.14
N SER D 172 17.55 3.79 -36.82
CA SER D 172 17.20 2.41 -36.59
C SER D 172 18.29 1.44 -36.95
N GLY D 173 19.07 1.71 -37.98
CA GLY D 173 20.13 0.77 -38.35
C GLY D 173 21.48 0.98 -37.64
N ALA D 174 21.61 2.03 -36.83
CA ALA D 174 22.90 2.48 -36.29
C ALA D 174 23.53 1.50 -35.29
N GLU D 175 24.81 1.21 -35.41
CA GLU D 175 25.46 0.36 -34.42
C GLU D 175 25.71 1.02 -33.06
N ASP D 176 25.60 2.33 -32.97
CA ASP D 176 25.93 3.05 -31.77
C ASP D 176 25.14 4.36 -31.73
N VAL D 177 24.02 4.39 -30.99
CA VAL D 177 23.10 5.51 -31.02
C VAL D 177 23.80 6.84 -30.76
N TYR D 178 24.98 6.80 -30.10
CA TYR D 178 25.63 8.01 -29.59
C TYR D 178 26.34 8.75 -30.70
N THR D 179 26.25 8.24 -31.93
CA THR D 179 26.55 9.04 -33.13
C THR D 179 25.29 9.79 -33.68
N SER D 180 24.70 9.23 -34.72
CA SER D 180 23.24 9.23 -34.99
C SER D 180 22.32 10.28 -34.30
N LEU D 181 22.57 10.58 -33.03
CA LEU D 181 21.64 11.43 -32.27
C LEU D 181 21.92 12.93 -32.40
N GLY D 182 23.20 13.32 -32.38
CA GLY D 182 23.59 14.67 -32.79
C GLY D 182 23.51 14.75 -34.32
N CYS E 5 34.31 -5.56 9.21
CA CYS E 5 35.59 -4.77 9.30
C CYS E 5 36.51 -4.93 8.07
N LEU E 6 36.92 -3.80 7.47
CA LEU E 6 37.06 -3.69 6.00
C LEU E 6 37.94 -2.56 5.46
N LEU E 7 38.11 -1.48 6.22
CA LEU E 7 39.16 -0.49 5.95
C LEU E 7 40.48 -0.84 6.67
N PRO E 8 41.64 -0.48 6.09
CA PRO E 8 42.92 -0.48 6.81
C PRO E 8 42.85 0.10 8.22
N GLU E 9 43.71 -0.43 9.08
CA GLU E 9 43.94 0.12 10.43
C GLU E 9 44.10 1.61 10.19
N VAL E 10 43.48 2.49 10.99
CA VAL E 10 43.68 3.94 10.80
C VAL E 10 45.17 4.34 10.72
N THR E 11 45.46 5.62 10.47
CA THR E 11 46.84 6.05 10.48
C THR E 11 47.09 7.05 11.58
N GLU E 12 48.35 7.11 12.02
CA GLU E 12 48.74 8.09 13.01
C GLU E 12 48.35 9.45 12.42
N GLU E 13 48.58 9.66 11.13
CA GLU E 13 48.22 10.96 10.58
C GLU E 13 46.71 11.26 10.65
N ASP E 14 45.88 10.21 10.64
CA ASP E 14 44.41 10.39 10.75
C ASP E 14 43.84 10.19 12.16
N GLN E 15 44.58 9.44 12.99
CA GLN E 15 44.30 9.17 14.41
C GLN E 15 42.89 9.47 14.89
N GLY E 16 42.59 10.75 15.10
CA GLY E 16 41.29 11.05 15.71
C GLY E 16 40.35 11.78 14.80
N ARG E 17 40.45 11.53 13.50
CA ARG E 17 39.52 12.23 12.63
C ARG E 17 38.33 11.35 12.31
N ILE E 18 37.24 12.05 12.03
CA ILE E 18 36.07 11.44 11.46
C ILE E 18 36.33 10.87 10.08
N CYS E 19 36.03 9.60 9.92
CA CYS E 19 36.05 8.94 8.63
C CYS E 19 34.95 9.46 7.73
N VAL E 20 35.29 9.91 6.52
CA VAL E 20 34.26 10.40 5.62
C VAL E 20 34.32 9.58 4.38
N VAL E 21 33.14 9.10 4.04
CA VAL E 21 32.93 8.18 2.94
C VAL E 21 32.14 8.93 1.88
N ILE E 22 32.73 8.84 0.70
CA ILE E 22 32.42 9.70 -0.39
C ILE E 22 32.30 8.80 -1.59
N ASP E 23 31.20 9.04 -2.31
CA ASP E 23 30.88 8.39 -3.54
C ASP E 23 31.34 9.20 -4.76
N LEU E 24 31.71 8.47 -5.81
CA LEU E 24 32.22 8.97 -7.07
C LEU E 24 31.16 9.53 -8.05
N ASP E 25 30.48 8.62 -8.73
CA ASP E 25 29.46 8.97 -9.73
C ASP E 25 28.38 9.91 -9.29
N GLU E 26 28.22 10.97 -10.05
CA GLU E 26 27.23 12.01 -9.77
C GLU E 26 27.41 12.71 -8.43
N THR E 27 28.41 12.31 -7.67
CA THR E 27 28.77 13.02 -6.45
C THR E 27 29.97 13.96 -6.73
N LEU E 28 31.06 13.35 -7.13
CA LEU E 28 32.32 13.99 -7.44
C LEU E 28 32.46 14.18 -8.92
N VAL E 29 32.21 13.12 -9.70
CA VAL E 29 32.24 13.19 -11.19
C VAL E 29 30.92 12.90 -11.90
N HIS E 30 30.98 12.83 -13.22
CA HIS E 30 29.86 12.33 -14.02
C HIS E 30 30.47 11.85 -15.31
N SER E 31 30.20 10.59 -15.66
CA SER E 31 30.80 9.88 -16.79
C SER E 31 29.78 9.63 -17.86
N SER E 32 30.26 9.26 -19.05
CA SER E 32 29.37 9.02 -20.16
C SER E 32 30.17 8.37 -21.21
N PHE E 33 29.48 7.50 -21.97
CA PHE E 33 30.03 6.81 -23.14
C PHE E 33 29.83 7.62 -24.41
N LYS E 34 29.00 8.63 -24.39
CA LYS E 34 28.95 9.55 -25.51
C LYS E 34 30.08 10.60 -25.46
N PRO E 35 30.95 10.64 -26.50
CA PRO E 35 32.10 11.53 -26.57
C PRO E 35 31.71 12.95 -26.28
N ILE E 36 32.38 13.56 -25.31
CA ILE E 36 32.35 14.99 -25.21
C ILE E 36 33.69 15.65 -25.44
N ASN E 37 33.56 16.87 -25.90
CA ASN E 37 34.66 17.69 -26.18
C ASN E 37 35.18 18.40 -24.92
N ASN E 38 36.50 18.43 -24.73
CA ASN E 38 37.03 19.08 -23.51
C ASN E 38 36.51 18.34 -22.27
N ALA E 39 36.54 17.01 -22.32
CA ALA E 39 36.39 16.24 -21.12
C ALA E 39 37.56 16.57 -20.19
N ASP E 40 37.35 16.59 -18.89
CA ASP E 40 38.49 16.47 -17.97
C ASP E 40 39.26 15.15 -18.06
N PHE E 41 38.59 14.02 -18.13
CA PHE E 41 39.33 12.75 -18.31
C PHE E 41 38.64 11.89 -19.36
N ILE E 42 39.46 11.05 -20.01
CA ILE E 42 39.00 10.01 -20.87
C ILE E 42 39.67 8.70 -20.43
N VAL E 43 38.88 7.69 -20.04
CA VAL E 43 39.59 6.47 -19.60
C VAL E 43 39.08 5.29 -20.36
N PRO E 44 40.00 4.50 -20.94
CA PRO E 44 39.57 3.38 -21.77
C PRO E 44 39.19 2.25 -20.87
N ILE E 45 38.16 1.52 -21.21
CA ILE E 45 37.70 0.48 -20.33
C ILE E 45 37.38 -0.78 -21.18
N GLU E 46 37.71 -1.96 -20.69
CA GLU E 46 37.54 -3.16 -21.48
C GLU E 46 36.20 -3.76 -21.06
N ILE E 47 35.27 -3.88 -21.99
CA ILE E 47 33.96 -4.43 -21.63
C ILE E 47 33.60 -5.51 -22.63
N GLU E 48 33.61 -6.75 -22.13
CA GLU E 48 33.34 -7.96 -22.91
C GLU E 48 34.26 -8.14 -24.16
N GLY E 49 35.53 -7.79 -23.97
CA GLY E 49 36.54 -7.90 -25.03
C GLY E 49 36.76 -6.66 -25.88
N THR E 50 36.05 -5.57 -25.60
CA THR E 50 36.16 -4.41 -26.49
C THR E 50 36.39 -3.20 -25.64
N THR E 51 37.22 -2.26 -26.10
CA THR E 51 37.52 -1.11 -25.26
C THR E 51 36.61 0.06 -25.58
N HIS E 52 36.03 0.65 -24.55
CA HIS E 52 35.24 1.83 -24.76
C HIS E 52 35.88 2.99 -24.03
N GLN E 53 35.76 4.18 -24.61
CA GLN E 53 36.24 5.40 -23.98
C GLN E 53 35.24 5.90 -22.94
N VAL E 54 35.68 6.08 -21.71
CA VAL E 54 34.82 6.80 -20.81
C VAL E 54 35.24 8.24 -20.73
N TYR E 55 34.26 9.14 -20.82
CA TYR E 55 34.42 10.58 -20.89
C TYR E 55 33.92 11.19 -19.58
N VAL E 56 34.84 11.73 -18.77
CA VAL E 56 34.52 12.15 -17.39
C VAL E 56 34.55 13.67 -17.29
N LEU E 57 33.53 14.29 -16.72
CA LEU E 57 33.63 15.67 -16.26
C LEU E 57 33.78 15.80 -14.75
N LYS E 58 34.69 16.65 -14.29
CA LYS E 58 34.79 16.98 -12.88
C LYS E 58 33.70 17.95 -12.46
N ARG E 59 33.04 17.68 -11.36
CA ARG E 59 32.14 18.67 -10.77
C ARG E 59 32.91 19.94 -10.34
N PRO E 60 32.28 21.13 -10.50
CA PRO E 60 32.96 22.35 -10.05
C PRO E 60 33.47 22.33 -8.59
N TYR E 61 34.70 22.79 -8.36
CA TYR E 61 35.25 23.00 -7.00
C TYR E 61 35.63 21.71 -6.34
N VAL E 62 35.91 20.67 -7.14
CA VAL E 62 36.11 19.35 -6.53
C VAL E 62 37.50 19.25 -6.02
N ASP E 63 38.48 19.66 -6.83
CA ASP E 63 39.89 19.75 -6.43
C ASP E 63 40.05 20.58 -5.13
N GLU E 64 39.41 21.75 -5.01
CA GLU E 64 39.55 22.52 -3.79
C GLU E 64 38.84 21.84 -2.67
N PHE E 65 37.67 21.26 -3.01
CA PHE E 65 36.91 20.45 -2.06
C PHE E 65 37.72 19.29 -1.53
N LEU E 66 38.27 18.45 -2.37
CA LEU E 66 39.01 17.32 -1.86
C LEU E 66 40.27 17.79 -1.18
N ARG E 67 40.67 19.03 -1.49
CA ARG E 67 41.88 19.60 -0.93
C ARG E 67 41.62 19.83 0.55
N ARG E 68 40.51 20.48 0.83
CA ARG E 68 40.20 20.85 2.16
C ARG E 68 40.00 19.61 3.00
N MET E 69 39.07 18.74 2.59
CA MET E 69 38.71 17.52 3.31
C MET E 69 39.86 16.58 3.62
N GLY E 70 40.83 16.49 2.76
CA GLY E 70 41.96 15.61 3.03
C GLY E 70 42.90 16.09 4.17
N GLU E 71 42.70 17.33 4.63
CA GLU E 71 43.37 17.84 5.82
C GLU E 71 42.52 17.50 7.02
N LEU E 72 41.23 17.76 6.86
CA LEU E 72 40.28 17.70 7.92
C LEU E 72 39.74 16.31 8.29
N PHE E 73 39.85 15.29 7.42
CA PHE E 73 39.22 13.98 7.69
C PHE E 73 40.01 12.80 7.22
N GLU E 74 39.48 11.60 7.44
CA GLU E 74 40.10 10.39 6.89
C GLU E 74 39.15 10.10 5.75
N CYS E 75 39.51 10.52 4.53
CA CYS E 75 38.63 10.43 3.36
C CYS E 75 38.62 9.04 2.77
N VAL E 76 37.43 8.48 2.58
CA VAL E 76 37.38 7.19 1.87
C VAL E 76 36.48 7.22 0.62
N LEU E 77 36.87 6.46 -0.40
CA LEU E 77 36.07 6.30 -1.62
C LEU E 77 35.29 5.02 -1.47
N PHE E 78 33.97 5.16 -1.43
CA PHE E 78 33.07 4.01 -1.37
C PHE E 78 32.09 4.11 -2.48
N THR E 79 32.24 3.25 -3.47
CA THR E 79 31.43 3.30 -4.67
C THR E 79 30.79 1.92 -5.01
N ALA E 80 29.66 1.94 -5.72
CA ALA E 80 29.02 0.74 -6.28
C ALA E 80 29.53 0.40 -7.71
N SER E 81 30.38 1.26 -8.26
CA SER E 81 30.91 1.00 -9.60
C SER E 81 31.87 -0.15 -9.51
N LEU E 82 32.15 -0.81 -10.62
CA LEU E 82 33.27 -1.73 -10.59
C LEU E 82 34.63 -1.02 -10.50
N ALA E 83 35.62 -1.71 -9.98
CA ALA E 83 36.90 -1.05 -9.77
C ALA E 83 37.54 -0.77 -11.13
N LYS E 84 37.26 -1.62 -12.12
CA LYS E 84 37.92 -1.48 -13.44
C LYS E 84 37.68 -0.13 -14.05
N TYR E 85 36.51 0.44 -13.73
CA TYR E 85 36.21 1.83 -14.05
C TYR E 85 36.60 2.80 -12.96
N ALA E 86 36.36 2.44 -11.69
CA ALA E 86 36.50 3.45 -10.62
C ALA E 86 37.94 3.74 -10.21
N ASP E 87 38.78 2.71 -10.20
CA ASP E 87 40.20 2.88 -9.93
C ASP E 87 40.82 3.90 -10.88
N PRO E 88 40.82 3.62 -12.22
CA PRO E 88 41.49 4.57 -13.10
C PRO E 88 40.88 5.93 -12.97
N VAL E 89 39.58 6.02 -12.73
CA VAL E 89 39.03 7.35 -12.64
C VAL E 89 39.61 8.07 -11.43
N THR E 90 39.74 7.39 -10.29
CA THR E 90 40.16 8.08 -9.05
C THR E 90 41.68 8.40 -9.07
N ASP E 91 42.44 7.46 -9.62
CA ASP E 91 43.81 7.73 -9.98
C ASP E 91 43.95 9.12 -10.64
N LEU E 92 42.99 9.57 -11.45
CA LEU E 92 43.18 10.88 -12.10
C LEU E 92 42.60 12.07 -11.32
N LEU E 93 41.62 11.75 -10.50
CA LEU E 93 40.82 12.72 -9.77
C LEU E 93 41.55 13.05 -8.51
N ASP E 94 42.12 12.03 -7.85
CA ASP E 94 42.74 12.12 -6.51
C ASP E 94 44.26 12.01 -6.63
N ARG E 95 44.87 13.18 -6.83
CA ARG E 95 46.30 13.24 -7.22
C ARG E 95 47.21 13.25 -5.99
N CYS E 96 46.88 14.17 -5.08
CA CYS E 96 47.52 14.24 -3.78
C CYS E 96 47.34 12.98 -2.97
N GLY E 97 46.33 12.14 -3.31
CA GLY E 97 46.06 10.91 -2.56
C GLY E 97 45.30 11.15 -1.26
N VAL E 98 44.36 12.08 -1.29
CA VAL E 98 43.36 12.18 -0.25
C VAL E 98 42.64 10.83 0.08
N PHE E 99 42.70 9.81 -0.80
CA PHE E 99 41.87 8.64 -0.57
C PHE E 99 42.68 7.55 0.01
N ARG E 100 42.54 7.41 1.33
CA ARG E 100 43.40 6.51 2.05
C ARG E 100 42.98 5.10 1.67
N ALA E 101 41.73 4.98 1.21
CA ALA E 101 41.20 3.67 0.77
C ALA E 101 40.11 3.81 -0.26
N ARG E 102 39.87 2.69 -0.94
CA ARG E 102 38.88 2.63 -1.99
C ARG E 102 38.05 1.39 -1.84
N LEU E 103 36.75 1.60 -1.74
CA LEU E 103 35.84 0.49 -1.80
C LEU E 103 34.82 0.52 -2.97
N PHE E 104 34.67 -0.64 -3.61
CA PHE E 104 33.92 -0.77 -4.83
C PHE E 104 32.72 -1.68 -4.67
N ARG E 105 32.01 -1.93 -5.77
CA ARG E 105 30.79 -2.76 -5.78
C ARG E 105 30.83 -3.89 -4.79
N GLU E 106 31.88 -4.67 -4.78
CA GLU E 106 31.87 -5.93 -4.05
C GLU E 106 31.99 -5.78 -2.52
N SER E 107 32.26 -4.58 -2.04
CA SER E 107 32.22 -4.23 -0.62
C SER E 107 30.83 -3.64 -0.19
N CYS E 108 29.91 -3.53 -1.15
CA CYS E 108 28.54 -3.05 -0.94
C CYS E 108 27.71 -4.22 -0.54
N VAL E 109 26.60 -4.02 0.14
CA VAL E 109 25.73 -5.17 0.31
C VAL E 109 24.63 -5.07 -0.71
N PHE E 110 24.18 -6.22 -1.22
CA PHE E 110 23.17 -6.25 -2.25
C PHE E 110 21.83 -6.31 -1.53
N HIS E 111 20.98 -5.31 -1.77
CA HIS E 111 19.71 -5.16 -1.12
C HIS E 111 18.56 -5.11 -2.16
N GLN E 112 18.01 -6.26 -2.54
CA GLN E 112 17.09 -6.39 -3.70
C GLN E 112 17.34 -5.46 -4.88
N GLY E 113 18.38 -5.67 -5.65
CA GLY E 113 18.58 -4.88 -6.89
C GLY E 113 19.53 -3.73 -6.69
N CYS E 114 19.69 -3.34 -5.44
CA CYS E 114 20.20 -2.07 -4.98
C CYS E 114 21.49 -2.19 -4.16
N TYR E 115 22.45 -1.29 -4.35
CA TYR E 115 23.73 -1.51 -3.70
C TYR E 115 23.85 -0.59 -2.50
N VAL E 116 23.96 -1.17 -1.32
CA VAL E 116 24.05 -0.38 -0.11
C VAL E 116 25.43 -0.37 0.52
N LYS E 117 25.77 0.80 1.06
CA LYS E 117 27.04 1.05 1.75
C LYS E 117 26.76 0.95 3.24
N ASP E 118 27.14 -0.20 3.77
CA ASP E 118 26.85 -0.59 5.14
C ASP E 118 28.06 -0.10 5.94
N LEU E 119 27.87 1.06 6.53
CA LEU E 119 28.89 1.76 7.29
C LEU E 119 29.46 0.95 8.44
N SER E 120 28.70 -0.04 8.91
CA SER E 120 29.02 -0.74 10.10
C SER E 120 30.02 -1.74 9.76
N ARG E 121 30.28 -1.96 8.48
CA ARG E 121 31.35 -2.91 8.03
C ARG E 121 32.67 -2.19 7.85
N LEU E 122 32.67 -0.88 7.92
CA LEU E 122 33.92 -0.15 7.79
C LEU E 122 35.00 -0.53 8.84
N GLY E 123 34.66 -0.52 10.13
CA GLY E 123 35.67 -0.76 11.15
C GLY E 123 36.04 0.55 11.81
N ARG E 124 35.12 1.50 11.76
CA ARG E 124 35.26 2.78 12.39
C ARG E 124 34.15 2.81 13.43
N ASP E 125 33.84 3.99 13.95
CA ASP E 125 32.84 4.12 14.98
C ASP E 125 31.83 5.03 14.35
N LEU E 126 30.61 4.53 14.26
CA LEU E 126 29.60 5.27 13.51
C LEU E 126 29.28 6.60 14.16
N ARG E 127 29.80 6.82 15.37
CA ARG E 127 29.65 8.11 16.06
C ARG E 127 30.54 9.17 15.41
N LYS E 128 31.64 8.70 14.78
CA LYS E 128 32.54 9.51 13.94
C LYS E 128 32.66 8.97 12.46
N THR E 129 31.52 8.72 11.81
CA THR E 129 31.54 8.49 10.40
C THR E 129 30.52 9.29 9.63
N LEU E 130 30.96 9.82 8.49
CA LEU E 130 30.02 10.50 7.64
C LEU E 130 29.99 9.90 6.25
N ILE E 131 28.87 10.01 5.57
CA ILE E 131 28.77 9.54 4.18
C ILE E 131 28.30 10.67 3.33
N LEU E 132 29.06 11.01 2.28
CA LEU E 132 28.61 12.00 1.30
C LEU E 132 28.24 11.28 0.02
N ASP E 133 27.01 11.48 -0.47
CA ASP E 133 26.43 10.59 -1.52
C ASP E 133 25.19 11.22 -1.99
N ASN E 134 24.84 11.02 -3.25
CA ASN E 134 23.69 11.71 -3.88
C ASN E 134 22.49 10.77 -3.95
N SER E 135 22.73 9.48 -3.70
CA SER E 135 21.60 8.52 -3.62
C SER E 135 21.26 8.06 -2.21
N PRO E 136 20.12 8.51 -1.68
CA PRO E 136 19.63 7.98 -0.37
C PRO E 136 19.64 6.45 -0.33
N ALA E 137 19.44 5.73 -1.44
CA ALA E 137 19.63 4.28 -1.40
C ALA E 137 20.98 3.82 -0.94
N SER E 138 22.03 4.58 -1.19
CA SER E 138 23.33 4.16 -0.73
C SER E 138 23.45 3.99 0.75
N TYR E 139 22.67 4.74 1.54
CA TYR E 139 22.77 4.63 2.97
C TYR E 139 21.47 4.26 3.72
N ILE E 140 20.77 3.23 3.24
CA ILE E 140 19.52 2.77 3.80
C ILE E 140 19.67 2.35 5.25
N PHE E 141 20.85 1.84 5.62
CA PHE E 141 21.09 1.35 6.96
C PHE E 141 21.51 2.43 7.85
N HIS E 142 22.03 3.52 7.30
CA HIS E 142 22.57 4.63 8.10
C HIS E 142 22.19 6.01 7.59
N PRO E 143 20.88 6.34 7.51
CA PRO E 143 20.59 7.64 6.93
C PRO E 143 20.96 8.78 7.89
N GLU E 144 21.27 8.46 9.13
CA GLU E 144 21.55 9.51 10.12
C GLU E 144 23.05 9.88 10.15
N ASN E 145 23.82 9.21 9.29
CA ASN E 145 25.21 9.47 9.12
C ASN E 145 25.50 10.23 7.85
N ALA E 146 24.46 10.76 7.23
CA ALA E 146 24.56 11.19 5.86
C ALA E 146 24.48 12.68 5.68
N VAL E 147 25.28 13.20 4.76
CA VAL E 147 25.17 14.59 4.38
C VAL E 147 24.72 14.51 2.95
N PRO E 148 23.43 14.70 2.67
CA PRO E 148 23.01 14.60 1.28
C PRO E 148 23.66 15.60 0.39
N VAL E 149 23.76 15.27 -0.89
CA VAL E 149 24.25 16.19 -1.93
C VAL E 149 23.46 15.90 -3.18
N GLN E 150 22.93 16.93 -3.77
CA GLN E 150 22.29 16.89 -5.06
C GLN E 150 23.16 16.20 -6.06
N SER E 151 22.50 15.44 -6.92
CA SER E 151 23.14 14.76 -8.03
C SER E 151 23.85 15.75 -9.01
N TRP E 152 25.07 15.47 -9.45
CA TRP E 152 25.66 16.37 -10.47
C TRP E 152 25.88 15.68 -11.83
N PHE E 153 25.54 16.37 -12.92
CA PHE E 153 25.80 15.81 -14.29
C PHE E 153 26.67 16.68 -15.20
N ASP E 154 26.27 17.92 -15.42
CA ASP E 154 26.90 18.76 -16.43
C ASP E 154 26.76 20.29 -16.09
N ASP E 155 26.09 20.65 -15.02
CA ASP E 155 25.76 22.06 -14.80
C ASP E 155 26.94 22.82 -14.25
N MET E 156 27.59 23.62 -15.07
CA MET E 156 28.83 24.21 -14.65
C MET E 156 28.63 25.43 -13.74
N ALA E 157 27.40 25.69 -13.29
CA ALA E 157 27.11 26.72 -12.31
C ALA E 157 26.96 26.09 -10.95
N ASP E 158 27.08 24.78 -10.88
CA ASP E 158 26.94 24.10 -9.61
C ASP E 158 27.97 24.64 -8.64
N THR E 159 27.54 24.95 -7.42
CA THR E 159 28.47 25.37 -6.40
C THR E 159 28.43 24.44 -5.20
N GLU E 160 27.63 23.35 -5.28
CA GLU E 160 27.25 22.56 -4.08
C GLU E 160 28.42 22.13 -3.25
N LEU E 161 29.49 21.68 -3.89
CA LEU E 161 30.63 21.16 -3.19
C LEU E 161 31.37 22.27 -2.47
N LEU E 162 31.28 23.47 -3.02
CA LEU E 162 31.91 24.63 -2.37
C LEU E 162 31.13 25.08 -1.12
N ASN E 163 29.81 25.20 -1.24
CA ASN E 163 28.95 25.42 -0.07
C ASN E 163 29.15 24.36 1.03
N LEU E 164 29.80 23.25 0.70
CA LEU E 164 29.88 22.17 1.67
C LEU E 164 31.13 22.22 2.51
N ILE E 165 32.17 22.91 2.06
CA ILE E 165 33.45 22.86 2.79
C ILE E 165 33.31 23.39 4.22
N PRO E 166 32.60 24.53 4.40
CA PRO E 166 32.52 25.04 5.75
C PRO E 166 31.65 24.15 6.63
N ILE E 167 30.74 23.42 6.00
CA ILE E 167 29.83 22.54 6.73
C ILE E 167 30.62 21.40 7.34
N PHE E 168 31.46 20.76 6.55
CA PHE E 168 32.30 19.77 7.19
C PHE E 168 33.29 20.46 8.11
N GLU E 169 33.64 21.70 7.79
CA GLU E 169 34.62 22.43 8.63
C GLU E 169 34.01 22.50 10.03
N GLU E 170 32.77 22.95 10.11
CA GLU E 170 32.04 22.96 11.37
C GLU E 170 32.05 21.58 12.07
N LEU E 171 31.96 20.48 11.31
CA LEU E 171 31.90 19.14 11.94
C LEU E 171 33.25 18.46 12.14
N SER E 172 34.29 18.94 11.46
CA SER E 172 35.60 18.32 11.52
C SER E 172 36.00 17.82 12.92
N GLY E 173 35.71 18.64 13.94
CA GLY E 173 36.14 18.33 15.30
C GLY E 173 35.03 18.01 16.27
N ALA E 174 33.96 17.39 15.78
CA ALA E 174 32.91 16.87 16.62
C ALA E 174 33.28 15.41 16.97
N GLU E 175 32.75 14.91 18.08
CA GLU E 175 33.06 13.54 18.52
C GLU E 175 31.78 12.70 18.57
N ASP E 176 30.65 13.37 18.35
CA ASP E 176 29.34 12.75 18.09
C ASP E 176 28.66 13.48 16.96
N VAL E 177 28.93 12.99 15.74
CA VAL E 177 28.35 13.56 14.51
C VAL E 177 26.83 13.59 14.56
N TYR E 178 26.21 12.68 15.31
CA TYR E 178 24.76 12.70 15.44
C TYR E 178 24.20 13.98 16.00
N THR E 179 24.89 14.58 16.97
CA THR E 179 24.37 15.82 17.58
C THR E 179 24.49 17.00 16.63
N SER E 180 25.72 17.27 16.19
CA SER E 180 26.04 18.34 15.24
C SER E 180 25.07 18.37 14.07
N LEU E 181 24.58 17.21 13.66
CA LEU E 181 23.69 17.14 12.52
C LEU E 181 22.27 17.50 12.91
N GLY E 182 21.96 17.29 14.19
CA GLY E 182 20.70 17.74 14.75
C GLY E 182 20.75 19.24 14.75
N GLN E 183 21.90 19.78 15.18
CA GLN E 183 22.13 21.23 15.25
C GLN E 183 22.76 21.79 13.95
N CYS F 5 -19.37 12.01 10.07
CA CYS F 5 -18.60 13.16 10.68
C CYS F 5 -17.11 12.94 10.68
N LEU F 6 -16.40 13.75 9.94
CA LEU F 6 -14.97 13.69 10.00
C LEU F 6 -14.47 14.15 11.39
N LEU F 7 -15.13 15.13 12.02
CA LEU F 7 -14.63 15.71 13.26
C LEU F 7 -15.47 15.38 14.47
N PRO F 8 -14.85 15.30 15.65
CA PRO F 8 -15.63 15.11 16.85
C PRO F 8 -16.41 16.35 17.23
N GLU F 9 -17.30 16.26 18.22
CA GLU F 9 -17.90 17.44 18.84
C GLU F 9 -16.84 18.41 19.28
N VAL F 10 -17.13 19.67 18.95
CA VAL F 10 -16.37 20.85 19.30
C VAL F 10 -16.20 20.99 20.82
N THR F 11 -15.11 21.60 21.22
CA THR F 11 -14.74 21.63 22.62
C THR F 11 -15.22 22.96 23.15
N GLU F 12 -15.38 23.06 24.48
CA GLU F 12 -15.68 24.34 25.17
C GLU F 12 -14.91 25.48 24.53
N GLU F 13 -13.59 25.32 24.42
CA GLU F 13 -12.73 26.40 23.95
C GLU F 13 -13.25 26.97 22.63
N ASP F 14 -13.76 26.11 21.76
CA ASP F 14 -14.08 26.52 20.40
C ASP F 14 -15.58 26.64 20.12
N GLN F 15 -16.37 26.45 21.17
CA GLN F 15 -17.83 26.37 21.08
C GLN F 15 -18.45 27.43 20.13
N GLY F 16 -18.13 28.68 20.30
CA GLY F 16 -18.78 29.59 19.39
C GLY F 16 -18.19 29.76 18.00
N ARG F 17 -17.03 29.20 17.72
CA ARG F 17 -16.30 29.75 16.63
C ARG F 17 -16.64 29.09 15.35
N ILE F 18 -16.37 29.80 14.27
CA ILE F 18 -16.44 29.32 12.92
C ILE F 18 -15.27 28.39 12.71
N CYS F 19 -15.48 27.28 12.01
CA CYS F 19 -14.45 26.28 11.71
C CYS F 19 -13.79 26.62 10.39
N VAL F 20 -12.50 26.72 10.32
CA VAL F 20 -11.90 27.02 9.06
C VAL F 20 -11.04 25.84 8.80
N VAL F 21 -11.09 25.35 7.58
CA VAL F 21 -10.44 24.15 7.19
C VAL F 21 -9.29 24.53 6.24
N ILE F 22 -8.05 24.15 6.53
CA ILE F 22 -6.94 24.74 5.83
C ILE F 22 -6.03 23.69 5.23
N ASP F 23 -5.60 23.92 4.00
CA ASP F 23 -4.76 22.97 3.32
C ASP F 23 -3.33 23.32 3.63
N LEU F 24 -2.39 22.45 3.34
CA LEU F 24 -1.04 22.74 3.73
C LEU F 24 -0.23 23.05 2.50
N ASP F 25 -0.05 22.10 1.62
CA ASP F 25 0.80 22.25 0.44
C ASP F 25 0.30 23.27 -0.50
N GLU F 26 1.23 24.13 -0.92
CA GLU F 26 0.93 25.27 -1.76
C GLU F 26 0.03 26.35 -1.18
N THR F 27 -0.38 26.23 0.08
CA THR F 27 -1.19 27.24 0.76
C THR F 27 -0.40 27.85 1.94
N LEU F 28 0.34 27.05 2.67
CA LEU F 28 1.08 27.61 3.78
C LEU F 28 2.60 27.32 3.69
N VAL F 29 2.96 26.30 2.87
CA VAL F 29 4.31 25.92 2.69
C VAL F 29 4.45 25.44 1.26
N HIS F 30 5.66 25.05 0.87
CA HIS F 30 5.89 24.30 -0.34
C HIS F 30 7.17 23.54 0.00
N SER F 31 7.13 22.22 -0.16
CA SER F 31 8.27 21.33 0.06
C SER F 31 8.64 20.60 -1.23
N SER F 32 9.88 20.12 -1.27
CA SER F 32 10.38 19.45 -2.42
C SER F 32 11.37 18.38 -1.97
N PHE F 33 11.60 17.40 -2.84
CA PHE F 33 12.67 16.47 -2.60
C PHE F 33 14.01 16.92 -3.16
N LYS F 34 14.02 18.03 -3.89
CA LYS F 34 15.25 18.47 -4.51
C LYS F 34 15.97 19.37 -3.48
N PRO F 35 17.07 18.84 -2.88
CA PRO F 35 17.84 19.64 -1.88
C PRO F 35 17.99 21.09 -2.29
N ILE F 36 17.66 22.01 -1.38
CA ILE F 36 17.85 23.44 -1.59
C ILE F 36 18.28 24.12 -0.28
N ALA F 39 16.20 26.52 3.05
CA ALA F 39 14.94 25.87 3.46
C ALA F 39 14.74 26.11 4.94
N ASP F 40 13.52 26.48 5.31
CA ASP F 40 13.18 26.65 6.70
C ASP F 40 13.30 25.36 7.47
N PHE F 41 12.82 24.23 6.93
CA PHE F 41 13.03 22.92 7.58
C PHE F 41 13.35 21.82 6.60
N ILE F 42 14.01 20.80 7.15
CA ILE F 42 14.27 19.58 6.48
C ILE F 42 13.61 18.50 7.29
N VAL F 43 12.79 17.66 6.62
CA VAL F 43 12.15 16.53 7.28
C VAL F 43 12.42 15.24 6.54
N PRO F 44 13.12 14.32 7.20
CA PRO F 44 13.35 13.01 6.62
C PRO F 44 12.02 12.26 6.50
N ILE F 45 11.77 11.66 5.36
CA ILE F 45 10.55 10.88 5.17
C ILE F 45 10.95 9.56 4.55
N GLU F 46 10.52 8.45 5.14
CA GLU F 46 10.91 7.17 4.62
C GLU F 46 9.96 6.82 3.49
N ILE F 47 10.47 6.13 2.48
CA ILE F 47 9.70 5.66 1.34
C ILE F 47 10.14 4.23 0.98
N GLU F 48 9.17 3.32 0.89
CA GLU F 48 9.44 1.90 0.52
C GLU F 48 10.73 1.47 1.23
N GLY F 49 11.00 2.08 2.38
CA GLY F 49 12.20 1.71 3.08
C GLY F 49 13.34 2.71 3.12
N THR F 50 13.58 3.46 2.05
CA THR F 50 14.73 4.38 2.06
C THR F 50 14.29 5.75 2.57
N THR F 51 15.20 6.52 3.13
CA THR F 51 14.72 7.72 3.72
C THR F 51 15.26 8.85 2.92
N HIS F 52 14.37 9.71 2.46
CA HIS F 52 14.74 10.89 1.70
C HIS F 52 14.49 12.15 2.52
N GLN F 53 15.03 13.27 2.09
CA GLN F 53 14.85 14.53 2.79
C GLN F 53 13.86 15.36 2.04
N VAL F 54 13.05 16.05 2.79
CA VAL F 54 12.11 16.96 2.22
C VAL F 54 12.49 18.32 2.68
N TYR F 55 12.69 19.17 1.70
CA TYR F 55 13.07 20.56 1.90
C TYR F 55 11.76 21.32 1.93
N VAL F 56 11.49 22.00 3.04
CA VAL F 56 10.26 22.78 3.21
C VAL F 56 10.50 24.29 3.30
N LEU F 57 9.72 25.05 2.53
CA LEU F 57 9.71 26.51 2.61
C LEU F 57 8.43 27.12 3.14
N LYS F 58 8.54 28.00 4.14
CA LYS F 58 7.39 28.72 4.71
C LYS F 58 6.87 29.88 3.84
N ARG F 59 5.60 29.85 3.45
CA ARG F 59 5.04 31.01 2.83
C ARG F 59 5.27 32.17 3.78
N PRO F 60 5.48 33.40 3.23
CA PRO F 60 5.56 34.68 3.98
C PRO F 60 4.34 35.00 4.84
N TYR F 61 4.58 35.29 6.12
CA TYR F 61 3.51 35.68 7.10
C TYR F 61 2.87 34.52 7.78
N VAL F 62 3.27 33.33 7.35
CA VAL F 62 2.63 32.14 7.86
C VAL F 62 2.51 32.14 9.38
N ASP F 63 3.59 32.41 10.10
CA ASP F 63 3.53 32.33 11.54
C ASP F 63 2.45 33.26 12.06
N GLU F 64 2.36 34.45 11.46
CA GLU F 64 1.55 35.46 12.12
C GLU F 64 0.09 35.35 11.68
N PHE F 65 -0.12 34.73 10.51
CA PHE F 65 -1.46 34.30 10.09
C PHE F 65 -2.01 33.21 11.04
N LEU F 66 -1.24 32.14 11.25
CA LEU F 66 -1.73 31.03 12.06
C LEU F 66 -2.02 31.42 13.49
N ARG F 67 -1.18 32.27 14.07
CA ARG F 67 -1.41 32.78 15.41
C ARG F 67 -2.74 33.51 15.47
N ARG F 68 -3.00 34.37 14.48
CA ARG F 68 -4.26 35.11 14.45
C ARG F 68 -5.49 34.23 14.24
N MET F 69 -5.45 33.39 13.20
CA MET F 69 -6.51 32.44 12.94
C MET F 69 -6.80 31.69 14.22
N GLY F 70 -5.75 31.18 14.83
CA GLY F 70 -5.89 30.48 16.09
C GLY F 70 -6.54 31.23 17.24
N GLU F 71 -6.44 32.56 17.27
CA GLU F 71 -7.18 33.34 18.32
C GLU F 71 -8.66 33.34 18.01
N LEU F 72 -8.94 33.42 16.72
CA LEU F 72 -10.25 33.68 16.21
C LEU F 72 -11.13 32.51 15.77
N PHE F 73 -10.57 31.35 15.43
CA PHE F 73 -11.37 30.26 14.83
C PHE F 73 -11.10 28.94 15.45
N GLU F 74 -11.70 27.90 14.88
CA GLU F 74 -11.37 26.52 15.17
C GLU F 74 -10.60 26.10 13.94
N CYS F 75 -9.30 25.93 14.07
CA CYS F 75 -8.50 25.67 12.89
C CYS F 75 -8.34 24.19 12.72
N VAL F 76 -8.59 23.72 11.51
CA VAL F 76 -8.57 22.34 11.23
C VAL F 76 -7.68 22.11 10.02
N LEU F 77 -6.65 21.25 10.17
CA LEU F 77 -5.78 20.96 9.03
C LEU F 77 -6.50 19.95 8.15
N PHE F 78 -6.56 20.16 6.85
CA PHE F 78 -7.28 19.21 6.04
C PHE F 78 -6.54 19.17 4.74
N THR F 79 -5.67 18.20 4.58
CA THR F 79 -4.81 18.13 3.44
C THR F 79 -5.09 16.85 2.64
N ALA F 80 -4.73 16.79 1.36
CA ALA F 80 -4.84 15.54 0.56
C ALA F 80 -3.62 14.69 0.64
N SER F 81 -2.63 15.06 1.46
CA SER F 81 -1.43 14.26 1.53
C SER F 81 -1.56 13.25 2.63
N LEU F 82 -0.52 12.48 2.81
CA LEU F 82 -0.60 11.43 3.79
C LEU F 82 0.03 11.87 5.08
N ALA F 83 -0.49 11.38 6.18
CA ALA F 83 0.01 11.76 7.50
C ALA F 83 1.51 11.74 7.49
N LYS F 84 2.07 10.71 6.85
CA LYS F 84 3.53 10.41 6.85
C LYS F 84 4.35 11.66 6.59
N TYR F 85 3.81 12.53 5.71
CA TYR F 85 4.34 13.80 5.24
C TYR F 85 3.78 15.03 5.93
N ALA F 86 2.46 15.11 6.06
CA ALA F 86 1.83 16.30 6.67
C ALA F 86 2.24 16.44 8.13
N ASP F 87 2.26 15.35 8.88
CA ASP F 87 2.49 15.43 10.32
C ASP F 87 3.83 16.07 10.71
N PRO F 88 4.96 15.51 10.22
CA PRO F 88 6.24 16.14 10.62
C PRO F 88 6.40 17.55 10.05
N VAL F 89 5.81 17.85 8.89
CA VAL F 89 5.68 19.26 8.44
C VAL F 89 4.91 20.15 9.41
N THR F 90 3.63 19.84 9.71
CA THR F 90 2.78 20.62 10.64
C THR F 90 3.34 20.70 12.05
N ASP F 91 4.02 19.65 12.51
CA ASP F 91 4.64 19.69 13.82
C ASP F 91 5.58 20.89 13.93
N LEU F 92 6.26 21.24 12.84
CA LEU F 92 7.29 22.28 12.84
C LEU F 92 6.68 23.57 12.44
N LEU F 93 5.69 23.54 11.56
CA LEU F 93 5.08 24.75 11.11
C LEU F 93 4.25 25.38 12.20
N ASP F 94 3.37 24.65 12.83
CA ASP F 94 2.33 25.21 13.69
C ASP F 94 2.86 25.46 15.10
N ARG F 95 3.62 26.57 15.26
CA ARG F 95 4.23 26.83 16.60
C ARG F 95 3.23 27.10 17.77
N CYS F 96 2.07 27.67 17.47
CA CYS F 96 1.02 27.84 18.51
C CYS F 96 0.09 26.66 18.71
N GLY F 97 0.23 25.56 17.95
CA GLY F 97 -0.67 24.41 18.14
C GLY F 97 -2.10 24.90 17.89
N VAL F 98 -2.25 25.58 16.80
CA VAL F 98 -3.51 26.11 16.38
C VAL F 98 -4.38 24.97 15.83
N PHE F 99 -3.72 23.92 15.32
CA PHE F 99 -4.41 22.79 14.69
C PHE F 99 -4.72 21.72 15.73
N ARG F 100 -5.84 21.80 16.38
CA ARG F 100 -6.24 20.71 17.26
C ARG F 100 -6.76 19.50 16.50
N ALA F 101 -7.15 19.65 15.25
CA ALA F 101 -7.65 18.50 14.55
C ALA F 101 -6.88 18.42 13.22
N ARG F 102 -6.72 17.25 12.67
CA ARG F 102 -5.97 17.02 11.39
C ARG F 102 -6.67 15.90 10.59
N LEU F 103 -6.95 16.13 9.33
CA LEU F 103 -7.57 15.17 8.44
C LEU F 103 -6.68 15.06 7.26
N PHE F 104 -6.54 13.86 6.69
CA PHE F 104 -5.58 13.64 5.58
C PHE F 104 -6.24 13.03 4.31
N ARG F 105 -5.43 12.39 3.49
CA ARG F 105 -5.92 11.85 2.26
C ARG F 105 -7.18 11.01 2.47
N GLU F 106 -7.16 10.10 3.42
CA GLU F 106 -8.35 9.26 3.68
C GLU F 106 -9.63 10.03 4.01
N SER F 107 -9.53 11.27 4.46
CA SER F 107 -10.74 12.05 4.70
C SER F 107 -11.28 12.81 3.45
N CYS F 108 -10.46 12.89 2.39
CA CYS F 108 -10.92 13.43 1.13
C CYS F 108 -11.71 12.33 0.42
N VAL F 109 -12.57 12.67 -0.52
CA VAL F 109 -13.08 11.69 -1.45
C VAL F 109 -12.46 11.90 -2.79
N PHE F 110 -11.82 10.91 -3.34
CA PHE F 110 -11.37 10.97 -4.72
C PHE F 110 -12.56 11.25 -5.68
N HIS F 111 -12.51 12.34 -6.42
CA HIS F 111 -13.60 12.72 -7.33
C HIS F 111 -13.04 13.26 -8.63
N GLN F 112 -13.32 12.56 -9.72
CA GLN F 112 -12.80 12.86 -11.08
C GLN F 112 -11.38 13.43 -11.04
N GLY F 113 -10.46 12.57 -10.63
CA GLY F 113 -9.10 12.90 -10.60
C GLY F 113 -8.51 13.59 -9.39
N CYS F 114 -9.32 14.33 -8.64
CA CYS F 114 -8.81 15.09 -7.48
C CYS F 114 -9.39 14.58 -6.19
N TYR F 115 -8.68 14.92 -5.09
CA TYR F 115 -9.16 14.73 -3.72
C TYR F 115 -9.99 15.89 -3.23
N VAL F 116 -11.28 15.66 -3.18
CA VAL F 116 -12.22 16.68 -2.84
C VAL F 116 -12.36 16.82 -1.34
N LYS F 117 -12.51 18.03 -0.86
CA LYS F 117 -12.73 18.30 0.51
C LYS F 117 -14.18 18.62 0.74
N ASP F 118 -14.95 17.59 1.01
CA ASP F 118 -16.37 17.74 1.18
C ASP F 118 -16.76 18.14 2.56
N LEU F 119 -17.28 19.33 2.67
CA LEU F 119 -17.70 19.86 3.96
C LEU F 119 -19.08 19.40 4.51
N SER F 120 -19.90 18.66 3.75
CA SER F 120 -21.14 18.04 4.35
C SER F 120 -20.83 16.95 5.38
N ARG F 121 -19.67 16.30 5.20
CA ARG F 121 -19.23 15.19 6.05
C ARG F 121 -18.52 15.66 7.31
N LEU F 122 -18.30 16.96 7.44
CA LEU F 122 -17.33 17.48 8.39
C LEU F 122 -17.75 17.48 9.86
N GLY F 123 -18.99 17.85 10.13
CA GLY F 123 -19.60 17.65 11.44
C GLY F 123 -19.81 18.99 12.07
N ARG F 124 -19.67 20.01 11.23
CA ARG F 124 -19.79 21.37 11.64
C ARG F 124 -20.90 21.93 10.78
N ASP F 125 -21.64 22.88 11.31
CA ASP F 125 -22.73 23.56 10.63
C ASP F 125 -22.12 24.28 9.45
N LEU F 126 -22.76 24.16 8.29
CA LEU F 126 -22.25 24.72 7.03
C LEU F 126 -22.27 26.22 6.99
N ARG F 127 -23.14 26.83 7.80
CA ARG F 127 -23.18 28.27 7.96
C ARG F 127 -21.98 28.80 8.80
N LYS F 128 -21.37 27.89 9.57
CA LYS F 128 -20.26 28.21 10.44
C LYS F 128 -18.99 27.47 10.03
N THR F 129 -18.65 27.52 8.74
CA THR F 129 -17.52 26.79 8.17
C THR F 129 -16.87 27.46 6.98
N LEU F 130 -15.55 27.56 6.95
CA LEU F 130 -14.81 28.11 5.81
C LEU F 130 -13.73 27.19 5.32
N ILE F 131 -13.30 27.39 4.10
CA ILE F 131 -12.21 26.64 3.61
C ILE F 131 -11.19 27.51 2.93
N LEU F 132 -9.93 27.36 3.36
CA LEU F 132 -8.80 27.96 2.70
C LEU F 132 -7.95 26.91 1.96
N ASP F 133 -7.86 26.96 0.64
CA ASP F 133 -7.15 25.94 -0.12
C ASP F 133 -6.73 26.62 -1.42
N ASN F 134 -5.53 26.39 -1.90
CA ASN F 134 -5.14 27.00 -3.17
C ASN F 134 -5.75 26.42 -4.42
N SER F 135 -6.51 25.33 -4.28
CA SER F 135 -7.01 24.57 -5.44
C SER F 135 -8.51 24.56 -5.36
N PRO F 136 -9.17 25.18 -6.34
CA PRO F 136 -10.62 25.30 -6.33
C PRO F 136 -11.25 23.90 -6.49
N ALA F 137 -10.50 23.00 -7.11
CA ALA F 137 -10.94 21.61 -7.24
C ALA F 137 -11.27 21.01 -5.87
N SER F 138 -10.45 21.34 -4.85
CA SER F 138 -10.70 20.92 -3.47
C SER F 138 -12.09 21.22 -2.99
N TYR F 139 -12.62 22.39 -3.31
CA TYR F 139 -13.90 22.78 -2.73
C TYR F 139 -15.04 22.87 -3.71
N ILE F 140 -14.84 22.20 -4.82
CA ILE F 140 -15.80 22.16 -5.89
C ILE F 140 -17.22 21.77 -5.45
N PHE F 141 -17.45 21.20 -4.27
CA PHE F 141 -18.81 20.90 -3.78
C PHE F 141 -19.31 22.01 -2.84
N HIS F 142 -18.42 22.89 -2.35
CA HIS F 142 -18.88 24.02 -1.53
C HIS F 142 -18.06 25.29 -1.81
N PRO F 143 -18.23 25.88 -3.01
CA PRO F 143 -17.38 27.02 -3.39
C PRO F 143 -17.89 28.26 -2.72
N GLU F 144 -19.16 28.21 -2.33
CA GLU F 144 -19.73 29.18 -1.46
C GLU F 144 -19.08 29.33 -0.11
N ASN F 145 -18.23 28.38 0.29
CA ASN F 145 -17.57 28.46 1.59
C ASN F 145 -16.09 28.75 1.42
N ALA F 146 -15.64 28.87 0.18
CA ALA F 146 -14.25 29.09 -0.05
C ALA F 146 -13.81 30.53 0.20
N VAL F 147 -12.53 30.72 0.44
CA VAL F 147 -11.89 31.99 0.47
C VAL F 147 -10.63 31.66 -0.30
N PRO F 148 -10.57 32.03 -1.58
CA PRO F 148 -9.45 31.59 -2.43
C PRO F 148 -8.10 32.09 -2.00
N VAL F 149 -7.03 31.52 -2.54
CA VAL F 149 -5.67 31.97 -2.27
C VAL F 149 -4.76 31.39 -3.36
N GLN F 150 -3.74 32.12 -3.75
CA GLN F 150 -2.90 31.68 -4.87
C GLN F 150 -2.08 30.49 -4.39
N SER F 151 -1.82 29.57 -5.31
CA SER F 151 -0.80 28.58 -5.08
C SER F 151 0.52 29.26 -4.86
N TRP F 152 1.14 29.05 -3.71
CA TRP F 152 2.47 29.61 -3.43
C TRP F 152 3.53 28.56 -3.65
N PHE F 153 4.73 28.95 -4.13
CA PHE F 153 5.82 27.98 -4.39
C PHE F 153 7.20 28.30 -3.81
N ASP F 154 7.67 29.52 -4.06
CA ASP F 154 9.06 29.91 -3.68
C ASP F 154 9.29 31.40 -3.69
N ASP F 155 8.29 32.16 -4.10
CA ASP F 155 8.37 33.60 -4.30
C ASP F 155 8.26 34.38 -3.01
N MET F 156 9.41 34.76 -2.47
CA MET F 156 9.46 35.41 -1.16
C MET F 156 8.88 36.82 -1.13
N ALA F 157 8.32 37.24 -2.26
CA ALA F 157 7.63 38.51 -2.38
C ALA F 157 6.12 38.44 -2.13
N ASP F 158 5.61 37.25 -1.77
CA ASP F 158 4.16 37.01 -1.61
C ASP F 158 3.61 37.65 -0.36
N THR F 159 2.43 38.23 -0.45
CA THR F 159 1.80 38.79 0.77
C THR F 159 0.35 38.33 1.07
N GLU F 160 -0.08 37.28 0.36
CA GLU F 160 -1.46 36.74 0.43
C GLU F 160 -1.98 36.53 1.82
N LEU F 161 -1.19 35.94 2.69
CA LEU F 161 -1.70 35.65 4.01
C LEU F 161 -1.93 36.90 4.81
N LEU F 162 -0.99 37.86 4.70
CA LEU F 162 -1.14 39.23 5.24
C LEU F 162 -2.44 39.86 4.76
N ASN F 163 -2.69 39.80 3.45
CA ASN F 163 -3.95 40.26 2.93
C ASN F 163 -5.20 39.51 3.43
N LEU F 164 -5.02 38.31 4.03
CA LEU F 164 -6.14 37.46 4.44
C LEU F 164 -6.60 37.66 5.86
N ILE F 165 -5.65 38.00 6.71
CA ILE F 165 -5.93 38.29 8.10
C ILE F 165 -7.16 39.22 8.31
N PRO F 166 -7.20 40.41 7.62
CA PRO F 166 -8.31 41.34 7.85
C PRO F 166 -9.64 40.75 7.36
N ILE F 167 -9.64 40.36 6.10
CA ILE F 167 -10.68 39.49 5.51
C ILE F 167 -11.24 38.50 6.51
N PHE F 168 -10.34 37.76 7.16
CA PHE F 168 -10.73 36.78 8.15
C PHE F 168 -11.31 37.38 9.41
N GLU F 169 -10.72 38.50 9.83
CA GLU F 169 -11.24 39.30 10.95
C GLU F 169 -12.68 39.74 10.74
N GLU F 170 -12.98 40.28 9.55
CA GLU F 170 -14.36 40.72 9.30
C GLU F 170 -15.35 39.55 9.48
N LEU F 171 -14.96 38.35 8.98
CA LEU F 171 -15.74 37.11 9.10
C LEU F 171 -15.83 36.57 10.49
N SER F 172 -14.73 36.71 11.23
CA SER F 172 -14.50 36.01 12.46
C SER F 172 -15.78 35.92 13.32
N GLY F 173 -16.59 36.97 13.29
CA GLY F 173 -17.69 37.06 14.23
C GLY F 173 -19.08 36.86 13.64
N ALA F 174 -19.12 36.51 12.37
CA ALA F 174 -20.40 36.30 11.69
C ALA F 174 -21.17 35.12 12.24
N GLU F 175 -22.49 35.19 12.11
CA GLU F 175 -23.32 34.10 12.52
C GLU F 175 -23.78 33.36 11.27
N ASP F 176 -23.41 33.85 10.09
CA ASP F 176 -23.70 33.10 8.88
C ASP F 176 -22.72 33.48 7.82
N VAL F 177 -21.72 32.65 7.59
CA VAL F 177 -20.61 33.06 6.71
C VAL F 177 -21.08 33.39 5.29
N TYR F 178 -22.28 32.94 4.95
CA TYR F 178 -22.77 33.16 3.61
C TYR F 178 -23.17 34.61 3.39
N THR F 179 -23.81 35.19 4.41
CA THR F 179 -24.18 36.58 4.35
C THR F 179 -22.94 37.48 4.47
N SER F 180 -22.16 37.24 5.53
CA SER F 180 -20.96 38.02 5.78
C SER F 180 -19.89 37.92 4.73
N LEU F 181 -19.89 36.87 3.94
CA LEU F 181 -18.96 36.83 2.81
C LEU F 181 -19.41 37.78 1.67
N GLY F 182 -20.72 37.90 1.47
CA GLY F 182 -21.26 38.86 0.50
C GLY F 182 -21.05 40.32 0.86
N GLN F 183 -21.34 40.67 2.11
CA GLN F 183 -21.03 41.99 2.67
C GLN F 183 -19.53 42.27 2.47
N LEU F 184 -18.70 41.31 2.83
CA LEU F 184 -17.25 41.34 2.54
C LEU F 184 -16.93 41.71 1.06
N CYS G 5 -35.64 -7.27 -2.02
CA CYS G 5 -36.90 -6.53 -2.36
C CYS G 5 -37.08 -5.31 -1.52
N LEU G 6 -37.44 -4.21 -2.20
CA LEU G 6 -37.26 -2.84 -1.73
C LEU G 6 -38.06 -1.90 -2.64
N LEU G 7 -38.08 -2.25 -3.92
CA LEU G 7 -39.09 -1.80 -4.87
C LEU G 7 -40.26 -2.76 -4.83
N PRO G 8 -41.49 -2.23 -4.79
CA PRO G 8 -42.67 -3.09 -4.93
C PRO G 8 -42.66 -3.75 -6.30
N GLU G 9 -43.60 -4.67 -6.49
CA GLU G 9 -43.79 -5.38 -7.77
C GLU G 9 -43.86 -4.47 -9.00
N VAL G 10 -43.28 -4.93 -10.10
CA VAL G 10 -43.23 -4.12 -11.32
C VAL G 10 -44.57 -4.07 -12.08
N THR G 11 -45.16 -2.88 -12.08
CA THR G 11 -46.41 -2.59 -12.78
C THR G 11 -46.45 -3.10 -14.22
N GLU G 12 -47.68 -3.28 -14.71
CA GLU G 12 -47.94 -3.82 -16.05
C GLU G 12 -47.36 -2.96 -17.19
N GLU G 13 -47.39 -1.63 -17.06
CA GLU G 13 -46.83 -0.76 -18.13
C GLU G 13 -45.34 -1.01 -18.34
N ASP G 14 -44.62 -1.26 -17.24
CA ASP G 14 -43.16 -1.34 -17.25
C ASP G 14 -42.59 -2.73 -17.57
N GLN G 15 -43.39 -3.79 -17.37
CA GLN G 15 -43.02 -5.19 -17.74
C GLN G 15 -41.68 -5.36 -18.51
N GLY G 16 -41.68 -5.06 -19.80
CA GLY G 16 -40.51 -5.41 -20.63
C GLY G 16 -39.24 -4.62 -20.31
N ARG G 17 -39.33 -3.73 -19.32
CA ARG G 17 -38.31 -2.68 -19.13
C ARG G 17 -37.15 -2.94 -18.14
N ILE G 18 -35.96 -2.63 -18.63
CA ILE G 18 -34.79 -2.31 -17.81
C ILE G 18 -35.06 -1.25 -16.74
N CYS G 19 -34.60 -1.56 -15.54
CA CYS G 19 -34.71 -0.68 -14.40
C CYS G 19 -33.51 0.26 -14.36
N VAL G 20 -33.77 1.55 -14.32
CA VAL G 20 -32.69 2.53 -14.20
C VAL G 20 -32.88 3.24 -12.92
N VAL G 21 -31.85 3.13 -12.09
CA VAL G 21 -31.79 3.73 -10.76
C VAL G 21 -31.00 5.04 -10.83
N ILE G 22 -31.61 6.11 -10.32
CA ILE G 22 -31.07 7.47 -10.60
C ILE G 22 -30.88 8.30 -9.35
N ASP G 23 -29.68 8.90 -9.27
CA ASP G 23 -29.34 9.74 -8.12
C ASP G 23 -29.67 11.21 -8.37
N LEU G 24 -30.01 11.88 -7.29
CA LEU G 24 -30.38 13.26 -7.27
C LEU G 24 -29.14 14.17 -7.34
N ASP G 25 -28.63 14.61 -6.18
CA ASP G 25 -27.45 15.55 -6.09
C ASP G 25 -26.28 15.35 -7.02
N GLU G 26 -25.88 16.44 -7.64
CA GLU G 26 -24.80 16.53 -8.64
C GLU G 26 -25.02 15.72 -9.86
N THR G 27 -26.15 15.03 -9.93
CA THR G 27 -26.48 14.25 -11.11
C THR G 27 -27.61 14.96 -11.92
N LEU G 28 -28.80 15.00 -11.34
CA LEU G 28 -29.90 15.79 -11.82
C LEU G 28 -29.92 17.24 -11.34
N VAL G 29 -29.54 17.50 -10.08
CA VAL G 29 -29.56 18.83 -9.51
C VAL G 29 -28.30 19.22 -8.68
N HIS G 30 -28.29 20.45 -8.20
CA HIS G 30 -27.31 20.89 -7.24
C HIS G 30 -27.85 21.91 -6.27
N SER G 31 -27.91 21.55 -5.01
CA SER G 31 -28.46 22.42 -3.99
C SER G 31 -27.36 23.10 -3.21
N SER G 32 -27.79 23.98 -2.31
CA SER G 32 -26.90 24.91 -1.66
C SER G 32 -27.70 25.68 -0.64
N PHE G 33 -27.04 26.07 0.43
CA PHE G 33 -27.71 26.71 1.53
C PHE G 33 -27.57 28.23 1.37
N LYS G 34 -26.74 28.63 0.41
CA LYS G 34 -26.55 30.03 0.11
C LYS G 34 -27.60 30.54 -0.88
N PRO G 35 -28.35 31.57 -0.49
CA PRO G 35 -29.25 32.29 -1.41
C PRO G 35 -28.70 32.61 -2.79
N ILE G 36 -29.39 32.11 -3.80
CA ILE G 36 -29.03 32.54 -5.15
C ILE G 36 -30.18 33.04 -6.08
N ALA G 39 -31.65 30.80 -9.47
CA ALA G 39 -32.24 29.70 -8.71
C ALA G 39 -33.35 29.07 -9.52
N ASP G 40 -33.78 27.87 -9.14
CA ASP G 40 -34.85 27.17 -9.86
C ASP G 40 -35.97 26.73 -8.97
N PHE G 41 -35.68 26.12 -7.83
CA PHE G 41 -36.69 26.00 -6.75
C PHE G 41 -36.01 26.48 -5.51
N ILE G 42 -36.78 26.66 -4.45
CA ILE G 42 -36.24 27.10 -3.18
C ILE G 42 -37.05 26.36 -2.16
N VAL G 43 -36.50 25.29 -1.63
CA VAL G 43 -37.25 24.44 -0.74
C VAL G 43 -36.77 24.54 0.71
N PRO G 44 -37.74 24.59 1.65
CA PRO G 44 -37.52 24.68 3.09
C PRO G 44 -37.42 23.33 3.83
N ILE G 45 -36.47 23.27 4.76
CA ILE G 45 -36.13 22.06 5.54
C ILE G 45 -35.90 22.41 7.03
N GLU G 46 -36.43 21.58 7.94
CA GLU G 46 -36.31 21.83 9.38
C GLU G 46 -35.17 21.05 10.05
N ILE G 47 -33.99 21.65 10.06
CA ILE G 47 -32.78 21.03 10.63
C ILE G 47 -32.59 21.37 12.11
N GLU G 48 -32.79 20.35 12.96
CA GLU G 48 -32.71 20.52 14.40
C GLU G 48 -33.54 21.76 14.74
N GLY G 49 -34.82 21.68 14.41
CA GLY G 49 -35.82 22.62 14.90
C GLY G 49 -36.05 23.85 14.03
N THR G 50 -34.98 24.32 13.42
CA THR G 50 -34.99 25.61 12.73
C THR G 50 -34.96 25.36 11.24
N THR G 51 -35.90 25.96 10.54
CA THR G 51 -35.98 25.71 9.12
C THR G 51 -34.86 26.44 8.40
N HIS G 52 -34.39 25.84 7.32
CA HIS G 52 -33.44 26.46 6.43
C HIS G 52 -34.00 26.36 5.04
N GLN G 53 -33.47 27.15 4.12
CA GLN G 53 -33.96 27.14 2.77
C GLN G 53 -32.89 26.58 1.85
N VAL G 54 -33.32 25.78 0.86
CA VAL G 54 -32.35 25.17 -0.04
C VAL G 54 -32.49 25.68 -1.48
N TYR G 55 -31.44 26.25 -2.04
CA TYR G 55 -31.48 26.83 -3.37
C TYR G 55 -31.03 25.83 -4.40
N VAL G 56 -31.99 25.27 -5.12
CA VAL G 56 -31.74 24.17 -6.01
C VAL G 56 -31.65 24.60 -7.49
N LEU G 57 -30.68 24.08 -8.24
CA LEU G 57 -30.54 24.33 -9.68
C LEU G 57 -30.64 23.06 -10.54
N LYS G 58 -31.60 23.02 -11.46
CA LYS G 58 -31.76 21.90 -12.36
C LYS G 58 -30.59 21.86 -13.33
N ARG G 59 -30.08 20.67 -13.58
CA ARG G 59 -29.05 20.51 -14.59
C ARG G 59 -29.71 20.78 -15.96
N PRO G 60 -28.97 21.44 -16.87
CA PRO G 60 -29.47 21.56 -18.26
C PRO G 60 -30.04 20.24 -18.83
N TYR G 61 -31.16 20.37 -19.56
CA TYR G 61 -31.88 19.34 -20.27
C TYR G 61 -32.54 18.27 -19.44
N VAL G 62 -32.73 18.55 -18.14
CA VAL G 62 -33.23 17.51 -17.25
C VAL G 62 -34.67 17.09 -17.51
N ASP G 63 -35.49 18.08 -17.78
CA ASP G 63 -36.91 17.86 -18.04
C ASP G 63 -37.08 17.00 -19.28
N GLU G 64 -36.34 17.32 -20.32
CA GLU G 64 -36.41 16.55 -21.49
C GLU G 64 -35.75 15.18 -21.27
N PHE G 65 -35.00 15.04 -20.19
CA PHE G 65 -34.19 13.85 -19.99
C PHE G 65 -35.07 12.76 -19.42
N LEU G 66 -35.83 13.11 -18.39
CA LEU G 66 -36.74 12.19 -17.73
C LEU G 66 -38.02 11.83 -18.45
N ARG G 67 -38.40 12.66 -19.42
CA ARG G 67 -39.65 12.50 -20.12
C ARG G 67 -39.38 11.34 -21.06
N ARG G 68 -38.29 11.48 -21.83
CA ARG G 68 -37.81 10.42 -22.66
C ARG G 68 -37.59 9.10 -21.90
N MET G 69 -36.63 9.10 -20.94
CA MET G 69 -36.29 7.93 -20.07
C MET G 69 -37.54 7.30 -19.47
N GLY G 70 -38.45 8.14 -19.00
CA GLY G 70 -39.76 7.71 -18.52
C GLY G 70 -40.57 6.94 -19.55
N GLU G 71 -40.28 7.06 -20.84
CA GLU G 71 -40.93 6.17 -21.79
C GLU G 71 -40.14 4.86 -21.96
N LEU G 72 -38.82 4.95 -22.06
CA LEU G 72 -38.06 3.74 -22.24
C LEU G 72 -37.88 2.83 -21.00
N PHE G 73 -38.22 3.25 -19.77
CA PHE G 73 -37.72 2.52 -18.56
C PHE G 73 -38.57 2.58 -17.31
N GLU G 74 -38.34 1.66 -16.40
CA GLU G 74 -38.88 1.85 -15.08
C GLU G 74 -37.80 2.70 -14.35
N CYS G 75 -38.00 4.01 -14.27
CA CYS G 75 -37.10 4.92 -13.56
C CYS G 75 -37.36 4.89 -12.03
N VAL G 76 -36.30 4.58 -11.27
CA VAL G 76 -36.36 4.71 -9.83
C VAL G 76 -35.44 5.83 -9.36
N LEU G 77 -35.76 6.44 -8.24
CA LEU G 77 -34.87 7.43 -7.67
C LEU G 77 -34.27 6.79 -6.48
N PHE G 78 -32.91 6.74 -6.44
CA PHE G 78 -32.13 6.11 -5.31
C PHE G 78 -31.12 7.12 -4.79
N THR G 79 -31.30 7.58 -3.54
CA THR G 79 -30.41 8.63 -3.07
C THR G 79 -29.87 8.42 -1.66
N ALA G 80 -28.62 8.84 -1.44
CA ALA G 80 -27.99 8.67 -0.11
C ALA G 80 -28.42 9.79 0.79
N SER G 81 -29.18 10.73 0.21
CA SER G 81 -29.69 11.91 0.93
C SER G 81 -30.98 11.62 1.64
N LEU G 82 -31.29 12.41 2.66
CA LEU G 82 -32.45 12.15 3.48
C LEU G 82 -33.82 12.42 2.82
N ALA G 83 -34.80 11.61 3.22
CA ALA G 83 -36.19 11.69 2.72
C ALA G 83 -36.74 13.11 2.77
N LYS G 84 -36.50 13.75 3.92
CA LYS G 84 -36.97 15.10 4.25
C LYS G 84 -36.39 16.10 3.32
N TYR G 85 -35.26 15.78 2.70
CA TYR G 85 -34.69 16.66 1.75
C TYR G 85 -35.07 16.24 0.35
N ALA G 86 -35.24 14.95 0.14
CA ALA G 86 -35.28 14.46 -1.23
C ALA G 86 -36.68 14.31 -1.84
N ASP G 87 -37.69 14.03 -1.01
CA ASP G 87 -39.12 14.08 -1.42
C ASP G 87 -39.48 15.46 -1.99
N PRO G 88 -39.38 16.52 -1.15
CA PRO G 88 -39.60 17.87 -1.61
C PRO G 88 -38.97 18.02 -2.97
N VAL G 89 -37.64 17.95 -3.00
CA VAL G 89 -36.96 18.29 -4.21
C VAL G 89 -37.46 17.45 -5.36
N THR G 90 -37.97 16.26 -5.07
CA THR G 90 -38.38 15.41 -6.20
C THR G 90 -39.83 15.76 -6.71
N ASP G 91 -40.76 15.98 -5.78
CA ASP G 91 -42.06 16.54 -6.15
C ASP G 91 -41.96 17.75 -7.15
N LEU G 92 -40.98 18.64 -6.96
CA LEU G 92 -40.87 19.76 -7.90
C LEU G 92 -40.05 19.37 -9.11
N LEU G 93 -39.17 18.40 -8.97
CA LEU G 93 -38.40 18.08 -10.13
C LEU G 93 -39.10 17.04 -10.99
N ASP G 94 -39.81 16.09 -10.36
CA ASP G 94 -40.40 14.96 -11.09
C ASP G 94 -41.77 15.42 -11.58
N ARG G 95 -41.76 16.25 -12.63
CA ARG G 95 -42.97 17.06 -12.94
C ARG G 95 -44.03 16.30 -13.70
N CYS G 96 -43.60 15.64 -14.77
CA CYS G 96 -44.42 14.66 -15.48
C CYS G 96 -44.32 13.23 -14.87
N GLY G 97 -44.17 13.15 -13.54
CA GLY G 97 -44.29 11.90 -12.73
C GLY G 97 -43.51 10.63 -13.11
N VAL G 98 -42.30 10.81 -13.63
CA VAL G 98 -41.46 9.71 -14.13
C VAL G 98 -40.97 8.64 -13.09
N PHE G 99 -40.88 8.99 -11.81
CA PHE G 99 -40.32 8.05 -10.84
C PHE G 99 -41.29 7.05 -10.24
N ARG G 100 -41.17 5.80 -10.67
CA ARG G 100 -41.98 4.74 -10.08
C ARG G 100 -41.73 4.56 -8.58
N ALA G 101 -40.49 4.72 -8.14
CA ALA G 101 -40.14 4.61 -6.71
C ALA G 101 -39.02 5.59 -6.31
N ARG G 102 -38.99 5.97 -5.04
CA ARG G 102 -37.95 6.83 -4.50
C ARG G 102 -37.33 6.15 -3.29
N LEU G 103 -36.02 5.90 -3.33
CA LEU G 103 -35.31 5.35 -2.16
C LEU G 103 -34.27 6.29 -1.56
N PHE G 104 -34.18 6.20 -0.24
CA PHE G 104 -33.50 7.17 0.53
C PHE G 104 -32.32 6.58 1.31
N ARG G 105 -31.64 7.41 2.07
CA ARG G 105 -30.50 6.98 2.85
C ARG G 105 -30.68 5.65 3.54
N GLU G 106 -31.89 5.41 4.03
CA GLU G 106 -32.18 4.24 4.87
C GLU G 106 -32.17 2.95 4.04
N SER G 107 -32.43 3.10 2.74
CA SER G 107 -32.31 1.96 1.86
C SER G 107 -30.90 1.65 1.36
N CYS G 108 -29.96 2.61 1.49
CA CYS G 108 -28.55 2.41 1.15
C CYS G 108 -27.91 1.50 2.18
N VAL G 109 -26.85 0.80 1.79
CA VAL G 109 -26.04 0.10 2.78
C VAL G 109 -24.84 0.98 3.19
N PHE G 110 -24.37 0.82 4.43
CA PHE G 110 -23.30 1.67 4.95
C PHE G 110 -22.01 0.90 4.89
N HIS G 111 -21.13 1.29 3.99
CA HIS G 111 -19.88 0.65 3.79
C HIS G 111 -18.74 1.51 4.35
N GLN G 112 -18.39 1.33 5.62
CA GLN G 112 -17.26 2.06 6.28
C GLN G 112 -17.22 3.55 5.91
N GLY G 113 -18.31 4.23 6.23
CA GLY G 113 -18.44 5.68 6.06
C GLY G 113 -18.95 6.16 4.73
N CYS G 114 -19.16 5.24 3.80
CA CYS G 114 -19.89 5.45 2.55
C CYS G 114 -21.30 4.84 2.48
N TYR G 115 -22.19 5.44 1.72
CA TYR G 115 -23.47 4.81 1.48
C TYR G 115 -23.48 4.20 0.12
N VAL G 116 -23.75 2.94 0.01
CA VAL G 116 -23.67 2.28 -1.26
C VAL G 116 -25.10 1.93 -1.62
N LYS G 117 -25.46 2.04 -2.89
CA LYS G 117 -26.73 1.54 -3.37
C LYS G 117 -26.57 0.10 -3.88
N ASP G 118 -27.08 -0.83 -3.09
CA ASP G 118 -26.88 -2.23 -3.36
C ASP G 118 -27.98 -2.65 -4.30
N LEU G 119 -27.65 -2.75 -5.56
CA LEU G 119 -28.64 -3.05 -6.58
C LEU G 119 -29.26 -4.46 -6.35
N SER G 120 -28.61 -5.30 -5.55
CA SER G 120 -29.02 -6.68 -5.41
C SER G 120 -30.20 -6.70 -4.45
N ARG G 121 -30.49 -5.56 -3.85
CA ARG G 121 -31.60 -5.46 -2.90
C ARG G 121 -32.89 -4.90 -3.57
N LEU G 122 -32.79 -4.51 -4.84
CA LEU G 122 -33.94 -3.94 -5.60
C LEU G 122 -35.09 -4.96 -5.85
N GLY G 123 -34.73 -6.15 -6.35
CA GLY G 123 -35.70 -7.19 -6.66
C GLY G 123 -35.85 -7.21 -8.17
N ARG G 124 -34.76 -7.02 -8.91
CA ARG G 124 -34.78 -6.91 -10.36
C ARG G 124 -33.64 -7.68 -10.98
N ASP G 125 -33.89 -8.37 -12.09
CA ASP G 125 -32.80 -9.03 -12.74
C ASP G 125 -31.74 -7.95 -12.97
N LEU G 126 -30.55 -8.19 -12.41
CA LEU G 126 -29.46 -7.31 -12.59
C LEU G 126 -28.99 -7.24 -14.01
N ARG G 127 -29.45 -8.16 -14.84
CA ARG G 127 -29.08 -8.16 -16.26
C ARG G 127 -29.93 -7.14 -17.04
N LYS G 128 -30.92 -6.58 -16.32
CA LYS G 128 -31.89 -5.59 -16.78
C LYS G 128 -32.01 -4.45 -15.74
N THR G 129 -30.83 -3.94 -15.30
CA THR G 129 -30.73 -2.85 -14.33
C THR G 129 -29.51 -2.02 -14.63
N LEU G 130 -29.68 -0.72 -14.45
CA LEU G 130 -28.61 0.25 -14.70
C LEU G 130 -28.67 1.26 -13.59
N ILE G 131 -27.51 1.82 -13.29
CA ILE G 131 -27.40 2.89 -12.32
C ILE G 131 -26.73 4.11 -12.98
N LEU G 132 -27.43 5.24 -12.89
CA LEU G 132 -26.87 6.51 -13.38
C LEU G 132 -26.59 7.36 -12.13
N ASP G 133 -25.30 7.68 -11.94
CA ASP G 133 -24.77 8.35 -10.73
C ASP G 133 -23.45 9.05 -11.05
N ASN G 134 -23.17 10.19 -10.40
CA ASN G 134 -21.82 10.83 -10.48
C ASN G 134 -20.77 10.28 -9.48
N SER G 135 -21.21 9.65 -8.38
CA SER G 135 -20.27 9.03 -7.40
C SER G 135 -20.13 7.51 -7.57
N PRO G 136 -19.00 7.05 -8.10
CA PRO G 136 -18.69 5.63 -8.17
C PRO G 136 -18.82 4.92 -6.78
N ALA G 137 -18.47 5.62 -5.70
CA ALA G 137 -18.66 5.05 -4.36
C ALA G 137 -20.04 4.60 -4.24
N SER G 138 -20.97 5.25 -4.92
CA SER G 138 -22.39 4.84 -4.83
C SER G 138 -22.69 3.42 -5.34
N TYR G 139 -21.91 2.91 -6.27
CA TYR G 139 -22.19 1.61 -6.83
C TYR G 139 -21.00 0.69 -6.72
N ILE G 140 -20.40 0.63 -5.52
CA ILE G 140 -19.20 -0.15 -5.25
C ILE G 140 -19.45 -1.61 -5.57
N PHE G 141 -20.62 -2.13 -5.20
CA PHE G 141 -20.90 -3.54 -5.44
C PHE G 141 -21.27 -3.81 -6.87
N HIS G 142 -21.64 -2.82 -7.66
CA HIS G 142 -22.08 -3.09 -9.03
C HIS G 142 -21.51 -2.16 -10.12
N PRO G 143 -20.19 -2.00 -10.18
CA PRO G 143 -19.72 -1.03 -11.16
C PRO G 143 -20.05 -1.44 -12.62
N GLU G 144 -20.46 -2.66 -12.85
CA GLU G 144 -20.59 -3.09 -14.25
C GLU G 144 -22.00 -2.77 -14.81
N ASN G 145 -22.87 -2.37 -13.90
CA ASN G 145 -24.20 -1.88 -14.12
C ASN G 145 -24.28 -0.35 -14.24
N ALA G 146 -23.13 0.32 -14.28
CA ALA G 146 -23.15 1.76 -14.07
C ALA G 146 -22.98 2.49 -15.38
N VAL G 147 -23.79 3.55 -15.53
CA VAL G 147 -23.58 4.49 -16.62
C VAL G 147 -23.18 5.78 -15.94
N PRO G 148 -21.89 6.03 -15.85
CA PRO G 148 -21.34 7.12 -15.14
C PRO G 148 -21.63 8.49 -15.78
N VAL G 149 -21.96 9.50 -14.97
CA VAL G 149 -22.07 10.85 -15.45
C VAL G 149 -21.20 11.84 -14.68
N GLN G 150 -20.52 12.69 -15.44
CA GLN G 150 -19.84 13.88 -14.94
C GLN G 150 -20.74 14.54 -13.89
N SER G 151 -20.16 14.82 -12.73
CA SER G 151 -20.79 15.59 -11.66
C SER G 151 -21.18 16.98 -12.19
N TRP G 152 -22.34 17.48 -11.76
CA TRP G 152 -22.86 18.79 -12.19
C TRP G 152 -23.11 19.71 -11.01
N PHE G 153 -22.61 20.95 -11.10
CA PHE G 153 -22.71 21.91 -9.99
C PHE G 153 -23.45 23.21 -10.34
N ASP G 154 -23.04 23.87 -11.44
CA ASP G 154 -23.62 25.16 -11.86
C ASP G 154 -23.28 25.58 -13.30
N ASP G 155 -22.56 24.77 -14.09
CA ASP G 155 -22.17 25.15 -15.48
C ASP G 155 -23.35 25.01 -16.49
N MET G 156 -23.77 26.15 -17.03
CA MET G 156 -25.03 26.16 -17.75
C MET G 156 -24.89 25.66 -19.19
N ALA G 157 -23.64 25.50 -19.63
CA ALA G 157 -23.30 24.90 -20.90
C ALA G 157 -23.13 23.36 -20.83
N ASP G 158 -23.67 22.75 -19.78
CA ASP G 158 -23.53 21.30 -19.63
C ASP G 158 -24.55 20.60 -20.52
N THR G 159 -24.07 19.76 -21.45
CA THR G 159 -24.97 19.00 -22.33
C THR G 159 -24.93 17.49 -22.10
N GLU G 160 -24.63 17.11 -20.86
CA GLU G 160 -24.34 15.70 -20.61
C GLU G 160 -25.60 14.88 -20.52
N LEU G 161 -26.64 15.43 -19.90
CA LEU G 161 -27.95 14.75 -19.87
C LEU G 161 -28.52 14.48 -21.27
N LEU G 162 -28.21 15.41 -22.18
CA LEU G 162 -28.48 15.32 -23.61
C LEU G 162 -27.73 14.19 -24.27
N ASN G 163 -26.39 14.21 -24.19
CA ASN G 163 -25.57 13.08 -24.69
C ASN G 163 -26.02 11.68 -24.25
N LEU G 164 -26.67 11.61 -23.09
CA LEU G 164 -27.07 10.33 -22.53
C LEU G 164 -28.25 9.72 -23.23
N ILE G 165 -29.12 10.58 -23.78
CA ILE G 165 -30.38 10.14 -24.37
C ILE G 165 -30.20 9.15 -25.53
N PRO G 166 -29.39 9.47 -26.54
CA PRO G 166 -29.02 8.46 -27.50
C PRO G 166 -28.23 7.31 -26.90
N ILE G 167 -27.71 7.49 -25.68
CA ILE G 167 -27.00 6.37 -25.07
C ILE G 167 -28.00 5.44 -24.37
N PHE G 168 -28.85 5.97 -23.52
CA PHE G 168 -29.87 5.13 -22.97
C PHE G 168 -30.83 4.60 -24.03
N GLU G 169 -31.04 5.35 -25.11
CA GLU G 169 -31.96 4.94 -26.15
C GLU G 169 -31.48 3.66 -26.81
N GLU G 170 -30.18 3.60 -27.08
CA GLU G 170 -29.48 2.46 -27.66
C GLU G 170 -29.39 1.24 -26.74
N LEU G 171 -29.72 1.45 -25.47
CA LEU G 171 -29.71 0.39 -24.47
C LEU G 171 -31.10 -0.11 -24.19
N SER G 172 -32.10 0.68 -24.52
CA SER G 172 -33.48 0.48 -24.03
C SER G 172 -34.06 -0.91 -24.29
N GLY G 173 -33.66 -1.49 -25.43
CA GLY G 173 -34.03 -2.85 -25.84
C GLY G 173 -32.85 -3.80 -25.95
N ALA G 174 -32.17 -3.99 -24.82
CA ALA G 174 -31.11 -4.99 -24.62
C ALA G 174 -31.69 -6.04 -23.65
N GLU G 175 -31.36 -7.32 -23.83
CA GLU G 175 -31.95 -8.26 -22.87
C GLU G 175 -30.96 -8.53 -21.75
N ASP G 176 -29.69 -8.29 -22.04
CA ASP G 176 -28.59 -8.31 -21.07
C ASP G 176 -27.80 -7.00 -21.13
N VAL G 177 -27.89 -6.14 -20.10
CA VAL G 177 -27.13 -4.86 -20.10
C VAL G 177 -25.61 -4.96 -20.00
N TYR G 178 -25.06 -6.10 -19.61
CA TYR G 178 -23.59 -6.22 -19.64
C TYR G 178 -23.07 -6.36 -21.05
N THR G 179 -23.79 -7.09 -21.89
CA THR G 179 -23.41 -7.29 -23.30
C THR G 179 -23.35 -5.94 -24.05
N SER G 180 -24.44 -5.18 -23.98
CA SER G 180 -24.44 -3.83 -24.48
C SER G 180 -23.27 -3.02 -24.00
N LEU G 181 -23.26 -2.61 -22.74
CA LEU G 181 -22.20 -1.71 -22.27
C LEU G 181 -20.83 -2.24 -22.70
N GLY G 182 -20.76 -3.58 -22.82
CA GLY G 182 -19.58 -4.25 -23.35
C GLY G 182 -19.24 -3.77 -24.75
N GLN G 183 -20.23 -3.82 -25.63
CA GLN G 183 -20.05 -3.44 -27.03
C GLN G 183 -19.83 -1.93 -27.20
N LEU G 184 -20.44 -1.12 -26.34
CA LEU G 184 -20.33 0.35 -26.41
C LEU G 184 -18.91 0.89 -26.33
N ARG G 185 -18.01 0.15 -25.68
CA ARG G 185 -16.60 0.53 -25.65
C ARG G 185 -15.75 -0.56 -26.31
N CYS H 5 -17.15 8.04 15.79
CA CYS H 5 -18.13 6.92 15.61
C CYS H 5 -18.07 6.06 14.37
N LEU H 6 -18.20 4.77 14.60
CA LEU H 6 -17.99 3.81 13.57
C LEU H 6 -19.26 3.63 12.74
N LEU H 7 -20.39 3.53 13.43
CA LEU H 7 -21.68 3.39 12.76
C LEU H 7 -22.50 4.67 12.69
N PRO H 8 -23.38 4.77 11.71
CA PRO H 8 -24.34 5.84 11.78
C PRO H 8 -25.47 5.55 12.77
N GLU H 9 -26.35 6.55 12.95
CA GLU H 9 -27.58 6.47 13.78
C GLU H 9 -28.39 5.26 13.39
N VAL H 10 -28.80 4.45 14.37
CA VAL H 10 -29.64 3.30 14.09
C VAL H 10 -30.88 3.70 13.25
N THR H 11 -31.16 2.95 12.22
CA THR H 11 -32.30 3.27 11.38
C THR H 11 -33.63 2.79 12.00
N GLU H 12 -34.73 3.27 11.42
CA GLU H 12 -36.08 3.01 11.93
C GLU H 12 -36.36 1.55 12.15
N GLU H 13 -36.05 0.70 11.17
CA GLU H 13 -36.36 -0.72 11.30
C GLU H 13 -35.57 -1.45 12.40
N ASP H 14 -34.37 -0.97 12.72
CA ASP H 14 -33.51 -1.65 13.69
C ASP H 14 -33.56 -1.02 15.11
N GLN H 15 -34.51 -0.12 15.31
CA GLN H 15 -34.61 0.74 16.51
C GLN H 15 -34.38 0.22 17.95
N GLY H 16 -35.04 -0.85 18.38
CA GLY H 16 -34.74 -1.26 19.75
C GLY H 16 -33.92 -2.54 19.80
N ARG H 17 -33.17 -2.81 18.77
CA ARG H 17 -32.61 -4.13 18.73
C ARG H 17 -31.23 -4.06 19.29
N ILE H 18 -30.77 -5.20 19.79
CA ILE H 18 -29.34 -5.37 20.11
C ILE H 18 -28.50 -5.28 18.85
N CYS H 19 -27.37 -4.58 18.88
CA CYS H 19 -26.42 -4.61 17.74
C CYS H 19 -25.50 -5.80 17.85
N VAL H 20 -25.37 -6.58 16.78
CA VAL H 20 -24.52 -7.79 16.76
C VAL H 20 -23.50 -7.60 15.69
N VAL H 21 -22.26 -7.67 16.14
CA VAL H 21 -21.07 -7.39 15.31
C VAL H 21 -20.46 -8.76 14.99
N ILE H 22 -20.30 -9.09 13.73
CA ILE H 22 -20.04 -10.47 13.34
C ILE H 22 -18.83 -10.54 12.41
N ASP H 23 -17.83 -11.43 12.71
CA ASP H 23 -16.71 -11.56 11.80
C ASP H 23 -17.01 -12.46 10.56
N LEU H 24 -16.20 -12.39 9.53
CA LEU H 24 -16.37 -13.25 8.36
C LEU H 24 -15.53 -14.55 8.48
N ASP H 25 -14.21 -14.43 8.35
CA ASP H 25 -13.26 -15.54 8.16
C ASP H 25 -13.15 -16.40 9.36
N GLU H 26 -13.26 -17.69 9.16
CA GLU H 26 -13.26 -18.71 10.19
C GLU H 26 -14.33 -18.60 11.19
N THR H 27 -15.36 -17.81 10.94
CA THR H 27 -16.54 -17.76 11.85
C THR H 27 -17.79 -18.16 11.04
N LEU H 28 -17.89 -17.59 9.84
CA LEU H 28 -19.01 -17.82 8.93
C LEU H 28 -18.61 -18.68 7.73
N VAL H 29 -17.51 -18.30 7.06
CA VAL H 29 -16.92 -18.97 5.96
C VAL H 29 -15.44 -19.25 6.29
N HIS H 30 -14.73 -19.87 5.35
CA HIS H 30 -13.31 -20.00 5.34
C HIS H 30 -12.83 -19.93 3.86
N SER H 31 -11.78 -19.18 3.58
CA SER H 31 -11.27 -19.05 2.21
C SER H 31 -9.82 -19.45 2.13
N SER H 32 -9.38 -19.89 0.95
CA SER H 32 -8.04 -20.28 0.72
C SER H 32 -7.78 -19.95 -0.71
N PHE H 33 -6.51 -19.66 -1.11
CA PHE H 33 -6.14 -19.43 -2.52
C PHE H 33 -5.79 -20.74 -3.22
N LYS H 34 -5.80 -21.82 -2.46
CA LYS H 34 -5.49 -23.14 -3.01
C LYS H 34 -6.68 -23.63 -3.84
N PRO H 35 -6.48 -23.85 -5.14
CA PRO H 35 -7.63 -24.23 -5.97
C PRO H 35 -8.35 -25.45 -5.43
N ILE H 36 -9.68 -25.43 -5.33
CA ILE H 36 -10.42 -26.64 -4.84
C ILE H 36 -11.65 -27.07 -5.69
N ALA H 39 -16.47 -26.28 -3.24
CA ALA H 39 -16.41 -24.80 -3.09
C ALA H 39 -17.74 -24.12 -3.42
N ASP H 40 -18.27 -23.44 -2.40
CA ASP H 40 -19.50 -22.76 -2.53
C ASP H 40 -19.31 -21.59 -3.47
N PHE H 41 -18.22 -20.83 -3.28
CA PHE H 41 -17.99 -19.66 -4.12
C PHE H 41 -16.56 -19.59 -4.53
N ILE H 42 -16.37 -18.98 -5.69
CA ILE H 42 -15.07 -18.61 -6.15
C ILE H 42 -15.16 -17.17 -6.51
N VAL H 43 -14.21 -16.38 -6.03
CA VAL H 43 -14.26 -14.94 -6.29
C VAL H 43 -12.86 -14.56 -6.70
N PRO H 44 -12.73 -13.84 -7.83
CA PRO H 44 -11.48 -13.30 -8.33
C PRO H 44 -11.02 -12.06 -7.57
N ILE H 45 -9.76 -12.05 -7.15
CA ILE H 45 -9.19 -10.98 -6.34
C ILE H 45 -7.87 -10.48 -6.94
N GLU H 46 -7.76 -9.20 -7.22
CA GLU H 46 -6.53 -8.72 -7.86
C GLU H 46 -5.52 -8.30 -6.81
N ILE H 47 -4.31 -8.74 -6.95
CA ILE H 47 -3.29 -8.53 -5.94
C ILE H 47 -2.07 -7.96 -6.62
N GLU H 48 -1.68 -6.74 -6.23
CA GLU H 48 -0.49 -6.16 -6.82
C GLU H 48 -0.57 -6.52 -8.31
N GLY H 49 -1.73 -6.26 -8.90
CA GLY H 49 -1.88 -6.37 -10.34
C GLY H 49 -2.31 -7.71 -10.88
N THR H 50 -2.12 -8.81 -10.17
CA THR H 50 -2.56 -10.10 -10.74
C THR H 50 -3.76 -10.71 -10.03
N THR H 51 -4.73 -11.16 -10.80
CA THR H 51 -5.94 -11.69 -10.21
C THR H 51 -5.87 -13.17 -9.96
N HIS H 52 -6.16 -13.53 -8.72
CA HIS H 52 -6.08 -14.87 -8.15
C HIS H 52 -7.51 -15.19 -7.83
N GLN H 53 -7.84 -16.46 -7.66
CA GLN H 53 -9.21 -16.85 -7.41
C GLN H 53 -9.18 -17.24 -5.99
N VAL H 54 -10.17 -16.84 -5.22
CA VAL H 54 -10.24 -17.35 -3.87
C VAL H 54 -11.44 -18.25 -3.84
N TYR H 55 -11.29 -19.31 -3.07
CA TYR H 55 -12.14 -20.45 -3.02
C TYR H 55 -12.79 -20.49 -1.65
N VAL H 56 -14.10 -20.31 -1.62
CA VAL H 56 -14.78 -20.08 -0.36
C VAL H 56 -15.73 -21.19 -0.05
N LEU H 57 -15.65 -21.70 1.18
CA LEU H 57 -16.57 -22.68 1.67
C LEU H 57 -17.46 -22.09 2.81
N LYS H 58 -18.78 -22.21 2.68
CA LYS H 58 -19.69 -21.74 3.72
C LYS H 58 -19.61 -22.73 4.82
N ARG H 59 -19.78 -22.29 6.05
CA ARG H 59 -19.74 -23.12 7.25
C ARG H 59 -21.15 -23.64 7.41
N PRO H 60 -21.37 -24.86 7.98
CA PRO H 60 -22.71 -25.40 7.93
C PRO H 60 -23.69 -24.46 8.62
N TYR H 61 -24.87 -24.28 8.01
CA TYR H 61 -26.03 -23.71 8.68
C TYR H 61 -25.86 -22.20 8.80
N VAL H 62 -24.96 -21.65 7.97
CA VAL H 62 -24.70 -20.23 7.94
C VAL H 62 -25.95 -19.48 7.44
N ASP H 63 -26.52 -19.97 6.33
CA ASP H 63 -27.82 -19.53 5.82
C ASP H 63 -28.93 -19.46 6.84
N GLU H 64 -29.13 -20.50 7.63
CA GLU H 64 -30.19 -20.41 8.64
C GLU H 64 -29.84 -19.51 9.83
N PHE H 65 -28.57 -19.53 10.23
CA PHE H 65 -28.07 -18.61 11.19
C PHE H 65 -28.32 -17.14 10.77
N LEU H 66 -27.86 -16.72 9.59
CA LEU H 66 -27.96 -15.31 9.20
C LEU H 66 -29.38 -14.82 9.12
N ARG H 67 -30.25 -15.60 8.47
CA ARG H 67 -31.66 -15.25 8.38
C ARG H 67 -32.21 -14.94 9.74
N ARG H 68 -31.94 -15.81 10.68
CA ARG H 68 -32.62 -15.69 11.93
C ARG H 68 -32.16 -14.42 12.63
N MET H 69 -30.86 -14.13 12.49
CA MET H 69 -30.20 -12.98 13.15
C MET H 69 -30.74 -11.73 12.58
N GLY H 70 -30.80 -11.69 11.26
CA GLY H 70 -31.47 -10.60 10.55
C GLY H 70 -32.86 -10.30 11.07
N GLU H 71 -33.56 -11.30 11.59
CA GLU H 71 -34.90 -11.03 12.08
C GLU H 71 -34.84 -10.53 13.49
N LEU H 72 -33.74 -10.76 14.17
CA LEU H 72 -33.79 -10.49 15.58
C LEU H 72 -32.89 -9.36 16.00
N PHE H 73 -31.88 -9.02 15.21
CA PHE H 73 -30.82 -8.12 15.67
C PHE H 73 -30.54 -7.08 14.62
N GLU H 74 -29.93 -5.98 14.99
CA GLU H 74 -29.21 -5.22 13.99
C GLU H 74 -27.80 -5.89 13.78
N CYS H 75 -27.57 -6.42 12.59
CA CYS H 75 -26.41 -7.27 12.19
C CYS H 75 -25.44 -6.44 11.41
N VAL H 76 -24.17 -6.47 11.84
CA VAL H 76 -23.08 -5.65 11.27
C VAL H 76 -21.84 -6.51 10.99
N LEU H 77 -21.37 -6.56 9.76
CA LEU H 77 -20.15 -7.29 9.49
C LEU H 77 -18.99 -6.49 10.05
N PHE H 78 -18.14 -7.07 10.87
CA PHE H 78 -17.02 -6.32 11.33
C PHE H 78 -15.84 -7.23 11.15
N THR H 79 -15.09 -6.97 10.10
CA THR H 79 -14.01 -7.91 9.80
C THR H 79 -12.60 -7.25 9.85
N ALA H 80 -11.51 -8.03 10.06
CA ALA H 80 -10.14 -7.47 10.01
C ALA H 80 -9.54 -7.44 8.64
N SER H 81 -10.34 -7.90 7.68
CA SER H 81 -9.87 -8.04 6.32
C SER H 81 -10.22 -6.84 5.52
N LEU H 82 -9.73 -6.76 4.29
CA LEU H 82 -9.96 -5.63 3.47
C LEU H 82 -11.19 -5.78 2.59
N ALA H 83 -11.83 -4.67 2.29
CA ALA H 83 -13.11 -4.69 1.55
C ALA H 83 -13.00 -5.46 0.26
N LYS H 84 -11.83 -5.33 -0.41
CA LYS H 84 -11.53 -5.98 -1.67
C LYS H 84 -11.76 -7.46 -1.57
N TYR H 85 -11.47 -8.06 -0.43
CA TYR H 85 -11.73 -9.48 -0.28
C TYR H 85 -13.13 -9.67 0.29
N ALA H 86 -13.57 -8.81 1.21
CA ALA H 86 -14.68 -9.17 2.06
C ALA H 86 -16.02 -8.78 1.46
N ASP H 87 -16.05 -7.78 0.58
CA ASP H 87 -17.25 -7.34 -0.12
C ASP H 87 -17.70 -8.39 -1.14
N PRO H 88 -16.76 -8.81 -2.01
CA PRO H 88 -17.18 -9.86 -2.91
C PRO H 88 -17.60 -11.12 -2.15
N VAL H 89 -16.96 -11.47 -1.04
CA VAL H 89 -17.37 -12.66 -0.36
C VAL H 89 -18.70 -12.52 0.31
N THR H 90 -18.99 -11.36 0.89
CA THR H 90 -20.23 -11.12 1.67
C THR H 90 -21.46 -10.99 0.75
N ASP H 91 -21.25 -10.33 -0.39
CA ASP H 91 -22.25 -10.20 -1.40
C ASP H 91 -22.84 -11.54 -1.66
N LEU H 92 -22.02 -12.57 -1.90
CA LEU H 92 -22.50 -13.91 -2.22
C LEU H 92 -23.03 -14.62 -1.04
N LEU H 93 -22.51 -14.39 0.14
CA LEU H 93 -22.96 -15.16 1.32
C LEU H 93 -24.21 -14.64 2.02
N ASP H 94 -24.50 -13.34 1.88
CA ASP H 94 -25.51 -12.65 2.67
C ASP H 94 -26.70 -12.58 1.72
N ARG H 95 -27.44 -13.66 1.63
CA ARG H 95 -28.46 -13.73 0.61
C ARG H 95 -29.77 -13.07 1.05
N CYS H 96 -30.04 -13.00 2.35
CA CYS H 96 -31.12 -12.13 2.93
C CYS H 96 -30.84 -10.62 3.06
N GLY H 97 -29.61 -10.15 2.78
CA GLY H 97 -29.17 -8.75 2.99
C GLY H 97 -29.25 -8.34 4.45
N VAL H 98 -28.87 -9.21 5.33
CA VAL H 98 -28.87 -8.90 6.75
C VAL H 98 -27.85 -7.81 7.22
N PHE H 99 -26.72 -7.70 6.54
CA PHE H 99 -25.67 -6.75 6.97
C PHE H 99 -25.97 -5.47 6.32
N ARG H 100 -26.61 -4.53 7.00
CA ARG H 100 -26.79 -3.24 6.38
C ARG H 100 -25.50 -2.41 6.55
N ALA H 101 -24.75 -2.64 7.60
CA ALA H 101 -23.48 -1.95 7.74
C ALA H 101 -22.41 -3.01 7.59
N ARG H 102 -21.32 -2.62 6.95
CA ARG H 102 -20.05 -3.40 6.83
C ARG H 102 -18.86 -2.49 7.28
N LEU H 103 -18.01 -3.02 8.16
CA LEU H 103 -16.82 -2.36 8.71
C LEU H 103 -15.57 -3.24 8.44
N PHE H 104 -14.44 -2.67 8.12
CA PHE H 104 -13.33 -3.48 7.71
C PHE H 104 -12.04 -3.13 8.48
N ARG H 105 -10.90 -3.49 7.92
CA ARG H 105 -9.65 -3.40 8.60
C ARG H 105 -9.44 -1.97 9.15
N GLU H 106 -9.54 -0.98 8.29
CA GLU H 106 -9.49 0.40 8.72
C GLU H 106 -10.31 0.82 9.98
N SER H 107 -11.30 0.06 10.35
CA SER H 107 -12.12 0.35 11.47
C SER H 107 -11.65 -0.46 12.62
N CYS H 108 -10.69 -1.35 12.42
CA CYS H 108 -10.13 -2.03 13.55
C CYS H 108 -8.92 -1.27 14.06
N VAL H 109 -8.46 -1.64 15.24
CA VAL H 109 -7.21 -1.06 15.73
C VAL H 109 -6.16 -2.12 15.95
N PHE H 110 -5.04 -1.94 15.30
CA PHE H 110 -3.87 -2.75 15.50
C PHE H 110 -3.33 -2.60 16.91
N HIS H 111 -3.35 -3.70 17.65
CA HIS H 111 -3.01 -3.74 19.01
C HIS H 111 -2.15 -4.97 19.32
N GLN H 112 -0.84 -4.82 19.55
CA GLN H 112 -0.08 -5.96 20.05
C GLN H 112 -0.10 -7.17 19.10
N GLY H 113 -0.03 -6.89 17.83
CA GLY H 113 -0.06 -7.96 16.85
C GLY H 113 -1.35 -8.22 16.08
N CYS H 114 -2.49 -7.91 16.67
CA CYS H 114 -3.77 -8.22 16.08
C CYS H 114 -4.62 -7.02 15.84
N TYR H 115 -5.60 -7.21 14.97
CA TYR H 115 -6.66 -6.24 14.71
C TYR H 115 -7.79 -6.51 15.66
N VAL H 116 -8.03 -5.51 16.48
CA VAL H 116 -8.89 -5.55 17.62
C VAL H 116 -10.13 -4.73 17.20
N LYS H 117 -11.30 -5.14 17.67
CA LYS H 117 -12.54 -4.47 17.31
C LYS H 117 -13.06 -3.93 18.58
N ASP H 118 -12.94 -2.62 18.72
CA ASP H 118 -13.15 -1.96 19.95
C ASP H 118 -14.49 -1.33 19.86
N LEU H 119 -15.40 -1.86 20.65
CA LEU H 119 -16.78 -1.60 20.53
C LEU H 119 -17.20 -0.29 21.16
N SER H 120 -16.36 0.27 22.02
CA SER H 120 -16.68 1.51 22.69
C SER H 120 -16.76 2.59 21.65
N ARG H 121 -16.25 2.34 20.46
CA ARG H 121 -16.22 3.29 19.36
C ARG H 121 -17.37 3.06 18.41
N LEU H 122 -18.21 2.08 18.72
CA LEU H 122 -19.15 1.56 17.74
C LEU H 122 -20.24 2.53 17.37
N GLY H 123 -20.81 3.19 18.36
CA GLY H 123 -21.91 4.12 18.14
C GLY H 123 -23.23 3.55 18.62
N ARG H 124 -23.16 2.68 19.63
CA ARG H 124 -24.24 1.86 20.11
C ARG H 124 -24.03 1.66 21.62
N ASP H 125 -25.12 1.52 22.35
CA ASP H 125 -25.03 1.28 23.78
C ASP H 125 -24.39 -0.10 24.00
N LEU H 126 -23.30 -0.15 24.78
CA LEU H 126 -22.61 -1.41 25.06
C LEU H 126 -23.49 -2.46 25.76
N ARG H 127 -24.54 -1.98 26.41
CA ARG H 127 -25.48 -2.84 27.11
C ARG H 127 -26.42 -3.49 26.11
N LYS H 128 -26.32 -3.12 24.83
CA LYS H 128 -27.17 -3.70 23.81
C LYS H 128 -26.28 -4.05 22.60
N THR H 129 -25.07 -4.58 22.88
CA THR H 129 -24.09 -4.91 21.85
C THR H 129 -23.41 -6.25 22.10
N LEU H 130 -23.31 -7.07 21.06
CA LEU H 130 -22.70 -8.38 21.20
C LEU H 130 -21.75 -8.53 20.06
N ILE H 131 -20.72 -9.34 20.26
CA ILE H 131 -19.75 -9.60 19.22
C ILE H 131 -19.62 -11.07 19.08
N LEU H 132 -19.70 -11.56 17.87
CA LEU H 132 -19.47 -12.98 17.56
C LEU H 132 -18.25 -13.07 16.68
N ASP H 133 -17.11 -13.55 17.20
CA ASP H 133 -15.85 -13.57 16.45
C ASP H 133 -15.09 -14.82 16.95
N ASN H 134 -14.38 -15.52 16.07
CA ASN H 134 -13.70 -16.74 16.43
C ASN H 134 -12.38 -16.53 17.23
N SER H 135 -11.79 -15.36 17.10
CA SER H 135 -10.54 -15.01 17.75
C SER H 135 -10.80 -14.13 18.92
N PRO H 136 -10.61 -14.64 20.12
CA PRO H 136 -10.81 -13.78 21.28
C PRO H 136 -9.85 -12.55 21.41
N ALA H 137 -8.78 -12.46 20.61
CA ALA H 137 -7.93 -11.26 20.60
C ALA H 137 -8.69 -10.06 20.04
N SER H 138 -9.59 -10.32 19.07
CA SER H 138 -10.53 -9.33 18.52
C SER H 138 -11.30 -8.68 19.59
N TYR H 139 -11.53 -9.32 20.71
CA TYR H 139 -12.49 -8.66 21.61
C TYR H 139 -11.89 -8.49 23.00
N ILE H 140 -10.56 -8.36 23.01
CA ILE H 140 -9.88 -8.24 24.27
C ILE H 140 -10.23 -7.00 25.09
N PHE H 141 -10.64 -5.91 24.48
CA PHE H 141 -11.13 -4.78 25.27
C PHE H 141 -12.58 -4.97 25.77
N HIS H 142 -13.33 -5.94 25.23
CA HIS H 142 -14.74 -6.10 25.61
C HIS H 142 -15.20 -7.60 25.66
N PRO H 143 -14.48 -8.41 26.41
CA PRO H 143 -14.82 -9.82 26.27
C PRO H 143 -16.18 -10.13 26.92
N GLU H 144 -16.71 -9.19 27.69
CA GLU H 144 -18.03 -9.29 28.31
C GLU H 144 -19.25 -9.09 27.37
N ASN H 145 -19.00 -8.59 26.16
CA ASN H 145 -19.96 -8.51 25.13
C ASN H 145 -19.78 -9.69 24.16
N ALA H 146 -18.86 -10.62 24.49
CA ALA H 146 -18.55 -11.66 23.51
C ALA H 146 -19.38 -12.94 23.58
N VAL H 147 -19.80 -13.41 22.42
CA VAL H 147 -20.31 -14.76 22.35
C VAL H 147 -19.29 -15.58 21.56
N PRO H 148 -18.54 -16.40 22.24
CA PRO H 148 -17.44 -17.12 21.58
C PRO H 148 -17.96 -18.19 20.62
N VAL H 149 -17.11 -18.59 19.67
CA VAL H 149 -17.42 -19.51 18.63
C VAL H 149 -16.07 -20.05 18.16
N GLN H 150 -16.00 -21.34 17.85
CA GLN H 150 -14.74 -21.91 17.49
C GLN H 150 -14.38 -21.65 16.04
N SER H 151 -13.11 -21.48 15.73
CA SER H 151 -12.78 -21.29 14.34
C SER H 151 -13.16 -22.50 13.44
N TRP H 152 -13.52 -22.26 12.18
CA TRP H 152 -13.97 -23.22 11.23
C TRP H 152 -13.17 -23.11 9.92
N PHE H 153 -12.82 -24.25 9.36
CA PHE H 153 -11.95 -24.32 8.21
C PHE H 153 -12.65 -25.20 7.18
N ASP H 154 -12.91 -26.45 7.52
CA ASP H 154 -13.55 -27.31 6.56
C ASP H 154 -14.32 -28.49 7.14
N ASP H 155 -14.49 -28.53 8.45
CA ASP H 155 -15.21 -29.64 9.06
C ASP H 155 -16.68 -29.50 8.75
N MET H 156 -17.16 -30.33 7.85
CA MET H 156 -18.56 -30.28 7.50
C MET H 156 -19.48 -30.99 8.50
N ALA H 157 -18.95 -31.49 9.60
CA ALA H 157 -19.82 -31.99 10.68
C ALA H 157 -20.08 -30.92 11.79
N ASP H 158 -19.53 -29.70 11.59
CA ASP H 158 -19.72 -28.57 12.55
C ASP H 158 -21.17 -28.11 12.60
N THR H 159 -21.63 -27.91 13.83
CA THR H 159 -22.97 -27.42 14.10
C THR H 159 -23.01 -26.23 15.10
N GLU H 160 -21.92 -25.45 15.15
CA GLU H 160 -21.78 -24.32 16.09
C GLU H 160 -22.76 -23.16 15.85
N LEU H 161 -22.93 -22.77 14.58
CA LEU H 161 -23.88 -21.72 14.23
C LEU H 161 -25.29 -22.15 14.43
N LEU H 162 -25.63 -23.37 14.04
CA LEU H 162 -26.93 -23.94 14.36
C LEU H 162 -27.22 -23.93 15.88
N ASN H 163 -26.25 -24.27 16.71
CA ASN H 163 -26.51 -24.36 18.13
C ASN H 163 -26.58 -23.04 18.83
N LEU H 164 -26.01 -22.00 18.18
CA LEU H 164 -26.06 -20.64 18.67
C LEU H 164 -27.38 -19.99 18.36
N ILE H 165 -28.18 -20.51 17.40
CA ILE H 165 -29.50 -19.87 17.13
C ILE H 165 -30.37 -19.71 18.38
N PRO H 166 -30.65 -20.81 19.08
CA PRO H 166 -31.40 -20.62 20.35
C PRO H 166 -30.69 -19.75 21.36
N ILE H 167 -29.36 -19.61 21.34
CA ILE H 167 -28.75 -18.74 22.37
C ILE H 167 -29.07 -17.27 22.09
N PHE H 168 -28.82 -16.86 20.85
CA PHE H 168 -29.27 -15.60 20.39
C PHE H 168 -30.78 -15.31 20.54
N GLU H 169 -31.68 -16.21 20.15
CA GLU H 169 -33.13 -15.91 20.30
C GLU H 169 -33.36 -15.45 21.70
N GLU H 170 -32.72 -16.15 22.62
CA GLU H 170 -32.83 -15.93 24.03
C GLU H 170 -32.33 -14.56 24.44
N LEU H 171 -31.15 -14.17 23.92
CA LEU H 171 -30.58 -12.89 24.23
C LEU H 171 -31.33 -11.79 23.53
N SER H 172 -31.99 -12.10 22.44
CA SER H 172 -32.53 -11.04 21.54
C SER H 172 -33.55 -10.09 22.17
N GLY H 173 -34.19 -10.49 23.24
CA GLY H 173 -35.11 -9.58 23.84
C GLY H 173 -34.60 -8.84 25.06
N ALA H 174 -33.31 -8.99 25.37
CA ALA H 174 -32.63 -8.38 26.56
C ALA H 174 -32.61 -6.85 26.53
N GLU H 175 -32.73 -6.21 27.69
CA GLU H 175 -32.41 -4.75 27.72
C GLU H 175 -30.97 -4.50 28.17
N ASP H 176 -30.33 -5.53 28.74
CA ASP H 176 -28.97 -5.43 29.18
C ASP H 176 -28.40 -6.79 28.87
N VAL H 177 -27.50 -6.82 27.89
CA VAL H 177 -26.87 -8.07 27.50
C VAL H 177 -26.00 -8.63 28.62
N TYR H 178 -25.53 -7.78 29.52
CA TYR H 178 -24.59 -8.31 30.52
C TYR H 178 -25.37 -9.19 31.43
N THR H 179 -26.54 -8.69 31.85
CA THR H 179 -27.47 -9.45 32.65
C THR H 179 -27.90 -10.73 31.94
N SER H 180 -28.36 -10.60 30.71
CA SER H 180 -28.89 -11.79 30.03
C SER H 180 -27.82 -12.82 29.74
N LEU H 181 -26.66 -12.39 29.27
CA LEU H 181 -25.57 -13.35 29.16
C LEU H 181 -25.35 -14.04 30.52
N GLY H 182 -25.48 -13.26 31.59
CA GLY H 182 -25.38 -13.76 32.94
C GLY H 182 -26.20 -15.01 33.16
N GLN H 183 -27.50 -14.91 32.88
CA GLN H 183 -28.47 -15.97 33.25
C GLN H 183 -28.69 -17.08 32.22
N LEU H 184 -27.72 -17.24 31.32
CA LEU H 184 -27.63 -18.39 30.42
C LEU H 184 -26.40 -19.14 30.78
N ARG H 185 -25.35 -18.39 31.11
CA ARG H 185 -24.08 -18.97 31.49
C ARG H 185 -24.18 -19.43 32.95
#